data_7PF8
# 
_entry.id   7PF8 
# 
_audit_conform.dict_name       mmcif_pdbx.dic 
_audit_conform.dict_version    5.384 
_audit_conform.dict_location   http://mmcif.pdb.org/dictionaries/ascii/mmcif_pdbx.dic 
# 
loop_
_database_2.database_id 
_database_2.database_code 
_database_2.pdbx_database_accession 
_database_2.pdbx_DOI 
PDB   7PF8         pdb_00007pf8 10.2210/pdb7pf8/pdb 
WWPDB D_1292117228 ?            ?                   
# 
loop_
_pdbx_audit_revision_history.ordinal 
_pdbx_audit_revision_history.data_content_type 
_pdbx_audit_revision_history.major_revision 
_pdbx_audit_revision_history.minor_revision 
_pdbx_audit_revision_history.revision_date 
1 'Structure model' 1 0 2021-12-08 
2 'Structure model' 1 1 2024-01-31 
# 
_pdbx_audit_revision_details.ordinal             1 
_pdbx_audit_revision_details.revision_ordinal    1 
_pdbx_audit_revision_details.data_content_type   'Structure model' 
_pdbx_audit_revision_details.provider            repository 
_pdbx_audit_revision_details.type                'Initial release' 
_pdbx_audit_revision_details.description         ? 
_pdbx_audit_revision_details.details             ? 
# 
loop_
_pdbx_audit_revision_group.ordinal 
_pdbx_audit_revision_group.revision_ordinal 
_pdbx_audit_revision_group.data_content_type 
_pdbx_audit_revision_group.group 
1 2 'Structure model' 'Data collection'        
2 2 'Structure model' 'Refinement description' 
# 
loop_
_pdbx_audit_revision_category.ordinal 
_pdbx_audit_revision_category.revision_ordinal 
_pdbx_audit_revision_category.data_content_type 
_pdbx_audit_revision_category.category 
1 2 'Structure model' chem_comp_atom                
2 2 'Structure model' chem_comp_bond                
3 2 'Structure model' pdbx_initial_refinement_model 
# 
_pdbx_database_status.status_code                     REL 
_pdbx_database_status.status_code_sf                  REL 
_pdbx_database_status.status_code_mr                  ? 
_pdbx_database_status.entry_id                        7PF8 
_pdbx_database_status.recvd_initial_deposition_date   2021-08-11 
_pdbx_database_status.SG_entry                        N 
_pdbx_database_status.deposit_site                    PDBE 
_pdbx_database_status.process_site                    PDBE 
_pdbx_database_status.status_code_cs                  ? 
_pdbx_database_status.status_code_nmr_data            ? 
_pdbx_database_status.methods_development_category    ? 
_pdbx_database_status.pdb_format_compatible           Y 
# 
_pdbx_database_related.db_name        PDB 
_pdbx_database_related.details        'structure of SynFtn variant D65A' 
_pdbx_database_related.db_id          7PF7 
_pdbx_database_related.content_type   unspecified 
# 
loop_
_audit_author.name 
_audit_author.pdbx_ordinal 
_audit_author.identifier_ORCID 
'Hemmings, A.M.' 1 0000-0003-3053-3134 
'Bradley, J.M.'  2 0000-0003-1635-4455 
# 
_citation.abstract                  ? 
_citation.abstract_id_CAS           ? 
_citation.book_id_ISBN              ? 
_citation.book_publisher            ? 
_citation.book_publisher_city       ? 
_citation.book_title                ? 
_citation.coordinate_linkage        ? 
_citation.country                   UK 
_citation.database_id_Medline       ? 
_citation.details                   ? 
_citation.id                        primary 
_citation.journal_abbrev            'Microbiology (Reading, Engl.)' 
_citation.journal_id_ASTM           MROBEO 
_citation.journal_id_CSD            2076 
_citation.journal_id_ISSN           1465-2080 
_citation.journal_full              ? 
_citation.journal_issue             ? 
_citation.journal_volume            167 
_citation.language                  ? 
_citation.page_first                ? 
_citation.page_last                 ? 
_citation.title                     'Key carboxylate residues for iron transit through the prokaryotic ferritin Syn Ftn.' 
_citation.year                      2021 
_citation.database_id_CSD           ? 
_citation.pdbx_database_id_DOI      10.1099/mic.0.001105 
_citation.pdbx_database_id_PubMed   34825885 
_citation.pdbx_database_id_patent   ? 
_citation.unpublished_flag          ? 
# 
loop_
_citation_author.citation_id 
_citation_author.name 
_citation_author.ordinal 
_citation_author.identifier_ORCID 
primary 'Bradley, J.M.'  1 ? 
primary 'Fair, J.'       2 ? 
primary 'Hemmings, A.M.' 3 ? 
primary 'Le Brun, N.E.'  4 ? 
# 
loop_
_entity.id 
_entity.type 
_entity.src_method 
_entity.pdbx_description 
_entity.formula_weight 
_entity.pdbx_number_of_molecules 
_entity.pdbx_ec 
_entity.pdbx_mutation 
_entity.pdbx_fragment 
_entity.details 
1 polymer     man Ferritin       20174.320 1   1.16.3.2 E141A ferritin ? 
2 non-polymer syn 'SODIUM ION'   22.990    4   ?        ?     ?        ? 
3 non-polymer syn 'CHLORIDE ION' 35.453    2   ?        ?     ?        ? 
4 water       nat water          18.015    175 ?        ?     ?        ? 
# 
_entity_poly.entity_id                      1 
_entity_poly.type                           'polypeptide(L)' 
_entity_poly.nstd_linkage                   no 
_entity_poly.nstd_monomer                   no 
_entity_poly.pdbx_seq_one_letter_code       
;MATDVAQGPNGRALAESMNPDLLSAIQQHISIERYASVTYLAMSIWCAERELAGFYQFFDGEAKDEQSHAVHFTQYLIAR
SQSNDLQTLDAPRQNWDSLASLMATAFQMEADTTSSIQSVYALAERNSDTRTTVFLDPLIAAQIQSEDQFAYLLGRVKFA
NGDPTALLVIDNELRAGQTQRG
;
_entity_poly.pdbx_seq_one_letter_code_can   
;MATDVAQGPNGRALAESMNPDLLSAIQQHISIERYASVTYLAMSIWCAERELAGFYQFFDGEAKDEQSHAVHFTQYLIAR
SQSNDLQTLDAPRQNWDSLASLMATAFQMEADTTSSIQSVYALAERNSDTRTTVFLDPLIAAQIQSEDQFAYLLGRVKFA
NGDPTALLVIDNELRAGQTQRG
;
_entity_poly.pdbx_strand_id                 A 
_entity_poly.pdbx_target_identifier         ? 
# 
loop_
_pdbx_entity_nonpoly.entity_id 
_pdbx_entity_nonpoly.name 
_pdbx_entity_nonpoly.comp_id 
2 'SODIUM ION'   NA  
3 'CHLORIDE ION' CL  
4 water          HOH 
# 
loop_
_entity_poly_seq.entity_id 
_entity_poly_seq.num 
_entity_poly_seq.mon_id 
_entity_poly_seq.hetero 
1 1   MET n 
1 2   ALA n 
1 3   THR n 
1 4   ASP n 
1 5   VAL n 
1 6   ALA n 
1 7   GLN n 
1 8   GLY n 
1 9   PRO n 
1 10  ASN n 
1 11  GLY n 
1 12  ARG n 
1 13  ALA n 
1 14  LEU n 
1 15  ALA n 
1 16  GLU n 
1 17  SER n 
1 18  MET n 
1 19  ASN n 
1 20  PRO n 
1 21  ASP n 
1 22  LEU n 
1 23  LEU n 
1 24  SER n 
1 25  ALA n 
1 26  ILE n 
1 27  GLN n 
1 28  GLN n 
1 29  HIS n 
1 30  ILE n 
1 31  SER n 
1 32  ILE n 
1 33  GLU n 
1 34  ARG n 
1 35  TYR n 
1 36  ALA n 
1 37  SER n 
1 38  VAL n 
1 39  THR n 
1 40  TYR n 
1 41  LEU n 
1 42  ALA n 
1 43  MET n 
1 44  SER n 
1 45  ILE n 
1 46  TRP n 
1 47  CYS n 
1 48  ALA n 
1 49  GLU n 
1 50  ARG n 
1 51  GLU n 
1 52  LEU n 
1 53  ALA n 
1 54  GLY n 
1 55  PHE n 
1 56  TYR n 
1 57  GLN n 
1 58  PHE n 
1 59  PHE n 
1 60  ASP n 
1 61  GLY n 
1 62  GLU n 
1 63  ALA n 
1 64  LYS n 
1 65  ASP n 
1 66  GLU n 
1 67  GLN n 
1 68  SER n 
1 69  HIS n 
1 70  ALA n 
1 71  VAL n 
1 72  HIS n 
1 73  PHE n 
1 74  THR n 
1 75  GLN n 
1 76  TYR n 
1 77  LEU n 
1 78  ILE n 
1 79  ALA n 
1 80  ARG n 
1 81  SER n 
1 82  GLN n 
1 83  SER n 
1 84  ASN n 
1 85  ASP n 
1 86  LEU n 
1 87  GLN n 
1 88  THR n 
1 89  LEU n 
1 90  ASP n 
1 91  ALA n 
1 92  PRO n 
1 93  ARG n 
1 94  GLN n 
1 95  ASN n 
1 96  TRP n 
1 97  ASP n 
1 98  SER n 
1 99  LEU n 
1 100 ALA n 
1 101 SER n 
1 102 LEU n 
1 103 MET n 
1 104 ALA n 
1 105 THR n 
1 106 ALA n 
1 107 PHE n 
1 108 GLN n 
1 109 MET n 
1 110 GLU n 
1 111 ALA n 
1 112 ASP n 
1 113 THR n 
1 114 THR n 
1 115 SER n 
1 116 SER n 
1 117 ILE n 
1 118 GLN n 
1 119 SER n 
1 120 VAL n 
1 121 TYR n 
1 122 ALA n 
1 123 LEU n 
1 124 ALA n 
1 125 GLU n 
1 126 ARG n 
1 127 ASN n 
1 128 SER n 
1 129 ASP n 
1 130 THR n 
1 131 ARG n 
1 132 THR n 
1 133 THR n 
1 134 VAL n 
1 135 PHE n 
1 136 LEU n 
1 137 ASP n 
1 138 PRO n 
1 139 LEU n 
1 140 ILE n 
1 141 ALA n 
1 142 ALA n 
1 143 GLN n 
1 144 ILE n 
1 145 GLN n 
1 146 SER n 
1 147 GLU n 
1 148 ASP n 
1 149 GLN n 
1 150 PHE n 
1 151 ALA n 
1 152 TYR n 
1 153 LEU n 
1 154 LEU n 
1 155 GLY n 
1 156 ARG n 
1 157 VAL n 
1 158 LYS n 
1 159 PHE n 
1 160 ALA n 
1 161 ASN n 
1 162 GLY n 
1 163 ASP n 
1 164 PRO n 
1 165 THR n 
1 166 ALA n 
1 167 LEU n 
1 168 LEU n 
1 169 VAL n 
1 170 ILE n 
1 171 ASP n 
1 172 ASN n 
1 173 GLU n 
1 174 LEU n 
1 175 ARG n 
1 176 ALA n 
1 177 GLY n 
1 178 GLN n 
1 179 THR n 
1 180 GLN n 
1 181 ARG n 
1 182 GLY n 
# 
_entity_src_gen.entity_id                          1 
_entity_src_gen.pdbx_src_id                        1 
_entity_src_gen.pdbx_alt_source_flag               sample 
_entity_src_gen.pdbx_seq_type                      'Biological sequence' 
_entity_src_gen.pdbx_beg_seq_num                   1 
_entity_src_gen.pdbx_end_seq_num                   182 
_entity_src_gen.gene_src_common_name               ? 
_entity_src_gen.gene_src_genus                     ? 
_entity_src_gen.pdbx_gene_src_gene                 sync_1539 
_entity_src_gen.gene_src_species                   ? 
_entity_src_gen.gene_src_strain                    CC9311 
_entity_src_gen.gene_src_tissue                    ? 
_entity_src_gen.gene_src_tissue_fraction           ? 
_entity_src_gen.gene_src_details                   ? 
_entity_src_gen.pdbx_gene_src_fragment             ? 
_entity_src_gen.pdbx_gene_src_scientific_name      'Synechococcus sp. (strain CC9311)' 
_entity_src_gen.pdbx_gene_src_ncbi_taxonomy_id     64471 
_entity_src_gen.pdbx_gene_src_variant              ? 
_entity_src_gen.pdbx_gene_src_cell_line            ? 
_entity_src_gen.pdbx_gene_src_atcc                 ? 
_entity_src_gen.pdbx_gene_src_organ                ? 
_entity_src_gen.pdbx_gene_src_organelle            ? 
_entity_src_gen.pdbx_gene_src_cell                 ? 
_entity_src_gen.pdbx_gene_src_cellular_location    ? 
_entity_src_gen.host_org_common_name               ? 
_entity_src_gen.pdbx_host_org_scientific_name      'Escherichia coli BL21(DE3)' 
_entity_src_gen.pdbx_host_org_ncbi_taxonomy_id     469008 
_entity_src_gen.host_org_genus                     ? 
_entity_src_gen.pdbx_host_org_gene                 ? 
_entity_src_gen.pdbx_host_org_organ                ? 
_entity_src_gen.host_org_species                   ? 
_entity_src_gen.pdbx_host_org_tissue               ? 
_entity_src_gen.pdbx_host_org_tissue_fraction      ? 
_entity_src_gen.pdbx_host_org_strain               ? 
_entity_src_gen.pdbx_host_org_variant              ? 
_entity_src_gen.pdbx_host_org_cell_line            ? 
_entity_src_gen.pdbx_host_org_atcc                 ? 
_entity_src_gen.pdbx_host_org_culture_collection   ? 
_entity_src_gen.pdbx_host_org_cell                 ? 
_entity_src_gen.pdbx_host_org_organelle            ? 
_entity_src_gen.pdbx_host_org_cellular_location    ? 
_entity_src_gen.pdbx_host_org_vector_type          plasmid 
_entity_src_gen.pdbx_host_org_vector               ? 
_entity_src_gen.host_org_details                   ? 
_entity_src_gen.expression_system_id               ? 
_entity_src_gen.plasmid_name                       pET21a 
_entity_src_gen.plasmid_details                    ? 
_entity_src_gen.pdbx_description                   ? 
# 
loop_
_chem_comp.id 
_chem_comp.type 
_chem_comp.mon_nstd_flag 
_chem_comp.name 
_chem_comp.pdbx_synonyms 
_chem_comp.formula 
_chem_comp.formula_weight 
ALA 'L-peptide linking' y ALANINE         ? 'C3 H7 N O2'     89.093  
ARG 'L-peptide linking' y ARGININE        ? 'C6 H15 N4 O2 1' 175.209 
ASN 'L-peptide linking' y ASPARAGINE      ? 'C4 H8 N2 O3'    132.118 
ASP 'L-peptide linking' y 'ASPARTIC ACID' ? 'C4 H7 N O4'     133.103 
CL  non-polymer         . 'CHLORIDE ION'  ? 'Cl -1'          35.453  
CYS 'L-peptide linking' y CYSTEINE        ? 'C3 H7 N O2 S'   121.158 
GLN 'L-peptide linking' y GLUTAMINE       ? 'C5 H10 N2 O3'   146.144 
GLU 'L-peptide linking' y 'GLUTAMIC ACID' ? 'C5 H9 N O4'     147.129 
GLY 'peptide linking'   y GLYCINE         ? 'C2 H5 N O2'     75.067  
HIS 'L-peptide linking' y HISTIDINE       ? 'C6 H10 N3 O2 1' 156.162 
HOH non-polymer         . WATER           ? 'H2 O'           18.015  
ILE 'L-peptide linking' y ISOLEUCINE      ? 'C6 H13 N O2'    131.173 
LEU 'L-peptide linking' y LEUCINE         ? 'C6 H13 N O2'    131.173 
LYS 'L-peptide linking' y LYSINE          ? 'C6 H15 N2 O2 1' 147.195 
MET 'L-peptide linking' y METHIONINE      ? 'C5 H11 N O2 S'  149.211 
NA  non-polymer         . 'SODIUM ION'    ? 'Na 1'           22.990  
PHE 'L-peptide linking' y PHENYLALANINE   ? 'C9 H11 N O2'    165.189 
PRO 'L-peptide linking' y PROLINE         ? 'C5 H9 N O2'     115.130 
SER 'L-peptide linking' y SERINE          ? 'C3 H7 N O3'     105.093 
THR 'L-peptide linking' y THREONINE       ? 'C4 H9 N O3'     119.119 
TRP 'L-peptide linking' y TRYPTOPHAN      ? 'C11 H12 N2 O2'  204.225 
TYR 'L-peptide linking' y TYROSINE        ? 'C9 H11 N O3'    181.189 
VAL 'L-peptide linking' y VALINE          ? 'C5 H11 N O2'    117.146 
# 
loop_
_pdbx_poly_seq_scheme.asym_id 
_pdbx_poly_seq_scheme.entity_id 
_pdbx_poly_seq_scheme.seq_id 
_pdbx_poly_seq_scheme.mon_id 
_pdbx_poly_seq_scheme.ndb_seq_num 
_pdbx_poly_seq_scheme.pdb_seq_num 
_pdbx_poly_seq_scheme.auth_seq_num 
_pdbx_poly_seq_scheme.pdb_mon_id 
_pdbx_poly_seq_scheme.auth_mon_id 
_pdbx_poly_seq_scheme.pdb_strand_id 
_pdbx_poly_seq_scheme.pdb_ins_code 
_pdbx_poly_seq_scheme.hetero 
A 1 1   MET 1   1   ?   ?   ?   A . n 
A 1 2   ALA 2   2   ?   ?   ?   A . n 
A 1 3   THR 3   3   ?   ?   ?   A . n 
A 1 4   ASP 4   4   ?   ?   ?   A . n 
A 1 5   VAL 5   5   5   VAL VAL A . n 
A 1 6   ALA 6   6   6   ALA ALA A . n 
A 1 7   GLN 7   7   7   GLN GLN A . n 
A 1 8   GLY 8   8   8   GLY GLY A . n 
A 1 9   PRO 9   9   9   PRO PRO A . n 
A 1 10  ASN 10  10  10  ASN ASN A . n 
A 1 11  GLY 11  11  11  GLY GLY A . n 
A 1 12  ARG 12  12  12  ARG ARG A . n 
A 1 13  ALA 13  13  13  ALA ALA A . n 
A 1 14  LEU 14  14  14  LEU LEU A . n 
A 1 15  ALA 15  15  15  ALA ALA A . n 
A 1 16  GLU 16  16  16  GLU GLU A . n 
A 1 17  SER 17  17  17  SER SER A . n 
A 1 18  MET 18  18  18  MET MET A . n 
A 1 19  ASN 19  19  19  ASN ASN A . n 
A 1 20  PRO 20  20  20  PRO PRO A . n 
A 1 21  ASP 21  21  21  ASP ASP A . n 
A 1 22  LEU 22  22  22  LEU LEU A . n 
A 1 23  LEU 23  23  23  LEU LEU A . n 
A 1 24  SER 24  24  24  SER SER A . n 
A 1 25  ALA 25  25  25  ALA ALA A . n 
A 1 26  ILE 26  26  26  ILE ILE A . n 
A 1 27  GLN 27  27  27  GLN GLN A . n 
A 1 28  GLN 28  28  28  GLN GLN A . n 
A 1 29  HIS 29  29  29  HIS HIS A . n 
A 1 30  ILE 30  30  30  ILE ILE A . n 
A 1 31  SER 31  31  31  SER SER A . n 
A 1 32  ILE 32  32  32  ILE ILE A . n 
A 1 33  GLU 33  33  33  GLU GLU A . n 
A 1 34  ARG 34  34  34  ARG ARG A . n 
A 1 35  TYR 35  35  35  TYR TYR A . n 
A 1 36  ALA 36  36  36  ALA ALA A . n 
A 1 37  SER 37  37  37  SER SER A . n 
A 1 38  VAL 38  38  38  VAL VAL A . n 
A 1 39  THR 39  39  39  THR THR A . n 
A 1 40  TYR 40  40  40  TYR TYR A . n 
A 1 41  LEU 41  41  41  LEU LEU A . n 
A 1 42  ALA 42  42  42  ALA ALA A . n 
A 1 43  MET 43  43  43  MET MET A . n 
A 1 44  SER 44  44  44  SER SER A . n 
A 1 45  ILE 45  45  45  ILE ILE A . n 
A 1 46  TRP 46  46  46  TRP TRP A . n 
A 1 47  CYS 47  47  47  CYS CYS A . n 
A 1 48  ALA 48  48  48  ALA ALA A . n 
A 1 49  GLU 49  49  49  GLU GLU A . n 
A 1 50  ARG 50  50  50  ARG ARG A . n 
A 1 51  GLU 51  51  51  GLU GLU A . n 
A 1 52  LEU 52  52  52  LEU LEU A . n 
A 1 53  ALA 53  53  53  ALA ALA A . n 
A 1 54  GLY 54  54  54  GLY GLY A . n 
A 1 55  PHE 55  55  55  PHE PHE A . n 
A 1 56  TYR 56  56  56  TYR TYR A . n 
A 1 57  GLN 57  57  57  GLN GLN A . n 
A 1 58  PHE 58  58  58  PHE PHE A . n 
A 1 59  PHE 59  59  59  PHE PHE A . n 
A 1 60  ASP 60  60  60  ASP ASP A . n 
A 1 61  GLY 61  61  61  GLY GLY A . n 
A 1 62  GLU 62  62  62  GLU GLU A . n 
A 1 63  ALA 63  63  63  ALA ALA A . n 
A 1 64  LYS 64  64  64  LYS LYS A . n 
A 1 65  ASP 65  65  65  ASP ASP A . n 
A 1 66  GLU 66  66  66  GLU GLU A . n 
A 1 67  GLN 67  67  67  GLN GLN A . n 
A 1 68  SER 68  68  68  SER SER A . n 
A 1 69  HIS 69  69  69  HIS HIS A . n 
A 1 70  ALA 70  70  70  ALA ALA A . n 
A 1 71  VAL 71  71  71  VAL VAL A . n 
A 1 72  HIS 72  72  72  HIS HIS A . n 
A 1 73  PHE 73  73  73  PHE PHE A . n 
A 1 74  THR 74  74  74  THR THR A . n 
A 1 75  GLN 75  75  75  GLN GLN A . n 
A 1 76  TYR 76  76  76  TYR TYR A . n 
A 1 77  LEU 77  77  77  LEU LEU A . n 
A 1 78  ILE 78  78  78  ILE ILE A . n 
A 1 79  ALA 79  79  79  ALA ALA A . n 
A 1 80  ARG 80  80  80  ARG ARG A . n 
A 1 81  SER 81  81  81  SER SER A . n 
A 1 82  GLN 82  82  82  GLN GLN A . n 
A 1 83  SER 83  83  83  SER SER A . n 
A 1 84  ASN 84  84  84  ASN ASN A . n 
A 1 85  ASP 85  85  85  ASP ASP A . n 
A 1 86  LEU 86  86  86  LEU LEU A . n 
A 1 87  GLN 87  87  87  GLN GLN A . n 
A 1 88  THR 88  88  88  THR THR A . n 
A 1 89  LEU 89  89  89  LEU LEU A . n 
A 1 90  ASP 90  90  90  ASP ASP A . n 
A 1 91  ALA 91  91  91  ALA ALA A . n 
A 1 92  PRO 92  92  92  PRO PRO A . n 
A 1 93  ARG 93  93  93  ARG ARG A . n 
A 1 94  GLN 94  94  94  GLN GLN A . n 
A 1 95  ASN 95  95  95  ASN ASN A . n 
A 1 96  TRP 96  96  96  TRP TRP A . n 
A 1 97  ASP 97  97  97  ASP ASP A . n 
A 1 98  SER 98  98  98  SER SER A . n 
A 1 99  LEU 99  99  99  LEU LEU A . n 
A 1 100 ALA 100 100 100 ALA ALA A . n 
A 1 101 SER 101 101 101 SER SER A . n 
A 1 102 LEU 102 102 102 LEU LEU A . n 
A 1 103 MET 103 103 103 MET MET A . n 
A 1 104 ALA 104 104 104 ALA ALA A . n 
A 1 105 THR 105 105 105 THR THR A . n 
A 1 106 ALA 106 106 106 ALA ALA A . n 
A 1 107 PHE 107 107 107 PHE PHE A . n 
A 1 108 GLN 108 108 108 GLN GLN A . n 
A 1 109 MET 109 109 109 MET MET A . n 
A 1 110 GLU 110 110 110 GLU GLU A . n 
A 1 111 ALA 111 111 111 ALA ALA A . n 
A 1 112 ASP 112 112 112 ASP ASP A . n 
A 1 113 THR 113 113 113 THR THR A . n 
A 1 114 THR 114 114 114 THR THR A . n 
A 1 115 SER 115 115 115 SER SER A . n 
A 1 116 SER 116 116 116 SER SER A . n 
A 1 117 ILE 117 117 117 ILE ILE A . n 
A 1 118 GLN 118 118 118 GLN GLN A . n 
A 1 119 SER 119 119 119 SER SER A . n 
A 1 120 VAL 120 120 120 VAL VAL A . n 
A 1 121 TYR 121 121 121 TYR TYR A . n 
A 1 122 ALA 122 122 122 ALA ALA A . n 
A 1 123 LEU 123 123 123 LEU LEU A . n 
A 1 124 ALA 124 124 124 ALA ALA A . n 
A 1 125 GLU 125 125 125 GLU GLU A . n 
A 1 126 ARG 126 126 126 ARG ARG A . n 
A 1 127 ASN 127 127 127 ASN ASN A . n 
A 1 128 SER 128 128 128 SER SER A . n 
A 1 129 ASP 129 129 129 ASP ASP A . n 
A 1 130 THR 130 130 130 THR THR A . n 
A 1 131 ARG 131 131 131 ARG ARG A . n 
A 1 132 THR 132 132 132 THR THR A . n 
A 1 133 THR 133 133 133 THR THR A . n 
A 1 134 VAL 134 134 134 VAL VAL A . n 
A 1 135 PHE 135 135 135 PHE PHE A . n 
A 1 136 LEU 136 136 136 LEU LEU A . n 
A 1 137 ASP 137 137 137 ASP ASP A . n 
A 1 138 PRO 138 138 138 PRO PRO A . n 
A 1 139 LEU 139 139 139 LEU LEU A . n 
A 1 140 ILE 140 140 140 ILE ILE A . n 
A 1 141 ALA 141 141 141 ALA ALA A . n 
A 1 142 ALA 142 142 142 ALA ALA A . n 
A 1 143 GLN 143 143 143 GLN GLN A . n 
A 1 144 ILE 144 144 144 ILE ILE A . n 
A 1 145 GLN 145 145 145 GLN GLN A . n 
A 1 146 SER 146 146 146 SER SER A . n 
A 1 147 GLU 147 147 147 GLU GLU A . n 
A 1 148 ASP 148 148 148 ASP ASP A . n 
A 1 149 GLN 149 149 149 GLN GLN A . n 
A 1 150 PHE 150 150 150 PHE PHE A . n 
A 1 151 ALA 151 151 151 ALA ALA A . n 
A 1 152 TYR 152 152 152 TYR TYR A . n 
A 1 153 LEU 153 153 153 LEU LEU A . n 
A 1 154 LEU 154 154 154 LEU LEU A . n 
A 1 155 GLY 155 155 155 GLY GLY A . n 
A 1 156 ARG 156 156 156 ARG ARG A . n 
A 1 157 VAL 157 157 157 VAL VAL A . n 
A 1 158 LYS 158 158 158 LYS LYS A . n 
A 1 159 PHE 159 159 159 PHE PHE A . n 
A 1 160 ALA 160 160 160 ALA ALA A . n 
A 1 161 ASN 161 161 161 ASN ASN A . n 
A 1 162 GLY 162 162 162 GLY GLY A . n 
A 1 163 ASP 163 163 163 ASP ASP A . n 
A 1 164 PRO 164 164 164 PRO PRO A . n 
A 1 165 THR 165 165 165 THR THR A . n 
A 1 166 ALA 166 166 166 ALA ALA A . n 
A 1 167 LEU 167 167 167 LEU LEU A . n 
A 1 168 LEU 168 168 168 LEU LEU A . n 
A 1 169 VAL 169 169 169 VAL VAL A . n 
A 1 170 ILE 170 170 170 ILE ILE A . n 
A 1 171 ASP 171 171 171 ASP ASP A . n 
A 1 172 ASN 172 172 172 ASN ASN A . n 
A 1 173 GLU 173 173 173 GLU GLU A . n 
A 1 174 LEU 174 174 174 LEU LEU A . n 
A 1 175 ARG 175 175 175 ARG ARG A . n 
A 1 176 ALA 176 176 176 ALA ALA A . n 
A 1 177 GLY 177 177 177 GLY GLY A . n 
A 1 178 GLN 178 178 178 GLN GLN A . n 
A 1 179 THR 179 179 179 THR THR A . n 
A 1 180 GLN 180 180 180 GLN GLN A . n 
A 1 181 ARG 181 181 181 ARG ARG A . n 
A 1 182 GLY 182 182 182 GLY GLY A . n 
# 
loop_
_pdbx_nonpoly_scheme.asym_id 
_pdbx_nonpoly_scheme.entity_id 
_pdbx_nonpoly_scheme.mon_id 
_pdbx_nonpoly_scheme.ndb_seq_num 
_pdbx_nonpoly_scheme.pdb_seq_num 
_pdbx_nonpoly_scheme.auth_seq_num 
_pdbx_nonpoly_scheme.pdb_mon_id 
_pdbx_nonpoly_scheme.auth_mon_id 
_pdbx_nonpoly_scheme.pdb_strand_id 
_pdbx_nonpoly_scheme.pdb_ins_code 
B 2 NA  1   201 2   NA  NA  A . 
C 2 NA  1   202 3   NA  NA  A . 
D 2 NA  1   203 4   NA  NA  A . 
E 2 NA  1   204 5   NA  NA  A . 
F 3 CL  1   205 1   CL  CL  A . 
G 3 CL  1   206 2   CL  CL  A . 
H 4 HOH 1   301 106 HOH HOH A . 
H 4 HOH 2   302 41  HOH HOH A . 
H 4 HOH 3   303 61  HOH HOH A . 
H 4 HOH 4   304 166 HOH HOH A . 
H 4 HOH 5   305 96  HOH HOH A . 
H 4 HOH 6   306 56  HOH HOH A . 
H 4 HOH 7   307 129 HOH HOH A . 
H 4 HOH 8   308 121 HOH HOH A . 
H 4 HOH 9   309 78  HOH HOH A . 
H 4 HOH 10  310 91  HOH HOH A . 
H 4 HOH 11  311 85  HOH HOH A . 
H 4 HOH 12  312 48  HOH HOH A . 
H 4 HOH 13  313 8   HOH HOH A . 
H 4 HOH 14  314 49  HOH HOH A . 
H 4 HOH 15  315 33  HOH HOH A . 
H 4 HOH 16  316 42  HOH HOH A . 
H 4 HOH 17  317 71  HOH HOH A . 
H 4 HOH 18  318 32  HOH HOH A . 
H 4 HOH 19  319 39  HOH HOH A . 
H 4 HOH 20  320 139 HOH HOH A . 
H 4 HOH 21  321 74  HOH HOH A . 
H 4 HOH 22  322 122 HOH HOH A . 
H 4 HOH 23  323 34  HOH HOH A . 
H 4 HOH 24  324 37  HOH HOH A . 
H 4 HOH 25  325 10  HOH HOH A . 
H 4 HOH 26  326 18  HOH HOH A . 
H 4 HOH 27  327 90  HOH HOH A . 
H 4 HOH 28  328 14  HOH HOH A . 
H 4 HOH 29  329 16  HOH HOH A . 
H 4 HOH 30  330 5   HOH HOH A . 
H 4 HOH 31  331 58  HOH HOH A . 
H 4 HOH 32  332 103 HOH HOH A . 
H 4 HOH 33  333 82  HOH HOH A . 
H 4 HOH 34  334 66  HOH HOH A . 
H 4 HOH 35  335 36  HOH HOH A . 
H 4 HOH 36  336 73  HOH HOH A . 
H 4 HOH 37  337 40  HOH HOH A . 
H 4 HOH 38  338 72  HOH HOH A . 
H 4 HOH 39  339 68  HOH HOH A . 
H 4 HOH 40  340 27  HOH HOH A . 
H 4 HOH 41  341 46  HOH HOH A . 
H 4 HOH 42  342 21  HOH HOH A . 
H 4 HOH 43  343 100 HOH HOH A . 
H 4 HOH 44  344 99  HOH HOH A . 
H 4 HOH 45  345 130 HOH HOH A . 
H 4 HOH 46  346 94  HOH HOH A . 
H 4 HOH 47  347 112 HOH HOH A . 
H 4 HOH 48  348 117 HOH HOH A . 
H 4 HOH 49  349 115 HOH HOH A . 
H 4 HOH 50  350 161 HOH HOH A . 
H 4 HOH 51  351 125 HOH HOH A . 
H 4 HOH 52  352 109 HOH HOH A . 
H 4 HOH 53  353 81  HOH HOH A . 
H 4 HOH 54  354 150 HOH HOH A . 
H 4 HOH 55  355 135 HOH HOH A . 
H 4 HOH 56  356 131 HOH HOH A . 
H 4 HOH 57  357 127 HOH HOH A . 
H 4 HOH 58  358 45  HOH HOH A . 
H 4 HOH 59  359 9   HOH HOH A . 
H 4 HOH 60  360 169 HOH HOH A . 
H 4 HOH 61  361 13  HOH HOH A . 
H 4 HOH 62  362 26  HOH HOH A . 
H 4 HOH 63  363 141 HOH HOH A . 
H 4 HOH 64  364 67  HOH HOH A . 
H 4 HOH 65  365 43  HOH HOH A . 
H 4 HOH 66  366 53  HOH HOH A . 
H 4 HOH 67  367 38  HOH HOH A . 
H 4 HOH 68  368 92  HOH HOH A . 
H 4 HOH 69  369 17  HOH HOH A . 
H 4 HOH 70  370 65  HOH HOH A . 
H 4 HOH 71  371 128 HOH HOH A . 
H 4 HOH 72  372 160 HOH HOH A . 
H 4 HOH 73  373 2   HOH HOH A . 
H 4 HOH 74  374 148 HOH HOH A . 
H 4 HOH 75  375 151 HOH HOH A . 
H 4 HOH 76  376 98  HOH HOH A . 
H 4 HOH 77  377 87  HOH HOH A . 
H 4 HOH 78  378 51  HOH HOH A . 
H 4 HOH 79  379 4   HOH HOH A . 
H 4 HOH 80  380 107 HOH HOH A . 
H 4 HOH 81  381 64  HOH HOH A . 
H 4 HOH 82  382 69  HOH HOH A . 
H 4 HOH 83  383 124 HOH HOH A . 
H 4 HOH 84  384 19  HOH HOH A . 
H 4 HOH 85  385 120 HOH HOH A . 
H 4 HOH 86  386 76  HOH HOH A . 
H 4 HOH 87  387 52  HOH HOH A . 
H 4 HOH 88  388 63  HOH HOH A . 
H 4 HOH 89  389 84  HOH HOH A . 
H 4 HOH 90  390 133 HOH HOH A . 
H 4 HOH 91  391 147 HOH HOH A . 
H 4 HOH 92  392 158 HOH HOH A . 
H 4 HOH 93  393 23  HOH HOH A . 
H 4 HOH 94  394 24  HOH HOH A . 
H 4 HOH 95  395 149 HOH HOH A . 
H 4 HOH 96  396 44  HOH HOH A . 
H 4 HOH 97  397 47  HOH HOH A . 
H 4 HOH 98  398 57  HOH HOH A . 
H 4 HOH 99  399 136 HOH HOH A . 
H 4 HOH 100 400 30  HOH HOH A . 
H 4 HOH 101 401 1   HOH HOH A . 
H 4 HOH 102 402 140 HOH HOH A . 
H 4 HOH 103 403 7   HOH HOH A . 
H 4 HOH 104 404 105 HOH HOH A . 
H 4 HOH 105 405 20  HOH HOH A . 
H 4 HOH 106 406 22  HOH HOH A . 
H 4 HOH 107 407 62  HOH HOH A . 
H 4 HOH 108 408 132 HOH HOH A . 
H 4 HOH 109 409 110 HOH HOH A . 
H 4 HOH 110 410 25  HOH HOH A . 
H 4 HOH 111 411 171 HOH HOH A . 
H 4 HOH 112 412 83  HOH HOH A . 
H 4 HOH 113 413 15  HOH HOH A . 
H 4 HOH 114 414 3   HOH HOH A . 
H 4 HOH 115 415 153 HOH HOH A . 
H 4 HOH 116 416 155 HOH HOH A . 
H 4 HOH 117 417 173 HOH HOH A . 
H 4 HOH 118 418 146 HOH HOH A . 
H 4 HOH 119 419 116 HOH HOH A . 
H 4 HOH 120 420 167 HOH HOH A . 
H 4 HOH 121 421 174 HOH HOH A . 
H 4 HOH 122 422 168 HOH HOH A . 
H 4 HOH 123 423 165 HOH HOH A . 
H 4 HOH 124 424 114 HOH HOH A . 
H 4 HOH 125 425 138 HOH HOH A . 
H 4 HOH 126 426 89  HOH HOH A . 
H 4 HOH 127 427 145 HOH HOH A . 
H 4 HOH 128 428 164 HOH HOH A . 
H 4 HOH 129 429 137 HOH HOH A . 
H 4 HOH 130 430 6   HOH HOH A . 
H 4 HOH 131 431 159 HOH HOH A . 
H 4 HOH 132 432 156 HOH HOH A . 
H 4 HOH 133 433 50  HOH HOH A . 
H 4 HOH 134 434 31  HOH HOH A . 
H 4 HOH 135 435 11  HOH HOH A . 
H 4 HOH 136 436 79  HOH HOH A . 
H 4 HOH 137 437 88  HOH HOH A . 
H 4 HOH 138 438 143 HOH HOH A . 
H 4 HOH 139 439 12  HOH HOH A . 
H 4 HOH 140 440 108 HOH HOH A . 
H 4 HOH 141 441 113 HOH HOH A . 
H 4 HOH 142 442 154 HOH HOH A . 
H 4 HOH 143 443 163 HOH HOH A . 
H 4 HOH 144 444 170 HOH HOH A . 
H 4 HOH 145 445 29  HOH HOH A . 
H 4 HOH 146 446 59  HOH HOH A . 
H 4 HOH 147 447 54  HOH HOH A . 
H 4 HOH 148 448 75  HOH HOH A . 
H 4 HOH 149 449 162 HOH HOH A . 
H 4 HOH 150 450 118 HOH HOH A . 
H 4 HOH 151 451 35  HOH HOH A . 
H 4 HOH 152 452 60  HOH HOH A . 
H 4 HOH 153 453 144 HOH HOH A . 
H 4 HOH 154 454 101 HOH HOH A . 
H 4 HOH 155 455 70  HOH HOH A . 
H 4 HOH 156 456 175 HOH HOH A . 
H 4 HOH 157 457 93  HOH HOH A . 
H 4 HOH 158 458 119 HOH HOH A . 
H 4 HOH 159 459 80  HOH HOH A . 
H 4 HOH 160 460 126 HOH HOH A . 
H 4 HOH 161 461 123 HOH HOH A . 
H 4 HOH 162 462 55  HOH HOH A . 
H 4 HOH 163 463 86  HOH HOH A . 
H 4 HOH 164 464 97  HOH HOH A . 
H 4 HOH 165 465 111 HOH HOH A . 
H 4 HOH 166 466 152 HOH HOH A . 
H 4 HOH 167 467 95  HOH HOH A . 
H 4 HOH 168 468 104 HOH HOH A . 
H 4 HOH 169 469 77  HOH HOH A . 
H 4 HOH 170 470 28  HOH HOH A . 
H 4 HOH 171 471 172 HOH HOH A . 
H 4 HOH 172 472 142 HOH HOH A . 
H 4 HOH 173 473 102 HOH HOH A . 
H 4 HOH 174 474 134 HOH HOH A . 
H 4 HOH 175 475 157 HOH HOH A . 
# 
loop_
_software.citation_id 
_software.classification 
_software.compiler_name 
_software.compiler_version 
_software.contact_author 
_software.contact_author_email 
_software.date 
_software.description 
_software.dependencies 
_software.hardware 
_software.language 
_software.location 
_software.mods 
_software.name 
_software.os 
_software.os_version 
_software.type 
_software.version 
_software.pdbx_ordinal 
? 'data scaling'    ? ? ? ? ? ? ? ? ? ? ? Aimless     ? ? ? 0.7.4       1 
? refinement        ? ? ? ? ? ? ? ? ? ? ? PHENIX      ? ? ? 1.10.1_2155 2 
? 'data extraction' ? ? ? ? ? ? ? ? ? ? ? PDB_EXTRACT ? ? ? 3.27        3 
? 'data reduction'  ? ? ? ? ? ? ? ? ? ? ? xia2        ? ? ? .           4 
? phasing           ? ? ? ? ? ? ? ? ? ? ? PHASER      ? ? ? .           5 
# 
_cell.angle_alpha                  90.000 
_cell.angle_alpha_esd              ? 
_cell.angle_beta                   90.000 
_cell.angle_beta_esd               ? 
_cell.angle_gamma                  90.000 
_cell.angle_gamma_esd              ? 
_cell.entry_id                     7PF8 
_cell.details                      ? 
_cell.formula_units_Z              ? 
_cell.length_a                     176.850 
_cell.length_a_esd                 ? 
_cell.length_b                     176.850 
_cell.length_b_esd                 ? 
_cell.length_c                     176.850 
_cell.length_c_esd                 ? 
_cell.volume                       ? 
_cell.volume_esd                   ? 
_cell.Z_PDB                        96 
_cell.reciprocal_angle_alpha       ? 
_cell.reciprocal_angle_beta        ? 
_cell.reciprocal_angle_gamma       ? 
_cell.reciprocal_angle_alpha_esd   ? 
_cell.reciprocal_angle_beta_esd    ? 
_cell.reciprocal_angle_gamma_esd   ? 
_cell.reciprocal_length_a          ? 
_cell.reciprocal_length_b          ? 
_cell.reciprocal_length_c          ? 
_cell.reciprocal_length_a_esd      ? 
_cell.reciprocal_length_b_esd      ? 
_cell.reciprocal_length_c_esd      ? 
_cell.pdbx_unique_axis             ? 
# 
_symmetry.entry_id                         7PF8 
_symmetry.cell_setting                     ? 
_symmetry.Int_Tables_number                209 
_symmetry.space_group_name_Hall            ? 
_symmetry.space_group_name_H-M             'F 4 3 2' 
_symmetry.pdbx_full_space_group_name_H-M   ? 
# 
_exptl.absorpt_coefficient_mu     ? 
_exptl.absorpt_correction_T_max   ? 
_exptl.absorpt_correction_T_min   ? 
_exptl.absorpt_correction_type    ? 
_exptl.absorpt_process_details    ? 
_exptl.entry_id                   7PF8 
_exptl.crystals_number            1 
_exptl.details                    ? 
_exptl.method                     'X-RAY DIFFRACTION' 
_exptl.method_details             ? 
# 
_exptl_crystal.colour                      ? 
_exptl_crystal.density_diffrn              ? 
_exptl_crystal.density_Matthews            2.86 
_exptl_crystal.density_method              ? 
_exptl_crystal.density_percent_sol         56.93 
_exptl_crystal.description                 ? 
_exptl_crystal.F_000                       ? 
_exptl_crystal.id                          1 
_exptl_crystal.preparation                 ? 
_exptl_crystal.size_max                    ? 
_exptl_crystal.size_mid                    ? 
_exptl_crystal.size_min                    ? 
_exptl_crystal.size_rad                    ? 
_exptl_crystal.colour_lustre               ? 
_exptl_crystal.colour_modifier             ? 
_exptl_crystal.colour_primary              ? 
_exptl_crystal.density_meas                ? 
_exptl_crystal.density_meas_esd            ? 
_exptl_crystal.density_meas_gt             ? 
_exptl_crystal.density_meas_lt             ? 
_exptl_crystal.density_meas_temp           ? 
_exptl_crystal.density_meas_temp_esd       ? 
_exptl_crystal.density_meas_temp_gt        ? 
_exptl_crystal.density_meas_temp_lt        ? 
_exptl_crystal.pdbx_crystal_image_url      ? 
_exptl_crystal.pdbx_crystal_image_format   ? 
_exptl_crystal.pdbx_mosaicity              0.000 
_exptl_crystal.pdbx_mosaicity_esd          ? 
# 
_exptl_crystal_grow.apparatus       ? 
_exptl_crystal_grow.atmosphere      ? 
_exptl_crystal_grow.crystal_id      1 
_exptl_crystal_grow.details         ? 
_exptl_crystal_grow.method          'VAPOR DIFFUSION, SITTING DROP' 
_exptl_crystal_grow.method_ref      ? 
_exptl_crystal_grow.pH              4.6 
_exptl_crystal_grow.pressure        ? 
_exptl_crystal_grow.pressure_esd    ? 
_exptl_crystal_grow.seeding         ? 
_exptl_crystal_grow.seeding_ref     ? 
_exptl_crystal_grow.temp            289 
_exptl_crystal_grow.temp_details    ? 
_exptl_crystal_grow.temp_esd        ? 
_exptl_crystal_grow.time            ? 
_exptl_crystal_grow.pdbx_details    '2M NaCl' 
_exptl_crystal_grow.pdbx_pH_range   ? 
# 
_diffrn.ambient_environment              ? 
_diffrn.ambient_temp                     100 
_diffrn.ambient_temp_details             ? 
_diffrn.ambient_temp_esd                 ? 
_diffrn.crystal_id                       1 
_diffrn.crystal_support                  ? 
_diffrn.crystal_treatment                ? 
_diffrn.details                          ? 
_diffrn.id                               1 
_diffrn.ambient_pressure                 ? 
_diffrn.ambient_pressure_esd             ? 
_diffrn.ambient_pressure_gt              ? 
_diffrn.ambient_pressure_lt              ? 
_diffrn.ambient_temp_gt                  ? 
_diffrn.ambient_temp_lt                  ? 
_diffrn.pdbx_serial_crystal_experiment   N 
# 
_diffrn_detector.details                      ? 
_diffrn_detector.detector                     PIXEL 
_diffrn_detector.diffrn_id                    1 
_diffrn_detector.type                         'DECTRIS EIGER X 16M' 
_diffrn_detector.area_resol_mean              ? 
_diffrn_detector.dtime                        ? 
_diffrn_detector.pdbx_frames_total            ? 
_diffrn_detector.pdbx_collection_time_total   ? 
_diffrn_detector.pdbx_collection_date         2019-12-04 
_diffrn_detector.pdbx_frequency               ? 
# 
_diffrn_radiation.collimation                      ? 
_diffrn_radiation.diffrn_id                        1 
_diffrn_radiation.filter_edge                      ? 
_diffrn_radiation.inhomogeneity                    ? 
_diffrn_radiation.monochromator                    ? 
_diffrn_radiation.polarisn_norm                    ? 
_diffrn_radiation.polarisn_ratio                   ? 
_diffrn_radiation.probe                            ? 
_diffrn_radiation.type                             ? 
_diffrn_radiation.xray_symbol                      ? 
_diffrn_radiation.wavelength_id                    1 
_diffrn_radiation.pdbx_monochromatic_or_laue_m_l   M 
_diffrn_radiation.pdbx_wavelength_list             ? 
_diffrn_radiation.pdbx_wavelength                  ? 
_diffrn_radiation.pdbx_diffrn_protocol             'SINGLE WAVELENGTH' 
_diffrn_radiation.pdbx_analyzer                    ? 
_diffrn_radiation.pdbx_scattering_type             x-ray 
# 
_diffrn_radiation_wavelength.id           1 
_diffrn_radiation_wavelength.wavelength   0.9795 
_diffrn_radiation_wavelength.wt           1.0 
# 
_diffrn_source.current                     ? 
_diffrn_source.details                     ? 
_diffrn_source.diffrn_id                   1 
_diffrn_source.power                       ? 
_diffrn_source.size                        ? 
_diffrn_source.source                      SYNCHROTRON 
_diffrn_source.target                      ? 
_diffrn_source.type                        'DIAMOND BEAMLINE I03' 
_diffrn_source.voltage                     ? 
_diffrn_source.take-off_angle              ? 
_diffrn_source.pdbx_wavelength_list        0.9795 
_diffrn_source.pdbx_wavelength             ? 
_diffrn_source.pdbx_synchrotron_beamline   I03 
_diffrn_source.pdbx_synchrotron_site       Diamond 
# 
_reflns.B_iso_Wilson_estimate                          39.060 
_reflns.entry_id                                       7PF8 
_reflns.data_reduction_details                         ? 
_reflns.data_reduction_method                          ? 
_reflns.d_resolution_high                              1.810 
_reflns.d_resolution_low                               62.530 
_reflns.details                                        ? 
_reflns.limit_h_max                                    ? 
_reflns.limit_h_min                                    ? 
_reflns.limit_k_max                                    ? 
_reflns.limit_k_min                                    ? 
_reflns.limit_l_max                                    ? 
_reflns.limit_l_min                                    ? 
_reflns.number_all                                     ? 
_reflns.number_obs                                     22172 
_reflns.observed_criterion                             ? 
_reflns.observed_criterion_F_max                       ? 
_reflns.observed_criterion_F_min                       ? 
_reflns.observed_criterion_I_max                       ? 
_reflns.observed_criterion_I_min                       ? 
_reflns.observed_criterion_sigma_F                     ? 
_reflns.observed_criterion_sigma_I                     ? 
_reflns.percent_possible_obs                           100.000 
_reflns.R_free_details                                 ? 
_reflns.Rmerge_F_all                                   ? 
_reflns.Rmerge_F_obs                                   ? 
_reflns.Friedel_coverage                               ? 
_reflns.number_gt                                      ? 
_reflns.threshold_expression                           ? 
_reflns.pdbx_redundancy                                77.900 
_reflns.pdbx_Rmerge_I_obs                              0.093 
_reflns.pdbx_Rmerge_I_all                              ? 
_reflns.pdbx_Rsym_value                                ? 
_reflns.pdbx_netI_over_av_sigmaI                       ? 
_reflns.pdbx_netI_over_sigmaI                          35.400 
_reflns.pdbx_res_netI_over_av_sigmaI_2                 ? 
_reflns.pdbx_res_netI_over_sigmaI_2                    ? 
_reflns.pdbx_chi_squared                               ? 
_reflns.pdbx_scaling_rejects                           ? 
_reflns.pdbx_d_res_high_opt                            ? 
_reflns.pdbx_d_res_low_opt                             ? 
_reflns.pdbx_d_res_opt_method                          ? 
_reflns.phase_calculation_details                      ? 
_reflns.pdbx_Rrim_I_all                                0.094 
_reflns.pdbx_Rpim_I_all                                0.011 
_reflns.pdbx_d_opt                                     ? 
_reflns.pdbx_number_measured_all                       1726414 
_reflns.pdbx_diffrn_id                                 1 
_reflns.pdbx_ordinal                                   1 
_reflns.pdbx_CC_half                                   1.000 
_reflns.pdbx_CC_star                                   ? 
_reflns.pdbx_R_split                                   ? 
_reflns.pdbx_aniso_diffraction_limit_axis_1_ortho[1]   ? 
_reflns.pdbx_aniso_diffraction_limit_axis_1_ortho[2]   ? 
_reflns.pdbx_aniso_diffraction_limit_axis_1_ortho[3]   ? 
_reflns.pdbx_aniso_diffraction_limit_axis_2_ortho[1]   ? 
_reflns.pdbx_aniso_diffraction_limit_axis_2_ortho[2]   ? 
_reflns.pdbx_aniso_diffraction_limit_axis_2_ortho[3]   ? 
_reflns.pdbx_aniso_diffraction_limit_axis_3_ortho[1]   ? 
_reflns.pdbx_aniso_diffraction_limit_axis_3_ortho[2]   ? 
_reflns.pdbx_aniso_diffraction_limit_axis_3_ortho[3]   ? 
_reflns.pdbx_aniso_diffraction_limit_1                 ? 
_reflns.pdbx_aniso_diffraction_limit_2                 ? 
_reflns.pdbx_aniso_diffraction_limit_3                 ? 
_reflns.pdbx_aniso_B_tensor_eigenvector_1_ortho[1]     ? 
_reflns.pdbx_aniso_B_tensor_eigenvector_1_ortho[2]     ? 
_reflns.pdbx_aniso_B_tensor_eigenvector_1_ortho[3]     ? 
_reflns.pdbx_aniso_B_tensor_eigenvector_2_ortho[1]     ? 
_reflns.pdbx_aniso_B_tensor_eigenvector_2_ortho[2]     ? 
_reflns.pdbx_aniso_B_tensor_eigenvector_2_ortho[3]     ? 
_reflns.pdbx_aniso_B_tensor_eigenvector_3_ortho[1]     ? 
_reflns.pdbx_aniso_B_tensor_eigenvector_3_ortho[2]     ? 
_reflns.pdbx_aniso_B_tensor_eigenvector_3_ortho[3]     ? 
_reflns.pdbx_aniso_B_tensor_eigenvalue_1               ? 
_reflns.pdbx_aniso_B_tensor_eigenvalue_2               ? 
_reflns.pdbx_aniso_B_tensor_eigenvalue_3               ? 
_reflns.pdbx_orthogonalization_convention              ? 
_reflns.pdbx_percent_possible_ellipsoidal              ? 
_reflns.pdbx_percent_possible_spherical                ? 
_reflns.pdbx_percent_possible_ellipsoidal_anomalous    ? 
_reflns.pdbx_percent_possible_spherical_anomalous      ? 
_reflns.pdbx_redundancy_anomalous                      ? 
_reflns.pdbx_CC_half_anomalous                         ? 
_reflns.pdbx_absDiff_over_sigma_anomalous              ? 
_reflns.pdbx_percent_possible_anomalous                ? 
_reflns.pdbx_observed_signal_threshold                 ? 
_reflns.pdbx_signal_type                               ? 
_reflns.pdbx_signal_details                            ? 
_reflns.pdbx_signal_software_id                        ? 
# 
loop_
_reflns_shell.d_res_high 
_reflns_shell.d_res_low 
_reflns_shell.meanI_over_sigI_all 
_reflns_shell.meanI_over_sigI_obs 
_reflns_shell.number_measured_all 
_reflns_shell.number_measured_obs 
_reflns_shell.number_possible 
_reflns_shell.number_unique_all 
_reflns_shell.number_unique_obs 
_reflns_shell.percent_possible_all 
_reflns_shell.percent_possible_obs 
_reflns_shell.Rmerge_F_all 
_reflns_shell.Rmerge_F_obs 
_reflns_shell.Rmerge_I_all 
_reflns_shell.Rmerge_I_obs 
_reflns_shell.meanI_over_sigI_gt 
_reflns_shell.meanI_over_uI_all 
_reflns_shell.meanI_over_uI_gt 
_reflns_shell.number_measured_gt 
_reflns_shell.number_unique_gt 
_reflns_shell.percent_possible_gt 
_reflns_shell.Rmerge_F_gt 
_reflns_shell.Rmerge_I_gt 
_reflns_shell.pdbx_redundancy 
_reflns_shell.pdbx_Rsym_value 
_reflns_shell.pdbx_chi_squared 
_reflns_shell.pdbx_netI_over_sigmaI_all 
_reflns_shell.pdbx_netI_over_sigmaI_obs 
_reflns_shell.pdbx_Rrim_I_all 
_reflns_shell.pdbx_Rpim_I_all 
_reflns_shell.pdbx_rejects 
_reflns_shell.pdbx_ordinal 
_reflns_shell.pdbx_diffrn_id 
_reflns_shell.pdbx_CC_half 
_reflns_shell.pdbx_CC_star 
_reflns_shell.pdbx_R_split 
_reflns_shell.pdbx_percent_possible_ellipsoidal 
_reflns_shell.pdbx_percent_possible_spherical 
_reflns_shell.pdbx_percent_possible_ellipsoidal_anomalous 
_reflns_shell.pdbx_percent_possible_spherical_anomalous 
_reflns_shell.pdbx_redundancy_anomalous 
_reflns_shell.pdbx_CC_half_anomalous 
_reflns_shell.pdbx_absDiff_over_sigma_anomalous 
_reflns_shell.pdbx_percent_possible_anomalous 
1.810 1.860  ? ? 123186 ? ? ? 1600 100.000 ? ? ? ? 4.103 ? ? ? ? ? ? ? ? 77.000 ? ? ? 1.500   4.130 0.468 ? 1 1 0.847 ? ? ? ? ? ? 
? ? ? ? 
8.100 62.530 ? ? 19780  ? ? ? 323  98.500  ? ? ? ? 0.025 ? ? ? ? ? ? ? ? 61.200 ? ? ? 138.600 0.025 0.003 ? 2 1 1.000 ? ? ? ? ? ? 
? ? ? ? 
# 
_refine.aniso_B[1][1]                            ? 
_refine.aniso_B[1][2]                            ? 
_refine.aniso_B[1][3]                            ? 
_refine.aniso_B[2][2]                            ? 
_refine.aniso_B[2][3]                            ? 
_refine.aniso_B[3][3]                            ? 
_refine.B_iso_max                                84.030 
_refine.B_iso_mean                               34.6776 
_refine.B_iso_min                                23.380 
_refine.correlation_coeff_Fo_to_Fc               ? 
_refine.correlation_coeff_Fo_to_Fc_free          ? 
_refine.details                                  ? 
_refine.diff_density_max                         ? 
_refine.diff_density_max_esd                     ? 
_refine.diff_density_min                         ? 
_refine.diff_density_min_esd                     ? 
_refine.diff_density_rms                         ? 
_refine.diff_density_rms_esd                     ? 
_refine.entry_id                                 7PF8 
_refine.pdbx_refine_id                           'X-RAY DIFFRACTION' 
_refine.ls_abs_structure_details                 ? 
_refine.ls_abs_structure_Flack                   ? 
_refine.ls_abs_structure_Flack_esd               ? 
_refine.ls_abs_structure_Rogers                  ? 
_refine.ls_abs_structure_Rogers_esd              ? 
_refine.ls_d_res_high                            1.8500 
_refine.ls_d_res_low                             40.5720 
_refine.ls_extinction_coef                       ? 
_refine.ls_extinction_coef_esd                   ? 
_refine.ls_extinction_expression                 ? 
_refine.ls_extinction_method                     ? 
_refine.ls_goodness_of_fit_all                   ? 
_refine.ls_goodness_of_fit_all_esd               ? 
_refine.ls_goodness_of_fit_obs                   ? 
_refine.ls_goodness_of_fit_obs_esd               ? 
_refine.ls_hydrogen_treatment                    ? 
_refine.ls_matrix_type                           ? 
_refine.ls_number_constraints                    ? 
_refine.ls_number_parameters                     ? 
_refine.ls_number_reflns_all                     ? 
_refine.ls_number_reflns_obs                     20798 
_refine.ls_number_reflns_R_free                  1006 
_refine.ls_number_reflns_R_work                  19792 
_refine.ls_number_restraints                     ? 
_refine.ls_percent_reflns_obs                    99.9600 
_refine.ls_percent_reflns_R_free                 4.8400 
_refine.ls_R_factor_all                          ? 
_refine.ls_R_factor_obs                          0.1940 
_refine.ls_R_factor_R_free                       0.2164 
_refine.ls_R_factor_R_free_error                 ? 
_refine.ls_R_factor_R_free_error_details         ? 
_refine.ls_R_factor_R_work                       0.1928 
_refine.ls_R_Fsqd_factor_obs                     ? 
_refine.ls_R_I_factor_obs                        ? 
_refine.ls_redundancy_reflns_all                 ? 
_refine.ls_redundancy_reflns_obs                 ? 
_refine.ls_restrained_S_all                      ? 
_refine.ls_restrained_S_obs                      ? 
_refine.ls_shift_over_esd_max                    ? 
_refine.ls_shift_over_esd_mean                   ? 
_refine.ls_structure_factor_coef                 ? 
_refine.ls_weighting_details                     ? 
_refine.ls_weighting_scheme                      ? 
_refine.ls_wR_factor_all                         ? 
_refine.ls_wR_factor_obs                         ? 
_refine.ls_wR_factor_R_free                      ? 
_refine.ls_wR_factor_R_work                      ? 
_refine.occupancy_max                            ? 
_refine.occupancy_min                            ? 
_refine.solvent_model_details                    'FLAT BULK SOLVENT MODEL' 
_refine.solvent_model_param_bsol                 ? 
_refine.solvent_model_param_ksol                 ? 
_refine.pdbx_R_complete                          ? 
_refine.ls_R_factor_gt                           ? 
_refine.ls_goodness_of_fit_gt                    ? 
_refine.ls_goodness_of_fit_ref                   ? 
_refine.ls_shift_over_su_max                     ? 
_refine.ls_shift_over_su_max_lt                  ? 
_refine.ls_shift_over_su_mean                    ? 
_refine.ls_shift_over_su_mean_lt                 ? 
_refine.pdbx_ls_sigma_I                          ? 
_refine.pdbx_ls_sigma_F                          1.350 
_refine.pdbx_ls_sigma_Fsqd                       ? 
_refine.pdbx_data_cutoff_high_absF               ? 
_refine.pdbx_data_cutoff_high_rms_absF           ? 
_refine.pdbx_data_cutoff_low_absF                ? 
_refine.pdbx_isotropic_thermal_model             ? 
_refine.pdbx_ls_cross_valid_method               THROUGHOUT 
_refine.pdbx_method_to_determine_struct          'MOLECULAR REPLACEMENT' 
_refine.pdbx_starting_model                      'pdbid 5OUW' 
_refine.pdbx_stereochemistry_target_values       ML 
_refine.pdbx_R_Free_selection_details            ? 
_refine.pdbx_stereochem_target_val_spec_case     ? 
_refine.pdbx_overall_ESU_R                       ? 
_refine.pdbx_overall_ESU_R_Free                  ? 
_refine.pdbx_solvent_vdw_probe_radii             1.1100 
_refine.pdbx_solvent_ion_probe_radii             ? 
_refine.pdbx_solvent_shrinkage_radii             0.9000 
_refine.pdbx_real_space_R                        ? 
_refine.pdbx_density_correlation                 ? 
_refine.pdbx_pd_number_of_powder_patterns        ? 
_refine.pdbx_pd_number_of_points                 ? 
_refine.pdbx_pd_meas_number_of_points            ? 
_refine.pdbx_pd_proc_ls_prof_R_factor            ? 
_refine.pdbx_pd_proc_ls_prof_wR_factor           ? 
_refine.pdbx_pd_Marquardt_correlation_coeff      ? 
_refine.pdbx_pd_Fsqrd_R_factor                   ? 
_refine.pdbx_pd_ls_matrix_band_width             ? 
_refine.pdbx_overall_phase_error                 27.9500 
_refine.pdbx_overall_SU_R_free_Cruickshank_DPI   ? 
_refine.pdbx_overall_SU_R_free_Blow_DPI          ? 
_refine.pdbx_overall_SU_R_Blow_DPI               ? 
_refine.pdbx_TLS_residual_ADP_flag               ? 
_refine.pdbx_diffrn_id                           1 
_refine.overall_SU_B                             ? 
_refine.overall_SU_ML                            0.2100 
_refine.overall_SU_R_Cruickshank_DPI             ? 
_refine.overall_SU_R_free                        ? 
_refine.overall_FOM_free_R_set                   ? 
_refine.overall_FOM_work_R_set                   ? 
_refine.pdbx_average_fsc_overall                 ? 
_refine.pdbx_average_fsc_work                    ? 
_refine.pdbx_average_fsc_free                    ? 
# 
_refine_hist.pdbx_refine_id                   'X-RAY DIFFRACTION' 
_refine_hist.cycle_id                         final 
_refine_hist.details                          ? 
_refine_hist.d_res_high                       1.8500 
_refine_hist.d_res_low                        40.5720 
_refine_hist.number_atoms_solvent             175 
_refine_hist.number_atoms_total               1570 
_refine_hist.number_reflns_all                ? 
_refine_hist.number_reflns_obs                ? 
_refine_hist.number_reflns_R_free             ? 
_refine_hist.number_reflns_R_work             ? 
_refine_hist.R_factor_all                     ? 
_refine_hist.R_factor_obs                     ? 
_refine_hist.R_factor_R_free                  ? 
_refine_hist.R_factor_R_work                  ? 
_refine_hist.pdbx_number_residues_total       178 
_refine_hist.pdbx_B_iso_mean_ligand           51.58 
_refine_hist.pdbx_B_iso_mean_solvent          42.60 
_refine_hist.pdbx_number_atoms_protein        1389 
_refine_hist.pdbx_number_atoms_nucleic_acid   0 
_refine_hist.pdbx_number_atoms_ligand         6 
_refine_hist.pdbx_number_atoms_lipid          ? 
_refine_hist.pdbx_number_atoms_carb           ? 
_refine_hist.pdbx_pseudo_atom_details         ? 
# 
loop_
_refine_ls_restr.pdbx_refine_id 
_refine_ls_restr.criterion 
_refine_ls_restr.dev_ideal 
_refine_ls_restr.dev_ideal_target 
_refine_ls_restr.number 
_refine_ls_restr.rejects 
_refine_ls_restr.type 
_refine_ls_restr.weight 
_refine_ls_restr.pdbx_restraint_function 
'X-RAY DIFFRACTION' ? 0.007  ? 1435 ? f_bond_d           ? ? 
'X-RAY DIFFRACTION' ? 0.708  ? 1954 ? f_angle_d          ? ? 
'X-RAY DIFFRACTION' ? 0.044  ? 219  ? f_chiral_restr     ? ? 
'X-RAY DIFFRACTION' ? 0.005  ? 261  ? f_plane_restr      ? ? 
'X-RAY DIFFRACTION' ? 14.583 ? 872  ? f_dihedral_angle_d ? ? 
# 
loop_
_refine_ls_shell.pdbx_refine_id 
_refine_ls_shell.d_res_high 
_refine_ls_shell.d_res_low 
_refine_ls_shell.number_reflns_all 
_refine_ls_shell.number_reflns_obs 
_refine_ls_shell.number_reflns_R_free 
_refine_ls_shell.number_reflns_R_work 
_refine_ls_shell.percent_reflns_obs 
_refine_ls_shell.percent_reflns_R_free 
_refine_ls_shell.R_factor_all 
_refine_ls_shell.R_factor_obs 
_refine_ls_shell.R_factor_R_free 
_refine_ls_shell.R_factor_R_free_error 
_refine_ls_shell.R_factor_R_work 
_refine_ls_shell.redundancy_reflns_all 
_refine_ls_shell.redundancy_reflns_obs 
_refine_ls_shell.wR_factor_all 
_refine_ls_shell.wR_factor_obs 
_refine_ls_shell.wR_factor_R_free 
_refine_ls_shell.wR_factor_R_work 
_refine_ls_shell.pdbx_R_complete 
_refine_ls_shell.pdbx_total_number_of_bins_used 
_refine_ls_shell.pdbx_phase_error 
_refine_ls_shell.pdbx_fsc_work 
_refine_ls_shell.pdbx_fsc_free 
'X-RAY DIFFRACTION' 1.8502 1.9478  . . 135 2754 100.0000 . . . 0.4224 0.0000 0.3096 . . . . . . . . . . . 
'X-RAY DIFFRACTION' 1.9478 2.0698  . . 137 2759 100.0000 . . . 0.3107 0.0000 0.2763 . . . . . . . . . . . 
'X-RAY DIFFRACTION' 2.0698 2.2296  . . 154 2763 100.0000 . . . 0.3178 0.0000 0.2429 . . . . . . . . . . . 
'X-RAY DIFFRACTION' 2.2296 2.4540  . . 137 2806 100.0000 . . . 0.2658 0.0000 0.2305 . . . . . . . . . . . 
'X-RAY DIFFRACTION' 2.4540 2.8090  . . 120 2821 100.0000 . . . 0.2539 0.0000 0.2151 . . . . . . . . . . . 
'X-RAY DIFFRACTION' 2.8090 3.5387  . . 169 2848 100.0000 . . . 0.1971 0.0000 0.1804 . . . . . . . . . . . 
'X-RAY DIFFRACTION' 3.5387 40.5720 . . 154 3041 100.0000 . . . 0.1736 0.0000 0.1641 . . . . . . . . . . . 
# 
_struct.entry_id                     7PF8 
_struct.title                        'SynFtn Variant E141A' 
_struct.pdbx_model_details           'structure determined from crystals of SynFtn D65A that have not been soaked in Fe2+' 
_struct.pdbx_formula_weight          ? 
_struct.pdbx_formula_weight_method   ? 
_struct.pdbx_model_type_details      ? 
_struct.pdbx_CASP_flag               N 
# 
_struct_keywords.entry_id        7PF8 
_struct_keywords.text            'iron binding protein, METAL BINDING PROTEIN' 
_struct_keywords.pdbx_keywords   'METAL BINDING PROTEIN' 
# 
loop_
_struct_asym.id 
_struct_asym.pdbx_blank_PDB_chainid_flag 
_struct_asym.pdbx_modified 
_struct_asym.entity_id 
_struct_asym.details 
A N N 1 ? 
B N N 2 ? 
C N N 2 ? 
D N N 2 ? 
E N N 2 ? 
F N N 3 ? 
G N N 3 ? 
H N N 4 ? 
# 
_struct_ref.id                         1 
_struct_ref.db_name                    UNP 
_struct_ref.db_code                    Q0I9X8_SYNS3 
_struct_ref.pdbx_db_accession          Q0I9X8 
_struct_ref.pdbx_db_isoform            ? 
_struct_ref.entity_id                  1 
_struct_ref.pdbx_seq_one_letter_code   
;MATDVAQGPNGRALAESMNPDLLSAIQQHISIERYASVTYLAMSIWCAERELAGFYQFFDGEAKDEQSHAVHFTQYLIAR
SQSNDLQTLDAPRQNWDSLASLMATAFQMEADTTSSIQSVYALAERNSDTRTTVFLDPLIEAQIQSEDQFAYLLGRVKFA
NGDPTALLVIDNELRAGQTQRG
;
_struct_ref.pdbx_align_begin           1 
# 
_struct_ref_seq.align_id                      1 
_struct_ref_seq.ref_id                        1 
_struct_ref_seq.pdbx_PDB_id_code              7PF8 
_struct_ref_seq.pdbx_strand_id                A 
_struct_ref_seq.seq_align_beg                 1 
_struct_ref_seq.pdbx_seq_align_beg_ins_code   ? 
_struct_ref_seq.seq_align_end                 182 
_struct_ref_seq.pdbx_seq_align_end_ins_code   ? 
_struct_ref_seq.pdbx_db_accession             Q0I9X8 
_struct_ref_seq.db_align_beg                  1 
_struct_ref_seq.pdbx_db_align_beg_ins_code    ? 
_struct_ref_seq.db_align_end                  182 
_struct_ref_seq.pdbx_db_align_end_ins_code    ? 
_struct_ref_seq.pdbx_auth_seq_align_beg       1 
_struct_ref_seq.pdbx_auth_seq_align_end       182 
# 
_struct_ref_seq_dif.align_id                     1 
_struct_ref_seq_dif.pdbx_pdb_id_code             7PF8 
_struct_ref_seq_dif.mon_id                       ALA 
_struct_ref_seq_dif.pdbx_pdb_strand_id           A 
_struct_ref_seq_dif.seq_num                      141 
_struct_ref_seq_dif.pdbx_pdb_ins_code            ? 
_struct_ref_seq_dif.pdbx_seq_db_name             UNP 
_struct_ref_seq_dif.pdbx_seq_db_accession_code   Q0I9X8 
_struct_ref_seq_dif.db_mon_id                    GLU 
_struct_ref_seq_dif.pdbx_seq_db_seq_num          141 
_struct_ref_seq_dif.details                      'engineered mutation' 
_struct_ref_seq_dif.pdbx_auth_seq_num            141 
_struct_ref_seq_dif.pdbx_ordinal                 1 
# 
_pdbx_struct_assembly.id                   1 
_pdbx_struct_assembly.details              author_and_software_defined_assembly 
_pdbx_struct_assembly.method_details       PISA 
_pdbx_struct_assembly.oligomeric_details   24-meric 
_pdbx_struct_assembly.oligomeric_count     24 
# 
loop_
_pdbx_struct_assembly_prop.biol_id 
_pdbx_struct_assembly_prop.type 
_pdbx_struct_assembly_prop.value 
_pdbx_struct_assembly_prop.details 
1 'ABSA (A^2)' 103950 ? 
1 MORE         -1276  ? 
1 'SSA (A^2)'  130320 ? 
# 
_pdbx_struct_assembly_gen.assembly_id       1 
_pdbx_struct_assembly_gen.oper_expression   1,2,3,4,5,6,7,8,9,10,11,12,13,14,15,16,17,18,19,20,21,22,23,24 
_pdbx_struct_assembly_gen.asym_id_list      A,B,C,D,E,F,G,H 
# 
_pdbx_struct_assembly_auth_evidence.id                     1 
_pdbx_struct_assembly_auth_evidence.assembly_id            1 
_pdbx_struct_assembly_auth_evidence.experimental_support   'gel filtration' 
_pdbx_struct_assembly_auth_evidence.details                ? 
# 
loop_
_pdbx_struct_oper_list.id 
_pdbx_struct_oper_list.type 
_pdbx_struct_oper_list.name 
_pdbx_struct_oper_list.symmetry_operation 
_pdbx_struct_oper_list.matrix[1][1] 
_pdbx_struct_oper_list.matrix[1][2] 
_pdbx_struct_oper_list.matrix[1][3] 
_pdbx_struct_oper_list.vector[1] 
_pdbx_struct_oper_list.matrix[2][1] 
_pdbx_struct_oper_list.matrix[2][2] 
_pdbx_struct_oper_list.matrix[2][3] 
_pdbx_struct_oper_list.vector[2] 
_pdbx_struct_oper_list.matrix[3][1] 
_pdbx_struct_oper_list.matrix[3][2] 
_pdbx_struct_oper_list.matrix[3][3] 
_pdbx_struct_oper_list.vector[3] 
1  'identity operation'         1_555  x,y,z            1.0000000000  0.0000000000  0.0000000000  0.0000000000  0.0000000000  1.0000000000  0.0000000000  0.0000000000   0.0000000000  0.0000000000  1.0000000000  0.0000000000   
2  'crystal symmetry operation' 2_545  -x,-y-1,z        -0.9832212981 0.0335950658  -0.1792965436 92.8776508013 0.0335950658  -0.9327344599 -0.3589955414 16.1299254978  -0.1792965436 -0.3589955414 0.9159557580  11.7138472599  
3  'crystal symmetry operation' 3_555  -x,y,-z          -0.1240243185 0.9572470127  0.2613352733  41.0554986878 0.9572470127  0.0460585410  0.2855814550  -42.2209766620 0.2613352733  0.2855814550  -0.9220342225 17.0366796843  
4  'crystal symmetry operation' 4_545  x,-y-1,-z        0.1072456166  -0.9908420785 -0.0820387297 48.0379758169 -0.9908420785 -0.1133240811 0.0734140864  50.7740554952  -0.0820387297 0.0734140864  -0.9939215355 35.1147254800  
5  'crystal symmetry operation' 21_555 z,y,-x           0.4379878408  0.6760643551  -0.5925399895 30.8563504126 0.2811826576  0.5230292705  0.8045972255  -22.6949647378 0.8538752628  -0.5190157705 0.0389828887  -20.2985433836 
6  'crystal symmetry operation' 22_545 z,-y-1,x         -0.3016861748 -0.4031550764 -0.8639742104 75.4995768879 -0.4031550764 -0.7672478909 0.4987952068  21.2819721220  -0.8639742104 0.4987952068  0.0689340656  51.0923389956  
7  'crystal symmetry operation' 23_555 -z,y,x           0.4379878408  0.2811826576  0.8538752628  10.1991482752 0.6760643551  0.5230292705  -0.5190157705 -19.5260119242 -0.5925399895 0.8045972255  0.0389828887  37.3352230679  
8  'crystal symmetry operation' 24_545 -z,-y-1,-x       -0.5742895067 -0.5540919363 0.6026389372  65.4160497303 -0.5540919363 -0.2788106501 -0.7843766618 45.6220088711  0.6026389372  -0.7843766618 -0.1468998431 -4.2637662556  
9  'crystal symmetry operation' 29_545 z,x-1/2,y+1/2    0.6211905825  -0.2379590957 -0.7466577054 30.6228510515 0.5984927317  -0.4710164122 0.6480354848  -28.4965603040 -0.5058939715 -0.8494227500 -0.1501741703 46.6201411015  
10 'crystal symmetry operation' 30_544 z,-x-1/2,-y-1/2  -0.4848889165 0.5108683743  -0.7098564945 75.7330762490 -0.7204651505 0.2267977918  0.6553569474  27.0835676882  0.4957950238  0.8292021863  0.2580911246  -15.8263454896 
11 'crystal symmetry operation' 31_545 -z,-x-1/2,y+1/2  -0.4999563676 0.3704411867  0.7828262628  53.4524374583 -0.3557521762 0.7362779674  -0.5756171851 27.0020031824  -0.7896100428 -0.5662756236 -0.2363215998 59.1554006882  
12 'crystal symmetry operation' 32_544 -z,x-1/2,-y-1/2  0.3636547016  -0.6433504654 0.6736879372  22.1627605473 0.4777245950  -0.4920593471 -0.7277752471 -0.9060062355  0.7997089904  0.5864961873  0.1284046455  -26.0839438759 
13 'crystal symmetry operation' 41_544 x,z-1/2,-y-1/2   0.5536228083  -0.4402918070 -0.7068556506 34.3097497552 -0.5505502715 0.4433379595  -0.7073512934 39.7748782255  0.6248169210  0.7807653798  0.0030392322  -17.3247805947 
14 'crystal symmetry operation' 42_545 -x,z-1/2,y+1/2   -0.4323885934 0.6830323625  -0.5886483636 70.3470624481 0.6830323625  -0.1780764042 -0.7083470802 -12.4937343914 -0.5886483636 -0.7083470802 -0.3895350023 53.3360357149  
15 'crystal symmetry operation' 43_544 -x,-z-1/2,-y-1/2 -0.6748570231 0.3078097160  0.6706870933  63.5860870411 0.3078097160  -0.7085995147 0.6349329937  -13.5973167728 0.6706870933  0.6349329937  0.3834565378  -24.5855087707 
16 'crystal symmetry operation' 44_545 x,-z-1/2,y+1/2   0.5536228083  -0.5505502715 0.6248169210  13.7282260617 -0.4402918070 0.4433379595  0.7807653798  10.9991772697  -0.7068556506 -0.7073512934 0.0030392322  52.4395060748  
17 'crystal symmetry operation' 81_545 y+1/2,z-1/2,x    0.6211905825  0.5984927317  -0.5058939715 21.6172058714 -0.2379590957 -0.4710164122 -0.8494227500 33.4648468081  -0.7466577054 0.6480354848  -0.1501741703 48.3327109775  
18 'crystal symmetry operation' 82_445 -y-1/2,z-1/2,-x  -0.4999563676 -0.3557521762 -0.7896100428 83.0396063319 0.3704411867  0.7362779674  -0.5662756236 -6.1837029740  0.7828262628  -0.5756171851 -0.2363215998 -12.3214558573 
19 'crystal symmetry operation' 83_545 y+1/2,-z-1/2,-x  0.3636547016  0.4777245950  0.7997089904  13.2327938110 -0.6433504654 -0.4920593471 0.5864961873  29.1107471072  0.6736879372  -0.7277752471 0.1284046455  -12.2408537819 
20 'crystal symmetry operation' 84_445 -y-1/2,-z-1/2,x  -0.4848889165 -0.7204651505 0.4957950238  64.0815192917 0.5108683743  0.2267977918  0.8292021863  -31.7088866103 -0.7098564945 0.6553569474  0.2580911246  40.0948510860  
21 'crystal symmetry operation' 85_545 y+1/2,x-1/2,-z   0.9764559331  0.0806563499  0.2000708972  -2.6210197601 0.0806563499  -0.9967085293 0.0081646082  8.5215509390   0.2000708972  0.0081646082  -0.9797474038 22.4571035806  
22 'crystal symmetry operation' 86_445 -y-1/2,-x-1/2,-z -0.9932346350 -0.1142514157 -0.0207743535 91.7144942648 -0.1142514157 0.9294429893  0.3508309333  0.0315278942   -0.0207743535 0.3508309333  -0.9362083542 29.6943015837  
23 'crystal symmetry operation' 87_545 y+1/2,-x-1/2,z   0.0083893510  0.9955609767  0.0937441218  37.4710194425 -0.9619659109 0.0336327700  -0.2710911709 54.0540429763  -0.2730406654 -0.0879043705 0.9579778790  13.6347536149  
24 'crystal symmetry operation' 88_445 -y-1/2,x-1/2,z   0.0083893510  -0.9619659109 -0.2730406654 55.4066313589 0.9955609767  0.0336327700  -0.0879043705 -37.9241174785 0.0937441218  -0.2710911709 0.9579778790  -1.9209063550   
# 
loop_
_struct_conf.conf_type_id 
_struct_conf.id 
_struct_conf.pdbx_PDB_helix_id 
_struct_conf.beg_label_comp_id 
_struct_conf.beg_label_asym_id 
_struct_conf.beg_label_seq_id 
_struct_conf.pdbx_beg_PDB_ins_code 
_struct_conf.end_label_comp_id 
_struct_conf.end_label_asym_id 
_struct_conf.end_label_seq_id 
_struct_conf.pdbx_end_PDB_ins_code 
_struct_conf.beg_auth_comp_id 
_struct_conf.beg_auth_asym_id 
_struct_conf.beg_auth_seq_id 
_struct_conf.end_auth_comp_id 
_struct_conf.end_auth_asym_id 
_struct_conf.end_auth_seq_id 
_struct_conf.pdbx_PDB_helix_class 
_struct_conf.details 
_struct_conf.pdbx_PDB_helix_length 
HELX_P HELX_P1 AA1 ASN A 19  ? ARG A 50  ? ASN A 19  ARG A 50  1 ? 32 
HELX_P HELX_P2 AA2 LEU A 52  ? ARG A 80  ? LEU A 52  ARG A 80  1 ? 29 
HELX_P HELX_P3 AA3 SER A 98  ? ASN A 127 ? SER A 98  ASN A 127 1 ? 30 
HELX_P HELX_P4 AA4 ASP A 129 ? ASN A 161 ? ASP A 129 ASN A 161 1 ? 33 
HELX_P HELX_P5 AA5 ASP A 163 ? ALA A 176 ? ASP A 163 ALA A 176 1 ? 14 
# 
_struct_conf_type.id          HELX_P 
_struct_conf_type.criteria    ? 
_struct_conf_type.reference   ? 
# 
loop_
_struct_conn.id 
_struct_conn.conn_type_id 
_struct_conn.pdbx_leaving_atom_flag 
_struct_conn.pdbx_PDB_id 
_struct_conn.ptnr1_label_asym_id 
_struct_conn.ptnr1_label_comp_id 
_struct_conn.ptnr1_label_seq_id 
_struct_conn.ptnr1_label_atom_id 
_struct_conn.pdbx_ptnr1_label_alt_id 
_struct_conn.pdbx_ptnr1_PDB_ins_code 
_struct_conn.pdbx_ptnr1_standard_comp_id 
_struct_conn.ptnr1_symmetry 
_struct_conn.ptnr2_label_asym_id 
_struct_conn.ptnr2_label_comp_id 
_struct_conn.ptnr2_label_seq_id 
_struct_conn.ptnr2_label_atom_id 
_struct_conn.pdbx_ptnr2_label_alt_id 
_struct_conn.pdbx_ptnr2_PDB_ins_code 
_struct_conn.ptnr1_auth_asym_id 
_struct_conn.ptnr1_auth_comp_id 
_struct_conn.ptnr1_auth_seq_id 
_struct_conn.ptnr2_auth_asym_id 
_struct_conn.ptnr2_auth_comp_id 
_struct_conn.ptnr2_auth_seq_id 
_struct_conn.ptnr2_symmetry 
_struct_conn.pdbx_ptnr3_label_atom_id 
_struct_conn.pdbx_ptnr3_label_seq_id 
_struct_conn.pdbx_ptnr3_label_comp_id 
_struct_conn.pdbx_ptnr3_label_asym_id 
_struct_conn.pdbx_ptnr3_label_alt_id 
_struct_conn.pdbx_ptnr3_PDB_ins_code 
_struct_conn.details 
_struct_conn.pdbx_dist_value 
_struct_conn.pdbx_value_order 
_struct_conn.pdbx_role 
metalc1 metalc ? ? A GLU 49  OE1 ? ? ? 1_555 E NA  . NA ? ? A GLU 49  A NA  204 1_555  ? ? ? ? ? ? ? 2.750 ? ? 
metalc2 metalc ? ? A GLN 94  O   ? ? ? 1_555 E NA  . NA ? ? A GLN 94  A NA  204 1_555  ? ? ? ? ? ? ? 2.991 ? ? 
metalc3 metalc ? ? A ASP 137 OD2 ? ? ? 1_555 D NA  . NA ? ? A ASP 137 A NA  203 1_555  ? ? ? ? ? ? ? 2.935 ? ? 
metalc4 metalc ? ? A ASP 137 OD2 ? ? ? 1_555 D NA  . NA ? ? A ASP 137 A NA  203 32_544 ? ? ? ? ? ? ? 2.935 ? ? 
metalc5 metalc ? ? E NA  .   NA  ? ? ? 1_555 H HOH . O  ? ? A NA  204 A HOH 382 1_555  ? ? ? ? ? ? ? 3.061 ? ? 
# 
_struct_conn_type.id          metalc 
_struct_conn_type.criteria    ? 
_struct_conn_type.reference   ? 
# 
loop_
_pdbx_struct_conn_angle.id 
_pdbx_struct_conn_angle.ptnr1_label_atom_id 
_pdbx_struct_conn_angle.ptnr1_label_alt_id 
_pdbx_struct_conn_angle.ptnr1_label_asym_id 
_pdbx_struct_conn_angle.ptnr1_label_comp_id 
_pdbx_struct_conn_angle.ptnr1_label_seq_id 
_pdbx_struct_conn_angle.ptnr1_auth_atom_id 
_pdbx_struct_conn_angle.ptnr1_auth_asym_id 
_pdbx_struct_conn_angle.ptnr1_auth_comp_id 
_pdbx_struct_conn_angle.ptnr1_auth_seq_id 
_pdbx_struct_conn_angle.ptnr1_PDB_ins_code 
_pdbx_struct_conn_angle.ptnr1_symmetry 
_pdbx_struct_conn_angle.ptnr2_label_atom_id 
_pdbx_struct_conn_angle.ptnr2_label_alt_id 
_pdbx_struct_conn_angle.ptnr2_label_asym_id 
_pdbx_struct_conn_angle.ptnr2_label_comp_id 
_pdbx_struct_conn_angle.ptnr2_label_seq_id 
_pdbx_struct_conn_angle.ptnr2_auth_atom_id 
_pdbx_struct_conn_angle.ptnr2_auth_asym_id 
_pdbx_struct_conn_angle.ptnr2_auth_comp_id 
_pdbx_struct_conn_angle.ptnr2_auth_seq_id 
_pdbx_struct_conn_angle.ptnr2_PDB_ins_code 
_pdbx_struct_conn_angle.ptnr2_symmetry 
_pdbx_struct_conn_angle.ptnr3_label_atom_id 
_pdbx_struct_conn_angle.ptnr3_label_alt_id 
_pdbx_struct_conn_angle.ptnr3_label_asym_id 
_pdbx_struct_conn_angle.ptnr3_label_comp_id 
_pdbx_struct_conn_angle.ptnr3_label_seq_id 
_pdbx_struct_conn_angle.ptnr3_auth_atom_id 
_pdbx_struct_conn_angle.ptnr3_auth_asym_id 
_pdbx_struct_conn_angle.ptnr3_auth_comp_id 
_pdbx_struct_conn_angle.ptnr3_auth_seq_id 
_pdbx_struct_conn_angle.ptnr3_PDB_ins_code 
_pdbx_struct_conn_angle.ptnr3_symmetry 
_pdbx_struct_conn_angle.value 
_pdbx_struct_conn_angle.value_esd 
1 OE1 ? A GLU 49  ? A GLU 49  ? 1_555 NA ? E NA . ? A NA 204 ? 1_555 O   ? A GLN 94  ? A GLN 94  ? 1_555 158.2 ? 
2 OE1 ? A GLU 49  ? A GLU 49  ? 1_555 NA ? E NA . ? A NA 204 ? 1_555 O   ? H HOH .   ? A HOH 382 ? 1_555 119.7 ? 
3 O   ? A GLN 94  ? A GLN 94  ? 1_555 NA ? E NA . ? A NA 204 ? 1_555 O   ? H HOH .   ? A HOH 382 ? 1_555 61.1  ? 
4 OD2 ? A ASP 137 ? A ASP 137 ? 1_555 NA ? D NA . ? A NA 203 ? 1_555 OD2 ? A ASP 137 ? A ASP 137 ? 1_555 0.0   ? 
# 
_pdbx_validate_symm_contact.id                1 
_pdbx_validate_symm_contact.PDB_model_num     1 
_pdbx_validate_symm_contact.auth_atom_id_1    O 
_pdbx_validate_symm_contact.auth_asym_id_1    A 
_pdbx_validate_symm_contact.auth_comp_id_1    HOH 
_pdbx_validate_symm_contact.auth_seq_id_1     363 
_pdbx_validate_symm_contact.PDB_ins_code_1    ? 
_pdbx_validate_symm_contact.label_alt_id_1    ? 
_pdbx_validate_symm_contact.site_symmetry_1   1_555 
_pdbx_validate_symm_contact.auth_atom_id_2    O 
_pdbx_validate_symm_contact.auth_asym_id_2    A 
_pdbx_validate_symm_contact.auth_comp_id_2    HOH 
_pdbx_validate_symm_contact.auth_seq_id_2     438 
_pdbx_validate_symm_contact.PDB_ins_code_2    ? 
_pdbx_validate_symm_contact.label_alt_id_2    ? 
_pdbx_validate_symm_contact.site_symmetry_2   85_545 
_pdbx_validate_symm_contact.dist              2.19 
# 
loop_
_pdbx_struct_special_symmetry.id 
_pdbx_struct_special_symmetry.PDB_model_num 
_pdbx_struct_special_symmetry.auth_asym_id 
_pdbx_struct_special_symmetry.auth_comp_id 
_pdbx_struct_special_symmetry.auth_seq_id 
_pdbx_struct_special_symmetry.PDB_ins_code 
_pdbx_struct_special_symmetry.label_asym_id 
_pdbx_struct_special_symmetry.label_comp_id 
_pdbx_struct_special_symmetry.label_seq_id 
1 1 A NA  202 ? C NA  . 
2 1 A NA  203 ? D NA  . 
3 1 A HOH 470 ? H HOH . 
4 1 A HOH 474 ? H HOH . 
5 1 A HOH 475 ? H HOH . 
# 
_pdbx_entry_details.entry_id                 7PF8 
_pdbx_entry_details.has_ligand_of_interest   N 
_pdbx_entry_details.compound_details         ? 
_pdbx_entry_details.source_details           ? 
_pdbx_entry_details.nonpolymer_details       ? 
_pdbx_entry_details.sequence_details         ? 
# 
loop_
_pdbx_distant_solvent_atoms.id 
_pdbx_distant_solvent_atoms.PDB_model_num 
_pdbx_distant_solvent_atoms.auth_atom_id 
_pdbx_distant_solvent_atoms.label_alt_id 
_pdbx_distant_solvent_atoms.auth_asym_id 
_pdbx_distant_solvent_atoms.auth_comp_id 
_pdbx_distant_solvent_atoms.auth_seq_id 
_pdbx_distant_solvent_atoms.PDB_ins_code 
_pdbx_distant_solvent_atoms.neighbor_macromolecule_distance 
_pdbx_distant_solvent_atoms.neighbor_ligand_distance 
1 1 O ? A HOH 474 ? 5.90 . 
2 1 O ? A HOH 475 ? 6.83 . 
# 
loop_
_pdbx_unobs_or_zero_occ_residues.id 
_pdbx_unobs_or_zero_occ_residues.PDB_model_num 
_pdbx_unobs_or_zero_occ_residues.polymer_flag 
_pdbx_unobs_or_zero_occ_residues.occupancy_flag 
_pdbx_unobs_or_zero_occ_residues.auth_asym_id 
_pdbx_unobs_or_zero_occ_residues.auth_comp_id 
_pdbx_unobs_or_zero_occ_residues.auth_seq_id 
_pdbx_unobs_or_zero_occ_residues.PDB_ins_code 
_pdbx_unobs_or_zero_occ_residues.label_asym_id 
_pdbx_unobs_or_zero_occ_residues.label_comp_id 
_pdbx_unobs_or_zero_occ_residues.label_seq_id 
1 1 Y 1 A MET 1 ? A MET 1 
2 1 Y 1 A ALA 2 ? A ALA 2 
3 1 Y 1 A THR 3 ? A THR 3 
4 1 Y 1 A ASP 4 ? A ASP 4 
# 
loop_
_chem_comp_atom.comp_id 
_chem_comp_atom.atom_id 
_chem_comp_atom.type_symbol 
_chem_comp_atom.pdbx_aromatic_flag 
_chem_comp_atom.pdbx_stereo_config 
_chem_comp_atom.pdbx_ordinal 
ALA N    N  N N 1   
ALA CA   C  N S 2   
ALA C    C  N N 3   
ALA O    O  N N 4   
ALA CB   C  N N 5   
ALA OXT  O  N N 6   
ALA H    H  N N 7   
ALA H2   H  N N 8   
ALA HA   H  N N 9   
ALA HB1  H  N N 10  
ALA HB2  H  N N 11  
ALA HB3  H  N N 12  
ALA HXT  H  N N 13  
ARG N    N  N N 14  
ARG CA   C  N S 15  
ARG C    C  N N 16  
ARG O    O  N N 17  
ARG CB   C  N N 18  
ARG CG   C  N N 19  
ARG CD   C  N N 20  
ARG NE   N  N N 21  
ARG CZ   C  N N 22  
ARG NH1  N  N N 23  
ARG NH2  N  N N 24  
ARG OXT  O  N N 25  
ARG H    H  N N 26  
ARG H2   H  N N 27  
ARG HA   H  N N 28  
ARG HB2  H  N N 29  
ARG HB3  H  N N 30  
ARG HG2  H  N N 31  
ARG HG3  H  N N 32  
ARG HD2  H  N N 33  
ARG HD3  H  N N 34  
ARG HE   H  N N 35  
ARG HH11 H  N N 36  
ARG HH12 H  N N 37  
ARG HH21 H  N N 38  
ARG HH22 H  N N 39  
ARG HXT  H  N N 40  
ASN N    N  N N 41  
ASN CA   C  N S 42  
ASN C    C  N N 43  
ASN O    O  N N 44  
ASN CB   C  N N 45  
ASN CG   C  N N 46  
ASN OD1  O  N N 47  
ASN ND2  N  N N 48  
ASN OXT  O  N N 49  
ASN H    H  N N 50  
ASN H2   H  N N 51  
ASN HA   H  N N 52  
ASN HB2  H  N N 53  
ASN HB3  H  N N 54  
ASN HD21 H  N N 55  
ASN HD22 H  N N 56  
ASN HXT  H  N N 57  
ASP N    N  N N 58  
ASP CA   C  N S 59  
ASP C    C  N N 60  
ASP O    O  N N 61  
ASP CB   C  N N 62  
ASP CG   C  N N 63  
ASP OD1  O  N N 64  
ASP OD2  O  N N 65  
ASP OXT  O  N N 66  
ASP H    H  N N 67  
ASP H2   H  N N 68  
ASP HA   H  N N 69  
ASP HB2  H  N N 70  
ASP HB3  H  N N 71  
ASP HD2  H  N N 72  
ASP HXT  H  N N 73  
CL  CL   CL N N 74  
CYS N    N  N N 75  
CYS CA   C  N R 76  
CYS C    C  N N 77  
CYS O    O  N N 78  
CYS CB   C  N N 79  
CYS SG   S  N N 80  
CYS OXT  O  N N 81  
CYS H    H  N N 82  
CYS H2   H  N N 83  
CYS HA   H  N N 84  
CYS HB2  H  N N 85  
CYS HB3  H  N N 86  
CYS HG   H  N N 87  
CYS HXT  H  N N 88  
GLN N    N  N N 89  
GLN CA   C  N S 90  
GLN C    C  N N 91  
GLN O    O  N N 92  
GLN CB   C  N N 93  
GLN CG   C  N N 94  
GLN CD   C  N N 95  
GLN OE1  O  N N 96  
GLN NE2  N  N N 97  
GLN OXT  O  N N 98  
GLN H    H  N N 99  
GLN H2   H  N N 100 
GLN HA   H  N N 101 
GLN HB2  H  N N 102 
GLN HB3  H  N N 103 
GLN HG2  H  N N 104 
GLN HG3  H  N N 105 
GLN HE21 H  N N 106 
GLN HE22 H  N N 107 
GLN HXT  H  N N 108 
GLU N    N  N N 109 
GLU CA   C  N S 110 
GLU C    C  N N 111 
GLU O    O  N N 112 
GLU CB   C  N N 113 
GLU CG   C  N N 114 
GLU CD   C  N N 115 
GLU OE1  O  N N 116 
GLU OE2  O  N N 117 
GLU OXT  O  N N 118 
GLU H    H  N N 119 
GLU H2   H  N N 120 
GLU HA   H  N N 121 
GLU HB2  H  N N 122 
GLU HB3  H  N N 123 
GLU HG2  H  N N 124 
GLU HG3  H  N N 125 
GLU HE2  H  N N 126 
GLU HXT  H  N N 127 
GLY N    N  N N 128 
GLY CA   C  N N 129 
GLY C    C  N N 130 
GLY O    O  N N 131 
GLY OXT  O  N N 132 
GLY H    H  N N 133 
GLY H2   H  N N 134 
GLY HA2  H  N N 135 
GLY HA3  H  N N 136 
GLY HXT  H  N N 137 
HIS N    N  N N 138 
HIS CA   C  N S 139 
HIS C    C  N N 140 
HIS O    O  N N 141 
HIS CB   C  N N 142 
HIS CG   C  Y N 143 
HIS ND1  N  Y N 144 
HIS CD2  C  Y N 145 
HIS CE1  C  Y N 146 
HIS NE2  N  Y N 147 
HIS OXT  O  N N 148 
HIS H    H  N N 149 
HIS H2   H  N N 150 
HIS HA   H  N N 151 
HIS HB2  H  N N 152 
HIS HB3  H  N N 153 
HIS HD1  H  N N 154 
HIS HD2  H  N N 155 
HIS HE1  H  N N 156 
HIS HE2  H  N N 157 
HIS HXT  H  N N 158 
HOH O    O  N N 159 
HOH H1   H  N N 160 
HOH H2   H  N N 161 
ILE N    N  N N 162 
ILE CA   C  N S 163 
ILE C    C  N N 164 
ILE O    O  N N 165 
ILE CB   C  N S 166 
ILE CG1  C  N N 167 
ILE CG2  C  N N 168 
ILE CD1  C  N N 169 
ILE OXT  O  N N 170 
ILE H    H  N N 171 
ILE H2   H  N N 172 
ILE HA   H  N N 173 
ILE HB   H  N N 174 
ILE HG12 H  N N 175 
ILE HG13 H  N N 176 
ILE HG21 H  N N 177 
ILE HG22 H  N N 178 
ILE HG23 H  N N 179 
ILE HD11 H  N N 180 
ILE HD12 H  N N 181 
ILE HD13 H  N N 182 
ILE HXT  H  N N 183 
LEU N    N  N N 184 
LEU CA   C  N S 185 
LEU C    C  N N 186 
LEU O    O  N N 187 
LEU CB   C  N N 188 
LEU CG   C  N N 189 
LEU CD1  C  N N 190 
LEU CD2  C  N N 191 
LEU OXT  O  N N 192 
LEU H    H  N N 193 
LEU H2   H  N N 194 
LEU HA   H  N N 195 
LEU HB2  H  N N 196 
LEU HB3  H  N N 197 
LEU HG   H  N N 198 
LEU HD11 H  N N 199 
LEU HD12 H  N N 200 
LEU HD13 H  N N 201 
LEU HD21 H  N N 202 
LEU HD22 H  N N 203 
LEU HD23 H  N N 204 
LEU HXT  H  N N 205 
LYS N    N  N N 206 
LYS CA   C  N S 207 
LYS C    C  N N 208 
LYS O    O  N N 209 
LYS CB   C  N N 210 
LYS CG   C  N N 211 
LYS CD   C  N N 212 
LYS CE   C  N N 213 
LYS NZ   N  N N 214 
LYS OXT  O  N N 215 
LYS H    H  N N 216 
LYS H2   H  N N 217 
LYS HA   H  N N 218 
LYS HB2  H  N N 219 
LYS HB3  H  N N 220 
LYS HG2  H  N N 221 
LYS HG3  H  N N 222 
LYS HD2  H  N N 223 
LYS HD3  H  N N 224 
LYS HE2  H  N N 225 
LYS HE3  H  N N 226 
LYS HZ1  H  N N 227 
LYS HZ2  H  N N 228 
LYS HZ3  H  N N 229 
LYS HXT  H  N N 230 
MET N    N  N N 231 
MET CA   C  N S 232 
MET C    C  N N 233 
MET O    O  N N 234 
MET CB   C  N N 235 
MET CG   C  N N 236 
MET SD   S  N N 237 
MET CE   C  N N 238 
MET OXT  O  N N 239 
MET H    H  N N 240 
MET H2   H  N N 241 
MET HA   H  N N 242 
MET HB2  H  N N 243 
MET HB3  H  N N 244 
MET HG2  H  N N 245 
MET HG3  H  N N 246 
MET HE1  H  N N 247 
MET HE2  H  N N 248 
MET HE3  H  N N 249 
MET HXT  H  N N 250 
NA  NA   NA N N 251 
PHE N    N  N N 252 
PHE CA   C  N S 253 
PHE C    C  N N 254 
PHE O    O  N N 255 
PHE CB   C  N N 256 
PHE CG   C  Y N 257 
PHE CD1  C  Y N 258 
PHE CD2  C  Y N 259 
PHE CE1  C  Y N 260 
PHE CE2  C  Y N 261 
PHE CZ   C  Y N 262 
PHE OXT  O  N N 263 
PHE H    H  N N 264 
PHE H2   H  N N 265 
PHE HA   H  N N 266 
PHE HB2  H  N N 267 
PHE HB3  H  N N 268 
PHE HD1  H  N N 269 
PHE HD2  H  N N 270 
PHE HE1  H  N N 271 
PHE HE2  H  N N 272 
PHE HZ   H  N N 273 
PHE HXT  H  N N 274 
PRO N    N  N N 275 
PRO CA   C  N S 276 
PRO C    C  N N 277 
PRO O    O  N N 278 
PRO CB   C  N N 279 
PRO CG   C  N N 280 
PRO CD   C  N N 281 
PRO OXT  O  N N 282 
PRO H    H  N N 283 
PRO HA   H  N N 284 
PRO HB2  H  N N 285 
PRO HB3  H  N N 286 
PRO HG2  H  N N 287 
PRO HG3  H  N N 288 
PRO HD2  H  N N 289 
PRO HD3  H  N N 290 
PRO HXT  H  N N 291 
SER N    N  N N 292 
SER CA   C  N S 293 
SER C    C  N N 294 
SER O    O  N N 295 
SER CB   C  N N 296 
SER OG   O  N N 297 
SER OXT  O  N N 298 
SER H    H  N N 299 
SER H2   H  N N 300 
SER HA   H  N N 301 
SER HB2  H  N N 302 
SER HB3  H  N N 303 
SER HG   H  N N 304 
SER HXT  H  N N 305 
THR N    N  N N 306 
THR CA   C  N S 307 
THR C    C  N N 308 
THR O    O  N N 309 
THR CB   C  N R 310 
THR OG1  O  N N 311 
THR CG2  C  N N 312 
THR OXT  O  N N 313 
THR H    H  N N 314 
THR H2   H  N N 315 
THR HA   H  N N 316 
THR HB   H  N N 317 
THR HG1  H  N N 318 
THR HG21 H  N N 319 
THR HG22 H  N N 320 
THR HG23 H  N N 321 
THR HXT  H  N N 322 
TRP N    N  N N 323 
TRP CA   C  N S 324 
TRP C    C  N N 325 
TRP O    O  N N 326 
TRP CB   C  N N 327 
TRP CG   C  Y N 328 
TRP CD1  C  Y N 329 
TRP CD2  C  Y N 330 
TRP NE1  N  Y N 331 
TRP CE2  C  Y N 332 
TRP CE3  C  Y N 333 
TRP CZ2  C  Y N 334 
TRP CZ3  C  Y N 335 
TRP CH2  C  Y N 336 
TRP OXT  O  N N 337 
TRP H    H  N N 338 
TRP H2   H  N N 339 
TRP HA   H  N N 340 
TRP HB2  H  N N 341 
TRP HB3  H  N N 342 
TRP HD1  H  N N 343 
TRP HE1  H  N N 344 
TRP HE3  H  N N 345 
TRP HZ2  H  N N 346 
TRP HZ3  H  N N 347 
TRP HH2  H  N N 348 
TRP HXT  H  N N 349 
TYR N    N  N N 350 
TYR CA   C  N S 351 
TYR C    C  N N 352 
TYR O    O  N N 353 
TYR CB   C  N N 354 
TYR CG   C  Y N 355 
TYR CD1  C  Y N 356 
TYR CD2  C  Y N 357 
TYR CE1  C  Y N 358 
TYR CE2  C  Y N 359 
TYR CZ   C  Y N 360 
TYR OH   O  N N 361 
TYR OXT  O  N N 362 
TYR H    H  N N 363 
TYR H2   H  N N 364 
TYR HA   H  N N 365 
TYR HB2  H  N N 366 
TYR HB3  H  N N 367 
TYR HD1  H  N N 368 
TYR HD2  H  N N 369 
TYR HE1  H  N N 370 
TYR HE2  H  N N 371 
TYR HH   H  N N 372 
TYR HXT  H  N N 373 
VAL N    N  N N 374 
VAL CA   C  N S 375 
VAL C    C  N N 376 
VAL O    O  N N 377 
VAL CB   C  N N 378 
VAL CG1  C  N N 379 
VAL CG2  C  N N 380 
VAL OXT  O  N N 381 
VAL H    H  N N 382 
VAL H2   H  N N 383 
VAL HA   H  N N 384 
VAL HB   H  N N 385 
VAL HG11 H  N N 386 
VAL HG12 H  N N 387 
VAL HG13 H  N N 388 
VAL HG21 H  N N 389 
VAL HG22 H  N N 390 
VAL HG23 H  N N 391 
VAL HXT  H  N N 392 
# 
loop_
_chem_comp_bond.comp_id 
_chem_comp_bond.atom_id_1 
_chem_comp_bond.atom_id_2 
_chem_comp_bond.value_order 
_chem_comp_bond.pdbx_aromatic_flag 
_chem_comp_bond.pdbx_stereo_config 
_chem_comp_bond.pdbx_ordinal 
ALA N   CA   sing N N 1   
ALA N   H    sing N N 2   
ALA N   H2   sing N N 3   
ALA CA  C    sing N N 4   
ALA CA  CB   sing N N 5   
ALA CA  HA   sing N N 6   
ALA C   O    doub N N 7   
ALA C   OXT  sing N N 8   
ALA CB  HB1  sing N N 9   
ALA CB  HB2  sing N N 10  
ALA CB  HB3  sing N N 11  
ALA OXT HXT  sing N N 12  
ARG N   CA   sing N N 13  
ARG N   H    sing N N 14  
ARG N   H2   sing N N 15  
ARG CA  C    sing N N 16  
ARG CA  CB   sing N N 17  
ARG CA  HA   sing N N 18  
ARG C   O    doub N N 19  
ARG C   OXT  sing N N 20  
ARG CB  CG   sing N N 21  
ARG CB  HB2  sing N N 22  
ARG CB  HB3  sing N N 23  
ARG CG  CD   sing N N 24  
ARG CG  HG2  sing N N 25  
ARG CG  HG3  sing N N 26  
ARG CD  NE   sing N N 27  
ARG CD  HD2  sing N N 28  
ARG CD  HD3  sing N N 29  
ARG NE  CZ   sing N N 30  
ARG NE  HE   sing N N 31  
ARG CZ  NH1  sing N N 32  
ARG CZ  NH2  doub N N 33  
ARG NH1 HH11 sing N N 34  
ARG NH1 HH12 sing N N 35  
ARG NH2 HH21 sing N N 36  
ARG NH2 HH22 sing N N 37  
ARG OXT HXT  sing N N 38  
ASN N   CA   sing N N 39  
ASN N   H    sing N N 40  
ASN N   H2   sing N N 41  
ASN CA  C    sing N N 42  
ASN CA  CB   sing N N 43  
ASN CA  HA   sing N N 44  
ASN C   O    doub N N 45  
ASN C   OXT  sing N N 46  
ASN CB  CG   sing N N 47  
ASN CB  HB2  sing N N 48  
ASN CB  HB3  sing N N 49  
ASN CG  OD1  doub N N 50  
ASN CG  ND2  sing N N 51  
ASN ND2 HD21 sing N N 52  
ASN ND2 HD22 sing N N 53  
ASN OXT HXT  sing N N 54  
ASP N   CA   sing N N 55  
ASP N   H    sing N N 56  
ASP N   H2   sing N N 57  
ASP CA  C    sing N N 58  
ASP CA  CB   sing N N 59  
ASP CA  HA   sing N N 60  
ASP C   O    doub N N 61  
ASP C   OXT  sing N N 62  
ASP CB  CG   sing N N 63  
ASP CB  HB2  sing N N 64  
ASP CB  HB3  sing N N 65  
ASP CG  OD1  doub N N 66  
ASP CG  OD2  sing N N 67  
ASP OD2 HD2  sing N N 68  
ASP OXT HXT  sing N N 69  
CYS N   CA   sing N N 70  
CYS N   H    sing N N 71  
CYS N   H2   sing N N 72  
CYS CA  C    sing N N 73  
CYS CA  CB   sing N N 74  
CYS CA  HA   sing N N 75  
CYS C   O    doub N N 76  
CYS C   OXT  sing N N 77  
CYS CB  SG   sing N N 78  
CYS CB  HB2  sing N N 79  
CYS CB  HB3  sing N N 80  
CYS SG  HG   sing N N 81  
CYS OXT HXT  sing N N 82  
GLN N   CA   sing N N 83  
GLN N   H    sing N N 84  
GLN N   H2   sing N N 85  
GLN CA  C    sing N N 86  
GLN CA  CB   sing N N 87  
GLN CA  HA   sing N N 88  
GLN C   O    doub N N 89  
GLN C   OXT  sing N N 90  
GLN CB  CG   sing N N 91  
GLN CB  HB2  sing N N 92  
GLN CB  HB3  sing N N 93  
GLN CG  CD   sing N N 94  
GLN CG  HG2  sing N N 95  
GLN CG  HG3  sing N N 96  
GLN CD  OE1  doub N N 97  
GLN CD  NE2  sing N N 98  
GLN NE2 HE21 sing N N 99  
GLN NE2 HE22 sing N N 100 
GLN OXT HXT  sing N N 101 
GLU N   CA   sing N N 102 
GLU N   H    sing N N 103 
GLU N   H2   sing N N 104 
GLU CA  C    sing N N 105 
GLU CA  CB   sing N N 106 
GLU CA  HA   sing N N 107 
GLU C   O    doub N N 108 
GLU C   OXT  sing N N 109 
GLU CB  CG   sing N N 110 
GLU CB  HB2  sing N N 111 
GLU CB  HB3  sing N N 112 
GLU CG  CD   sing N N 113 
GLU CG  HG2  sing N N 114 
GLU CG  HG3  sing N N 115 
GLU CD  OE1  doub N N 116 
GLU CD  OE2  sing N N 117 
GLU OE2 HE2  sing N N 118 
GLU OXT HXT  sing N N 119 
GLY N   CA   sing N N 120 
GLY N   H    sing N N 121 
GLY N   H2   sing N N 122 
GLY CA  C    sing N N 123 
GLY CA  HA2  sing N N 124 
GLY CA  HA3  sing N N 125 
GLY C   O    doub N N 126 
GLY C   OXT  sing N N 127 
GLY OXT HXT  sing N N 128 
HIS N   CA   sing N N 129 
HIS N   H    sing N N 130 
HIS N   H2   sing N N 131 
HIS CA  C    sing N N 132 
HIS CA  CB   sing N N 133 
HIS CA  HA   sing N N 134 
HIS C   O    doub N N 135 
HIS C   OXT  sing N N 136 
HIS CB  CG   sing N N 137 
HIS CB  HB2  sing N N 138 
HIS CB  HB3  sing N N 139 
HIS CG  ND1  sing Y N 140 
HIS CG  CD2  doub Y N 141 
HIS ND1 CE1  doub Y N 142 
HIS ND1 HD1  sing N N 143 
HIS CD2 NE2  sing Y N 144 
HIS CD2 HD2  sing N N 145 
HIS CE1 NE2  sing Y N 146 
HIS CE1 HE1  sing N N 147 
HIS NE2 HE2  sing N N 148 
HIS OXT HXT  sing N N 149 
HOH O   H1   sing N N 150 
HOH O   H2   sing N N 151 
ILE N   CA   sing N N 152 
ILE N   H    sing N N 153 
ILE N   H2   sing N N 154 
ILE CA  C    sing N N 155 
ILE CA  CB   sing N N 156 
ILE CA  HA   sing N N 157 
ILE C   O    doub N N 158 
ILE C   OXT  sing N N 159 
ILE CB  CG1  sing N N 160 
ILE CB  CG2  sing N N 161 
ILE CB  HB   sing N N 162 
ILE CG1 CD1  sing N N 163 
ILE CG1 HG12 sing N N 164 
ILE CG1 HG13 sing N N 165 
ILE CG2 HG21 sing N N 166 
ILE CG2 HG22 sing N N 167 
ILE CG2 HG23 sing N N 168 
ILE CD1 HD11 sing N N 169 
ILE CD1 HD12 sing N N 170 
ILE CD1 HD13 sing N N 171 
ILE OXT HXT  sing N N 172 
LEU N   CA   sing N N 173 
LEU N   H    sing N N 174 
LEU N   H2   sing N N 175 
LEU CA  C    sing N N 176 
LEU CA  CB   sing N N 177 
LEU CA  HA   sing N N 178 
LEU C   O    doub N N 179 
LEU C   OXT  sing N N 180 
LEU CB  CG   sing N N 181 
LEU CB  HB2  sing N N 182 
LEU CB  HB3  sing N N 183 
LEU CG  CD1  sing N N 184 
LEU CG  CD2  sing N N 185 
LEU CG  HG   sing N N 186 
LEU CD1 HD11 sing N N 187 
LEU CD1 HD12 sing N N 188 
LEU CD1 HD13 sing N N 189 
LEU CD2 HD21 sing N N 190 
LEU CD2 HD22 sing N N 191 
LEU CD2 HD23 sing N N 192 
LEU OXT HXT  sing N N 193 
LYS N   CA   sing N N 194 
LYS N   H    sing N N 195 
LYS N   H2   sing N N 196 
LYS CA  C    sing N N 197 
LYS CA  CB   sing N N 198 
LYS CA  HA   sing N N 199 
LYS C   O    doub N N 200 
LYS C   OXT  sing N N 201 
LYS CB  CG   sing N N 202 
LYS CB  HB2  sing N N 203 
LYS CB  HB3  sing N N 204 
LYS CG  CD   sing N N 205 
LYS CG  HG2  sing N N 206 
LYS CG  HG3  sing N N 207 
LYS CD  CE   sing N N 208 
LYS CD  HD2  sing N N 209 
LYS CD  HD3  sing N N 210 
LYS CE  NZ   sing N N 211 
LYS CE  HE2  sing N N 212 
LYS CE  HE3  sing N N 213 
LYS NZ  HZ1  sing N N 214 
LYS NZ  HZ2  sing N N 215 
LYS NZ  HZ3  sing N N 216 
LYS OXT HXT  sing N N 217 
MET N   CA   sing N N 218 
MET N   H    sing N N 219 
MET N   H2   sing N N 220 
MET CA  C    sing N N 221 
MET CA  CB   sing N N 222 
MET CA  HA   sing N N 223 
MET C   O    doub N N 224 
MET C   OXT  sing N N 225 
MET CB  CG   sing N N 226 
MET CB  HB2  sing N N 227 
MET CB  HB3  sing N N 228 
MET CG  SD   sing N N 229 
MET CG  HG2  sing N N 230 
MET CG  HG3  sing N N 231 
MET SD  CE   sing N N 232 
MET CE  HE1  sing N N 233 
MET CE  HE2  sing N N 234 
MET CE  HE3  sing N N 235 
MET OXT HXT  sing N N 236 
PHE N   CA   sing N N 237 
PHE N   H    sing N N 238 
PHE N   H2   sing N N 239 
PHE CA  C    sing N N 240 
PHE CA  CB   sing N N 241 
PHE CA  HA   sing N N 242 
PHE C   O    doub N N 243 
PHE C   OXT  sing N N 244 
PHE CB  CG   sing N N 245 
PHE CB  HB2  sing N N 246 
PHE CB  HB3  sing N N 247 
PHE CG  CD1  doub Y N 248 
PHE CG  CD2  sing Y N 249 
PHE CD1 CE1  sing Y N 250 
PHE CD1 HD1  sing N N 251 
PHE CD2 CE2  doub Y N 252 
PHE CD2 HD2  sing N N 253 
PHE CE1 CZ   doub Y N 254 
PHE CE1 HE1  sing N N 255 
PHE CE2 CZ   sing Y N 256 
PHE CE2 HE2  sing N N 257 
PHE CZ  HZ   sing N N 258 
PHE OXT HXT  sing N N 259 
PRO N   CA   sing N N 260 
PRO N   CD   sing N N 261 
PRO N   H    sing N N 262 
PRO CA  C    sing N N 263 
PRO CA  CB   sing N N 264 
PRO CA  HA   sing N N 265 
PRO C   O    doub N N 266 
PRO C   OXT  sing N N 267 
PRO CB  CG   sing N N 268 
PRO CB  HB2  sing N N 269 
PRO CB  HB3  sing N N 270 
PRO CG  CD   sing N N 271 
PRO CG  HG2  sing N N 272 
PRO CG  HG3  sing N N 273 
PRO CD  HD2  sing N N 274 
PRO CD  HD3  sing N N 275 
PRO OXT HXT  sing N N 276 
SER N   CA   sing N N 277 
SER N   H    sing N N 278 
SER N   H2   sing N N 279 
SER CA  C    sing N N 280 
SER CA  CB   sing N N 281 
SER CA  HA   sing N N 282 
SER C   O    doub N N 283 
SER C   OXT  sing N N 284 
SER CB  OG   sing N N 285 
SER CB  HB2  sing N N 286 
SER CB  HB3  sing N N 287 
SER OG  HG   sing N N 288 
SER OXT HXT  sing N N 289 
THR N   CA   sing N N 290 
THR N   H    sing N N 291 
THR N   H2   sing N N 292 
THR CA  C    sing N N 293 
THR CA  CB   sing N N 294 
THR CA  HA   sing N N 295 
THR C   O    doub N N 296 
THR C   OXT  sing N N 297 
THR CB  OG1  sing N N 298 
THR CB  CG2  sing N N 299 
THR CB  HB   sing N N 300 
THR OG1 HG1  sing N N 301 
THR CG2 HG21 sing N N 302 
THR CG2 HG22 sing N N 303 
THR CG2 HG23 sing N N 304 
THR OXT HXT  sing N N 305 
TRP N   CA   sing N N 306 
TRP N   H    sing N N 307 
TRP N   H2   sing N N 308 
TRP CA  C    sing N N 309 
TRP CA  CB   sing N N 310 
TRP CA  HA   sing N N 311 
TRP C   O    doub N N 312 
TRP C   OXT  sing N N 313 
TRP CB  CG   sing N N 314 
TRP CB  HB2  sing N N 315 
TRP CB  HB3  sing N N 316 
TRP CG  CD1  doub Y N 317 
TRP CG  CD2  sing Y N 318 
TRP CD1 NE1  sing Y N 319 
TRP CD1 HD1  sing N N 320 
TRP CD2 CE2  doub Y N 321 
TRP CD2 CE3  sing Y N 322 
TRP NE1 CE2  sing Y N 323 
TRP NE1 HE1  sing N N 324 
TRP CE2 CZ2  sing Y N 325 
TRP CE3 CZ3  doub Y N 326 
TRP CE3 HE3  sing N N 327 
TRP CZ2 CH2  doub Y N 328 
TRP CZ2 HZ2  sing N N 329 
TRP CZ3 CH2  sing Y N 330 
TRP CZ3 HZ3  sing N N 331 
TRP CH2 HH2  sing N N 332 
TRP OXT HXT  sing N N 333 
TYR N   CA   sing N N 334 
TYR N   H    sing N N 335 
TYR N   H2   sing N N 336 
TYR CA  C    sing N N 337 
TYR CA  CB   sing N N 338 
TYR CA  HA   sing N N 339 
TYR C   O    doub N N 340 
TYR C   OXT  sing N N 341 
TYR CB  CG   sing N N 342 
TYR CB  HB2  sing N N 343 
TYR CB  HB3  sing N N 344 
TYR CG  CD1  doub Y N 345 
TYR CG  CD2  sing Y N 346 
TYR CD1 CE1  sing Y N 347 
TYR CD1 HD1  sing N N 348 
TYR CD2 CE2  doub Y N 349 
TYR CD2 HD2  sing N N 350 
TYR CE1 CZ   doub Y N 351 
TYR CE1 HE1  sing N N 352 
TYR CE2 CZ   sing Y N 353 
TYR CE2 HE2  sing N N 354 
TYR CZ  OH   sing N N 355 
TYR OH  HH   sing N N 356 
TYR OXT HXT  sing N N 357 
VAL N   CA   sing N N 358 
VAL N   H    sing N N 359 
VAL N   H2   sing N N 360 
VAL CA  C    sing N N 361 
VAL CA  CB   sing N N 362 
VAL CA  HA   sing N N 363 
VAL C   O    doub N N 364 
VAL C   OXT  sing N N 365 
VAL CB  CG1  sing N N 366 
VAL CB  CG2  sing N N 367 
VAL CB  HB   sing N N 368 
VAL CG1 HG11 sing N N 369 
VAL CG1 HG12 sing N N 370 
VAL CG1 HG13 sing N N 371 
VAL CG2 HG21 sing N N 372 
VAL CG2 HG22 sing N N 373 
VAL CG2 HG23 sing N N 374 
VAL OXT HXT  sing N N 375 
# 
_pdbx_audit_support.funding_organization   'Biotechnology and Biological Sciences Research Council (BBSRC)' 
_pdbx_audit_support.country                'United Kingdom' 
_pdbx_audit_support.grant_number           BB/R002363/1 
_pdbx_audit_support.ordinal                1 
# 
_pdbx_initial_refinement_model.id               1 
_pdbx_initial_refinement_model.entity_id_list   ? 
_pdbx_initial_refinement_model.type             'experimental model' 
_pdbx_initial_refinement_model.source_name      PDB 
_pdbx_initial_refinement_model.accession_code   5OUW 
_pdbx_initial_refinement_model.details          'pdbid 5OUW' 
# 
_atom_sites.entry_id                    7PF8 
_atom_sites.Cartn_transf_matrix[1][1]   ? 
_atom_sites.Cartn_transf_matrix[1][2]   ? 
_atom_sites.Cartn_transf_matrix[1][3]   ? 
_atom_sites.Cartn_transf_matrix[2][1]   ? 
_atom_sites.Cartn_transf_matrix[2][2]   ? 
_atom_sites.Cartn_transf_matrix[2][3]   ? 
_atom_sites.Cartn_transf_matrix[3][1]   ? 
_atom_sites.Cartn_transf_matrix[3][2]   ? 
_atom_sites.Cartn_transf_matrix[3][3]   ? 
_atom_sites.Cartn_transf_vector[1]      ? 
_atom_sites.Cartn_transf_vector[2]      ? 
_atom_sites.Cartn_transf_vector[3]      ? 
_atom_sites.fract_transf_matrix[1][1]   -0.00420765 
_atom_sites.fract_transf_matrix[1][2]   0.00376530 
_atom_sites.fract_transf_matrix[1][3]   0.00031176 
_atom_sites.fract_transf_matrix[2][1]   -0.00374252 
_atom_sites.fract_transf_matrix[2][2]   -0.00408974 
_atom_sites.fract_transf_matrix[2][3]   -0.00111653 
_atom_sites.fract_transf_matrix[3][1]   -0.00051796 
_atom_sites.fract_transf_matrix[3][2]   -0.00103708 
_atom_sites.fract_transf_matrix[3][3]   0.00553491 
_atom_sites.fract_transf_vector[1]      0.163205 
_atom_sites.fract_transf_vector[2]      -0.286722 
_atom_sites.fract_transf_vector[3]      -0.058409 
_atom_sites.solution_primary            ? 
_atom_sites.solution_secondary          ? 
_atom_sites.solution_hydrogens          ? 
_atom_sites.special_details             ? 
# 
loop_
_atom_type.symbol 
C  
CL 
N  
NA 
O  
S  
# 
loop_
_atom_site.group_PDB 
_atom_site.id 
_atom_site.type_symbol 
_atom_site.label_atom_id 
_atom_site.label_alt_id 
_atom_site.label_comp_id 
_atom_site.label_asym_id 
_atom_site.label_entity_id 
_atom_site.label_seq_id 
_atom_site.pdbx_PDB_ins_code 
_atom_site.Cartn_x 
_atom_site.Cartn_y 
_atom_site.Cartn_z 
_atom_site.occupancy 
_atom_site.B_iso_or_equiv 
_atom_site.pdbx_formal_charge 
_atom_site.auth_seq_id 
_atom_site.auth_comp_id 
_atom_site.auth_asym_id 
_atom_site.auth_atom_id 
_atom_site.pdbx_PDB_model_num 
ATOM   1    N  N   . VAL A 1 5   ? -1.815  36.719  -6.842  1.00 47.00 ? 5   VAL A N   1 
ATOM   2    C  CA  . VAL A 1 5   ? -1.684  35.341  -6.387  1.00 39.77 ? 5   VAL A CA  1 
ATOM   3    C  C   . VAL A 1 5   ? -2.988  34.877  -5.761  1.00 35.34 ? 5   VAL A C   1 
ATOM   4    O  O   . VAL A 1 5   ? -3.485  35.503  -4.842  1.00 44.19 ? 5   VAL A O   1 
ATOM   5    C  CB  . VAL A 1 5   ? -0.520  35.191  -5.385  1.00 45.09 ? 5   VAL A CB  1 
ATOM   6    C  CG1 . VAL A 1 5   ? -0.636  33.865  -4.645  1.00 37.44 ? 5   VAL A CG1 1 
ATOM   7    C  CG2 . VAL A 1 5   ? 0.820   35.291  -6.092  1.00 35.90 ? 5   VAL A CG2 1 
ATOM   8    N  N   . ALA A 1 6   ? -3.527  33.771  -6.252  1.00 39.72 ? 6   ALA A N   1 
ATOM   9    C  CA  . ALA A 1 6   ? -4.743  33.190  -5.707  1.00 43.22 ? 6   ALA A CA  1 
ATOM   10   C  C   . ALA A 1 6   ? -4.426  32.213  -4.584  1.00 43.44 ? 6   ALA A C   1 
ATOM   11   O  O   . ALA A 1 6   ? -3.316  31.690  -4.477  1.00 42.03 ? 6   ALA A O   1 
ATOM   12   C  CB  . ALA A 1 6   ? -5.532  32.472  -6.798  1.00 45.14 ? 6   ALA A CB  1 
ATOM   13   N  N   . GLN A 1 7   ? -5.422  31.964  -3.743  1.00 45.70 ? 7   GLN A N   1 
ATOM   14   C  CA  . GLN A 1 7   ? -5.307  30.979  -2.677  1.00 45.79 ? 7   GLN A CA  1 
ATOM   15   C  C   . GLN A 1 7   ? -5.998  29.688  -3.089  1.00 48.26 ? 7   GLN A C   1 
ATOM   16   O  O   . GLN A 1 7   ? -7.059  29.712  -3.716  1.00 42.23 ? 7   GLN A O   1 
ATOM   17   C  CB  . GLN A 1 7   ? -5.917  31.489  -1.370  1.00 44.50 ? 7   GLN A CB  1 
ATOM   18   C  CG  . GLN A 1 7   ? -5.358  32.808  -0.875  1.00 60.10 ? 7   GLN A CG  1 
ATOM   19   C  CD  . GLN A 1 7   ? -3.866  32.771  -0.608  1.00 59.94 ? 7   GLN A CD  1 
ATOM   20   O  OE1 . GLN A 1 7   ? -3.124  33.647  -1.056  1.00 53.56 ? 7   GLN A OE1 1 
ATOM   21   N  NE2 . GLN A 1 7   ? -3.418  31.761  0.135   1.00 56.32 ? 7   GLN A NE2 1 
ATOM   22   N  N   . GLY A 1 8   ? -5.390  28.563  -2.731  1.00 37.79 ? 8   GLY A N   1 
ATOM   23   C  CA  . GLY A 1 8   ? -5.984  27.275  -2.961  1.00 34.96 ? 8   GLY A CA  1 
ATOM   24   C  C   . GLY A 1 8   ? -7.012  26.947  -1.907  1.00 30.36 ? 8   GLY A C   1 
ATOM   25   O  O   . GLY A 1 8   ? -7.203  27.669  -0.931  1.00 33.70 ? 8   GLY A O   1 
ATOM   26   N  N   . PRO A 1 9   ? -7.705  25.832  -2.107  1.00 34.02 ? 9   PRO A N   1 
ATOM   27   C  CA  . PRO A 1 9   ? -8.756  25.452  -1.157  1.00 37.73 ? 9   PRO A CA  1 
ATOM   28   C  C   . PRO A 1 9   ? -8.258  25.221  0.256   1.00 39.92 ? 9   PRO A C   1 
ATOM   29   O  O   . PRO A 1 9   ? -9.030  25.416  1.200   1.00 35.20 ? 9   PRO A O   1 
ATOM   30   C  CB  . PRO A 1 9   ? -9.326  24.172  -1.775  1.00 35.34 ? 9   PRO A CB  1 
ATOM   31   C  CG  . PRO A 1 9   ? -8.983  24.265  -3.197  1.00 37.75 ? 9   PRO A CG  1 
ATOM   32   C  CD  . PRO A 1 9   ? -7.672  24.939  -3.268  1.00 34.69 ? 9   PRO A CD  1 
ATOM   33   N  N   . ASN A 1 10  ? -6.995  24.831  0.456   1.00 37.04 ? 10  ASN A N   1 
ATOM   34   C  CA  . ASN A 1 10  ? -6.509  24.702  1.821   1.00 36.15 ? 10  ASN A CA  1 
ATOM   35   C  C   . ASN A 1 10  ? -5.939  26.003  2.375   1.00 34.18 ? 10  ASN A C   1 
ATOM   36   O  O   . ASN A 1 10  ? -5.471  26.016  3.516   1.00 38.58 ? 10  ASN A O   1 
ATOM   37   C  CB  . ASN A 1 10  ? -5.480  23.554  1.942   1.00 32.38 ? 10  ASN A CB  1 
ATOM   38   C  CG  . ASN A 1 10  ? -4.114  23.874  1.349   1.00 31.76 ? 10  ASN A CG  1 
ATOM   39   O  OD1 . ASN A 1 10  ? -3.832  24.979  0.910   1.00 32.16 ? 10  ASN A OD1 1 
ATOM   40   N  ND2 . ASN A 1 10  ? -3.233  22.870  1.371   1.00 30.40 ? 10  ASN A ND2 1 
ATOM   41   N  N   . GLY A 1 11  ? -5.971  27.090  1.602   1.00 36.40 ? 11  GLY A N   1 
ATOM   42   C  CA  . GLY A 1 11  ? -5.585  28.402  2.078   1.00 33.94 ? 11  GLY A CA  1 
ATOM   43   C  C   . GLY A 1 11  ? -4.195  28.844  1.672   1.00 33.37 ? 11  GLY A C   1 
ATOM   44   O  O   . GLY A 1 11  ? -3.874  30.027  1.806   1.00 36.87 ? 11  GLY A O   1 
ATOM   45   N  N   . ARG A 1 12  ? -3.369  27.933  1.173   1.00 33.45 ? 12  ARG A N   1 
ATOM   46   C  CA  . ARG A 1 12  ? -2.036  28.296  0.729   1.00 32.45 ? 12  ARG A CA  1 
ATOM   47   C  C   . ARG A 1 12  ? -2.075  28.899  -0.670  1.00 34.64 ? 12  ARG A C   1 
ATOM   48   O  O   . ARG A 1 12  ? -3.011  28.685  -1.442  1.00 38.30 ? 12  ARG A O   1 
ATOM   49   C  CB  . ARG A 1 12  ? -1.117  27.076  0.729   1.00 29.22 ? 12  ARG A CB  1 
ATOM   50   C  CG  . ARG A 1 12  ? -1.051  26.298  2.044   1.00 27.20 ? 12  ARG A CG  1 
ATOM   51   C  CD  . ARG A 1 12  ? -0.046  25.140  1.901   1.00 31.91 ? 12  ARG A CD  1 
ATOM   52   N  NE  . ARG A 1 12  ? 1.327   25.596  2.054   1.00 32.98 ? 12  ARG A NE  1 
ATOM   53   C  CZ  . ARG A 1 12  ? 2.370   25.107  1.389   1.00 29.36 ? 12  ARG A CZ  1 
ATOM   54   N  NH1 . ARG A 1 12  ? 2.209   24.150  0.492   1.00 29.12 ? 12  ARG A NH1 1 
ATOM   55   N  NH2 . ARG A 1 12  ? 3.581   25.585  1.627   1.00 28.36 ? 12  ARG A NH2 1 
ATOM   56   N  N   . ALA A 1 13  ? -1.022  29.650  -0.998  1.00 33.04 ? 13  ALA A N   1 
ATOM   57   C  CA  . ALA A 1 13  ? -0.857  30.161  -2.350  1.00 33.94 ? 13  ALA A CA  1 
ATOM   58   C  C   . ALA A 1 13  ? -0.968  29.023  -3.362  1.00 33.86 ? 13  ALA A C   1 
ATOM   59   O  O   . ALA A 1 13  ? -0.481  27.918  -3.128  1.00 33.94 ? 13  ALA A O   1 
ATOM   60   C  CB  . ALA A 1 13  ? 0.490   30.873  -2.475  1.00 35.05 ? 13  ALA A CB  1 
ATOM   61   N  N   . LEU A 1 14  ? -1.642  29.287  -4.480  1.00 33.77 ? 14  LEU A N   1 
ATOM   62   C  CA  . LEU A 1 14  ? -2.044  28.248  -5.422  1.00 34.93 ? 14  LEU A CA  1 
ATOM   63   C  C   . LEU A 1 14  ? -1.214  28.343  -6.694  1.00 31.30 ? 14  LEU A C   1 
ATOM   64   O  O   . LEU A 1 14  ? -1.304  29.327  -7.428  1.00 33.52 ? 14  LEU A O   1 
ATOM   65   C  CB  . LEU A 1 14  ? -3.533  28.363  -5.751  1.00 33.50 ? 14  LEU A CB  1 
ATOM   66   C  CG  . LEU A 1 14  ? -4.024  27.373  -6.805  1.00 37.59 ? 14  LEU A CG  1 
ATOM   67   C  CD1 . LEU A 1 14  ? -3.959  25.973  -6.266  1.00 36.06 ? 14  LEU A CD1 1 
ATOM   68   C  CD2 . LEU A 1 14  ? -5.445  27.723  -7.263  1.00 42.81 ? 14  LEU A CD2 1 
ATOM   69   N  N   . ALA A 1 15  ? -0.412  27.316  -6.961  1.00 30.95 ? 15  ALA A N   1 
ATOM   70   C  CA  . ALA A 1 15  ? 0.390   27.345  -8.177  1.00 30.96 ? 15  ALA A CA  1 
ATOM   71   C  C   . ALA A 1 15  ? -0.447  26.983  -9.396  1.00 31.70 ? 15  ALA A C   1 
ATOM   72   O  O   . ALA A 1 15  ? -0.239  27.533  -10.480 1.00 33.81 ? 15  ALA A O   1 
ATOM   73   C  CB  . ALA A 1 15  ? 1.584   26.396  -8.058  1.00 34.66 ? 15  ALA A CB  1 
ATOM   74   N  N   . GLU A 1 16  ? -1.379  26.052  -9.241  1.00 36.39 ? 16  GLU A N   1 
ATOM   75   C  CA  . GLU A 1 16  ? -2.210  25.619  -10.356 1.00 36.39 ? 16  GLU A CA  1 
ATOM   76   C  C   . GLU A 1 16  ? -3.429  24.903  -9.807  1.00 36.56 ? 16  GLU A C   1 
ATOM   77   O  O   . GLU A 1 16  ? -3.287  23.952  -9.043  1.00 35.04 ? 16  GLU A O   1 
ATOM   78   C  CB  . GLU A 1 16  ? -1.442  24.690  -11.290 1.00 38.95 ? 16  GLU A CB  1 
ATOM   79   C  CG  . GLU A 1 16  ? -2.333  23.957  -12.260 1.00 43.08 ? 16  GLU A CG  1 
ATOM   80   C  CD  . GLU A 1 16  ? -2.120  24.385  -13.681 1.00 41.69 ? 16  GLU A CD  1 
ATOM   81   O  OE1 . GLU A 1 16  ? -0.959  24.385  -14.131 1.00 46.15 ? 16  GLU A OE1 1 
ATOM   82   O  OE2 . GLU A 1 16  ? -3.114  24.716  -14.351 1.00 57.13 ? 16  GLU A OE2 1 
ATOM   83   N  N   . SER A 1 17  ? -4.617  25.340  -10.216 1.00 37.08 ? 17  SER A N   1 
ATOM   84   C  CA  . SER A 1 17  ? -5.836  24.719  -9.720  1.00 36.18 ? 17  SER A CA  1 
ATOM   85   C  C   . SER A 1 17  ? -5.886  23.246  -10.097 1.00 31.21 ? 17  SER A C   1 
ATOM   86   O  O   . SER A 1 17  ? -5.340  22.818  -11.111 1.00 37.20 ? 17  SER A O   1 
ATOM   87   C  CB  . SER A 1 17  ? -7.064  25.442  -10.276 1.00 36.94 ? 17  SER A CB  1 
ATOM   88   O  OG  . SER A 1 17  ? -7.084  25.347  -11.683 1.00 40.94 ? 17  SER A OG  1 
ATOM   89   N  N   . MET A 1 18  ? -6.529  22.461  -9.242  1.00 35.04 ? 18  MET A N   1 
ATOM   90   C  CA  . MET A 1 18  ? -6.714  21.040  -9.457  1.00 34.42 ? 18  MET A CA  1 
ATOM   91   C  C   . MET A 1 18  ? -8.190  20.746  -9.669  1.00 36.52 ? 18  MET A C   1 
ATOM   92   O  O   . MET A 1 18  ? -9.045  21.257  -8.944  1.00 38.15 ? 18  MET A O   1 
ATOM   93   C  CB  . MET A 1 18  ? -6.195  20.224  -8.266  1.00 37.35 ? 18  MET A CB  1 
ATOM   94   C  CG  . MET A 1 18  ? -6.436  18.725  -8.408  1.00 36.74 ? 18  MET A CG  1 
ATOM   95   S  SD  . MET A 1 18  ? -5.750  17.732  -7.074  1.00 35.68 ? 18  MET A SD  1 
ATOM   96   C  CE  . MET A 1 18  ? -3.996  18.077  -7.278  1.00 33.34 ? 18  MET A CE  1 
ATOM   97   N  N   . ASN A 1 19  ? -8.472  19.910  -10.647 1.00 37.21 ? 19  ASN A N   1 
ATOM   98   C  CA  . ASN A 1 19  ? -9.841  19.506  -10.917 1.00 44.92 ? 19  ASN A CA  1 
ATOM   99   C  C   . ASN A 1 19  ? -10.426 18.750  -9.725  1.00 41.58 ? 19  ASN A C   1 
ATOM   100  O  O   . ASN A 1 19  ? -9.770  17.848  -9.184  1.00 42.13 ? 19  ASN A O   1 
ATOM   101  C  CB  . ASN A 1 19  ? -9.865  18.646  -12.173 1.00 44.81 ? 19  ASN A CB  1 
ATOM   102  C  CG  . ASN A 1 19  ? -11.181 17.948  -12.375 1.00 56.38 ? 19  ASN A CG  1 
ATOM   103  O  OD1 . ASN A 1 19  ? -11.277 16.730  -12.231 1.00 56.44 ? 19  ASN A OD1 1 
ATOM   104  N  ND2 . ASN A 1 19  ? -12.208 18.715  -12.707 1.00 49.52 ? 19  ASN A ND2 1 
ATOM   105  N  N   . PRO A 1 20  ? -11.639 19.089  -9.284  1.00 38.69 ? 20  PRO A N   1 
ATOM   106  C  CA  . PRO A 1 20  ? -12.219 18.419  -8.110  1.00 38.28 ? 20  PRO A CA  1 
ATOM   107  C  C   . PRO A 1 20  ? -12.352 16.915  -8.248  1.00 36.52 ? 20  PRO A C   1 
ATOM   108  O  O   . PRO A 1 20  ? -12.319 16.225  -7.227  1.00 38.22 ? 20  PRO A O   1 
ATOM   109  C  CB  . PRO A 1 20  ? -13.596 19.087  -7.971  1.00 37.50 ? 20  PRO A CB  1 
ATOM   110  C  CG  . PRO A 1 20  ? -13.423 20.408  -8.584  1.00 39.26 ? 20  PRO A CG  1 
ATOM   111  C  CD  . PRO A 1 20  ? -12.456 20.229  -9.723  1.00 42.27 ? 20  PRO A CD  1 
ATOM   112  N  N   . ASP A 1 21  ? -12.532 16.382  -9.460  1.00 39.78 ? 21  ASP A N   1 
ATOM   113  C  CA  . ASP A 1 21  ? -12.547 14.931  -9.614  1.00 43.45 ? 21  ASP A CA  1 
ATOM   114  C  C   . ASP A 1 21  ? -11.195 14.338  -9.258  1.00 36.23 ? 21  ASP A C   1 
ATOM   115  O  O   . ASP A 1 21  ? -11.119 13.315  -8.571  1.00 37.02 ? 21  ASP A O   1 
ATOM   116  C  CB  . ASP A 1 21  ? -12.925 14.538  -11.038 1.00 47.83 ? 21  ASP A CB  1 
ATOM   117  C  CG  . ASP A 1 21  ? -14.344 14.914  -11.388 1.00 68.19 ? 21  ASP A CG  1 
ATOM   118  O  OD1 . ASP A 1 21  ? -15.219 14.832  -10.498 1.00 60.72 ? 21  ASP A OD1 1 
ATOM   119  O  OD2 . ASP A 1 21  ? -14.576 15.293  -12.555 1.00 84.03 ? 21  ASP A OD2 1 
ATOM   120  N  N   . LEU A 1 22  ? -10.121 14.975  -9.720  1.00 36.81 ? 22  LEU A N   1 
ATOM   121  C  CA  . LEU A 1 22  ? -8.778  14.497  -9.408  1.00 37.61 ? 22  LEU A CA  1 
ATOM   122  C  C   . LEU A 1 22  ? -8.498  14.586  -7.918  1.00 30.56 ? 22  LEU A C   1 
ATOM   123  O  O   . LEU A 1 22  ? -7.918  13.669  -7.332  1.00 37.36 ? 22  LEU A O   1 
ATOM   124  C  CB  . LEU A 1 22  ? -7.747  15.299  -10.204 1.00 38.83 ? 22  LEU A CB  1 
ATOM   125  C  CG  . LEU A 1 22  ? -6.300  14.806  -10.126 1.00 35.03 ? 22  LEU A CG  1 
ATOM   126  C  CD1 . LEU A 1 22  ? -6.239  13.334  -10.375 1.00 33.47 ? 22  LEU A CD1 1 
ATOM   127  C  CD2 . LEU A 1 22  ? -5.430  15.537  -11.117 1.00 31.57 ? 22  LEU A CD2 1 
ATOM   128  N  N   . LEU A 1 23  ? -8.898  15.688  -7.287  1.00 34.87 ? 23  LEU A N   1 
ATOM   129  C  CA  . LEU A 1 23  ? -8.746  15.812  -5.846  1.00 33.38 ? 23  LEU A CA  1 
ATOM   130  C  C   . LEU A 1 23  ? -9.437  14.667  -5.122  1.00 41.36 ? 23  LEU A C   1 
ATOM   131  O  O   . LEU A 1 23  ? -8.849  14.025  -4.247  1.00 37.91 ? 23  LEU A O   1 
ATOM   132  C  CB  . LEU A 1 23  ? -9.296  17.152  -5.368  1.00 36.50 ? 23  LEU A CB  1 
ATOM   133  C  CG  . LEU A 1 23  ? -9.311  17.310  -3.844  1.00 37.92 ? 23  LEU A CG  1 
ATOM   134  C  CD1 . LEU A 1 23  ? -7.896  17.268  -3.270  1.00 35.21 ? 23  LEU A CD1 1 
ATOM   135  C  CD2 . LEU A 1 23  ? -9.996  18.582  -3.448  1.00 33.91 ? 23  LEU A CD2 1 
ATOM   136  N  N   . SER A 1 24  ? -10.691 14.391  -5.480  1.00 39.17 ? 24  SER A N   1 
ATOM   137  C  CA  A SER A 1 24  ? -11.429 13.319  -4.819  0.42 34.27 ? 24  SER A CA  1 
ATOM   138  C  CA  B SER A 1 24  ? -11.426 13.323  -4.816  0.58 34.25 ? 24  SER A CA  1 
ATOM   139  C  C   . SER A 1 24  ? -10.732 11.979  -5.003  1.00 30.68 ? 24  SER A C   1 
ATOM   140  O  O   . SER A 1 24  ? -10.671 11.170  -4.072  1.00 35.77 ? 24  SER A O   1 
ATOM   141  C  CB  A SER A 1 24  ? -12.859 13.252  -5.360  0.42 35.38 ? 24  SER A CB  1 
ATOM   142  C  CB  B SER A 1 24  ? -12.861 13.270  -5.349  0.58 35.70 ? 24  SER A CB  1 
ATOM   143  O  OG  A SER A 1 24  ? -13.527 14.481  -5.165  0.42 36.18 ? 24  SER A OG  1 
ATOM   144  O  OG  B SER A 1 24  ? -13.624 12.331  -4.621  0.58 34.61 ? 24  SER A OG  1 
ATOM   145  N  N   . ALA A 1 25  ? -10.211 11.729  -6.202  1.00 34.08 ? 25  ALA A N   1 
ATOM   146  C  CA  . ALA A 1 25  ? -9.533  10.475  -6.484  1.00 34.73 ? 25  ALA A CA  1 
ATOM   147  C  C   . ALA A 1 25  ? -8.303  10.302  -5.602  1.00 34.54 ? 25  ALA A C   1 
ATOM   148  O  O   . ALA A 1 25  ? -8.043  9.207   -5.100  1.00 33.69 ? 25  ALA A O   1 
ATOM   149  C  CB  . ALA A 1 25  ? -9.145  10.421  -7.959  1.00 35.72 ? 25  ALA A CB  1 
ATOM   150  N  N   . ILE A 1 26  ? -7.540  11.375  -5.404  1.00 34.77 ? 26  ILE A N   1 
ATOM   151  C  CA  . ILE A 1 26  ? -6.363  11.293  -4.539  1.00 33.07 ? 26  ILE A CA  1 
ATOM   152  C  C   . ILE A 1 26  ? -6.779  11.071  -3.098  1.00 32.60 ? 26  ILE A C   1 
ATOM   153  O  O   . ILE A 1 26  ? -6.199  10.243  -2.388  1.00 34.27 ? 26  ILE A O   1 
ATOM   154  C  CB  . ILE A 1 26  ? -5.504  12.558  -4.687  1.00 31.60 ? 26  ILE A CB  1 
ATOM   155  C  CG1 . ILE A 1 26  ? -4.934  12.645  -6.096  1.00 29.20 ? 26  ILE A CG1 1 
ATOM   156  C  CG2 . ILE A 1 26  ? -4.397  12.579  -3.614  1.00 29.96 ? 26  ILE A CG2 1 
ATOM   157  C  CD1 . ILE A 1 26  ? -4.286  13.983  -6.410  1.00 29.78 ? 26  ILE A CD1 1 
ATOM   158  N  N   . GLN A 1 27  ? -7.797  11.792  -2.639  1.00 31.65 ? 27  GLN A N   1 
ATOM   159  C  CA  . GLN A 1 27  ? -8.246  11.602  -1.267  1.00 32.12 ? 27  GLN A CA  1 
ATOM   160  C  C   . GLN A 1 27  ? -8.712  10.175  -1.035  1.00 33.18 ? 27  GLN A C   1 
ATOM   161  O  O   . GLN A 1 27  ? -8.443  9.592   0.019   1.00 35.90 ? 27  GLN A O   1 
ATOM   162  C  CB  . GLN A 1 27  ? -9.349  12.603  -0.929  1.00 34.05 ? 27  GLN A CB  1 
ATOM   163  C  CG  . GLN A 1 27  ? -8.910  14.038  -0.984  1.00 31.80 ? 27  GLN A CG  1 
ATOM   164  C  CD  . GLN A 1 27  ? -10.071 14.983  -0.806  1.00 39.81 ? 27  GLN A CD  1 
ATOM   165  O  OE1 . GLN A 1 27  ? -11.211 14.595  -1.025  1.00 36.95 ? 27  GLN A OE1 1 
ATOM   166  N  NE2 . GLN A 1 27  ? -9.795  16.223  -0.409  1.00 33.35 ? 27  GLN A NE2 1 
ATOM   167  N  N   . GLN A 1 28  ? -9.397  9.583   -2.013  1.00 35.64 ? 28  GLN A N   1 
ATOM   168  C  CA  . GLN A 1 28  ? -9.794  8.198   -1.839  1.00 36.07 ? 28  GLN A CA  1 
ATOM   169  C  C   . GLN A 1 28  ? -8.591  7.278   -1.920  1.00 34.05 ? 28  GLN A C   1 
ATOM   170  O  O   . GLN A 1 28  ? -8.534  6.267   -1.212  1.00 34.48 ? 28  GLN A O   1 
ATOM   171  C  CB  . GLN A 1 28  ? -10.848 7.792   -2.868  1.00 37.52 ? 28  GLN A CB  1 
ATOM   172  C  CG  . GLN A 1 28  ? -11.561 6.510   -2.474  1.00 54.37 ? 28  GLN A CG  1 
ATOM   173  C  CD  . GLN A 1 28  ? -12.480 6.735   -1.278  1.00 61.95 ? 28  GLN A CD  1 
ATOM   174  O  OE1 . GLN A 1 28  ? -13.046 7.816   -1.116  1.00 69.44 ? 28  GLN A OE1 1 
ATOM   175  N  NE2 . GLN A 1 28  ? -12.602 5.726   -0.416  1.00 66.99 ? 28  GLN A NE2 1 
ATOM   176  N  N   . HIS A 1 29  ? -7.611  7.615   -2.750  1.00 35.27 ? 29  HIS A N   1 
ATOM   177  C  CA  . HIS A 1 29  ? -6.442  6.756   -2.802  1.00 31.74 ? 29  HIS A CA  1 
ATOM   178  C  C   . HIS A 1 29  ? -5.725  6.732   -1.466  1.00 29.90 ? 29  HIS A C   1 
ATOM   179  O  O   . HIS A 1 29  ? -5.227  5.684   -1.043  1.00 35.21 ? 29  HIS A O   1 
ATOM   180  C  CB  . HIS A 1 29  ? -5.461  7.176   -3.877  1.00 32.42 ? 29  HIS A CB  1 
ATOM   181  C  CG  . HIS A 1 29  ? -4.237  6.330   -3.843  1.00 32.28 ? 29  HIS A CG  1 
ATOM   182  N  ND1 . HIS A 1 29  ? -4.249  5.010   -4.227  1.00 32.63 ? 29  HIS A ND1 1 
ATOM   183  C  CD2 . HIS A 1 29  ? -3.000  6.572   -3.356  1.00 30.33 ? 29  HIS A CD2 1 
ATOM   184  C  CE1 . HIS A 1 29  ? -3.056  4.487   -4.024  1.00 31.47 ? 29  HIS A CE1 1 
ATOM   185  N  NE2 . HIS A 1 29  ? -2.275  5.418   -3.507  1.00 30.22 ? 29  HIS A NE2 1 
ATOM   186  N  N   . ILE A 1 30  ? -5.650  7.882   -0.797  1.00 31.77 ? 30  ILE A N   1 
ATOM   187  C  CA  . ILE A 1 30  ? -5.077  7.926   0.543   1.00 27.07 ? 30  ILE A CA  1 
ATOM   188  C  C   . ILE A 1 30  ? -5.791  6.938   1.451   1.00 34.80 ? 30  ILE A C   1 
ATOM   189  O  O   . ILE A 1 30  ? -5.157  6.206   2.217   1.00 29.51 ? 30  ILE A O   1 
ATOM   190  C  CB  . ILE A 1 30  ? -5.130  9.358   1.094   1.00 31.46 ? 30  ILE A CB  1 
ATOM   191  C  CG1 . ILE A 1 30  ? -4.162  10.248  0.315   1.00 28.97 ? 30  ILE A CG1 1 
ATOM   192  C  CG2 . ILE A 1 30  ? -4.830  9.360   2.562   1.00 32.56 ? 30  ILE A CG2 1 
ATOM   193  C  CD1 . ILE A 1 30  ? -4.325  11.714  0.581   1.00 28.73 ? 30  ILE A CD1 1 
ATOM   194  N  N   . SER A 1 31  ? -7.125  6.872   1.352   1.00 33.25 ? 31  SER A N   1 
ATOM   195  C  CA  . SER A 1 31  ? -7.861  5.879   2.129   1.00 31.40 ? 31  SER A CA  1 
ATOM   196  C  C   . SER A 1 31  ? -7.432  4.462   1.776   1.00 29.07 ? 31  SER A C   1 
ATOM   197  O  O   . SER A 1 31  ? -7.315  3.609   2.662   1.00 31.26 ? 31  SER A O   1 
ATOM   198  C  CB  . SER A 1 31  ? -9.372  6.033   1.927   1.00 29.31 ? 31  SER A CB  1 
ATOM   199  O  OG  . SER A 1 31  ? -9.822  7.182   2.584   1.00 35.32 ? 31  SER A OG  1 
ATOM   200  N  N   . ILE A 1 32  ? -7.218  4.189   0.486   1.00 31.29 ? 32  ILE A N   1 
ATOM   201  C  CA  . ILE A 1 32  ? -6.789  2.860   0.061   1.00 29.42 ? 32  ILE A CA  1 
ATOM   202  C  C   . ILE A 1 32  ? -5.485  2.477   0.748   1.00 27.95 ? 32  ILE A C   1 
ATOM   203  O  O   . ILE A 1 32  ? -5.318  1.348   1.218   1.00 29.04 ? 32  ILE A O   1 
ATOM   204  C  CB  . ILE A 1 32  ? -6.639  2.806   -1.470  1.00 32.24 ? 32  ILE A CB  1 
ATOM   205  C  CG1 . ILE A 1 32  ? -8.005  2.912   -2.148  1.00 36.20 ? 32  ILE A CG1 1 
ATOM   206  C  CG2 . ILE A 1 32  ? -5.946  1.542   -1.881  1.00 33.72 ? 32  ILE A CG2 1 
ATOM   207  C  CD1 . ILE A 1 32  ? -8.959  1.868   -1.691  1.00 34.20 ? 32  ILE A CD1 1 
ATOM   208  N  N   . GLU A 1 33  ? -4.547  3.405   0.811   1.00 30.36 ? 33  GLU A N   1 
ATOM   209  C  CA  . GLU A 1 33  ? -3.261  3.049   1.383   1.00 28.95 ? 33  GLU A CA  1 
ATOM   210  C  C   . GLU A 1 33  ? -3.336  2.954   2.897   1.00 26.24 ? 33  GLU A C   1 
ATOM   211  O  O   . GLU A 1 33  ? -2.721  2.067   3.495   1.00 30.87 ? 33  GLU A O   1 
ATOM   212  C  CB  . GLU A 1 33  ? -2.209  4.041   0.909   1.00 29.64 ? 33  GLU A CB  1 
ATOM   213  C  CG  . GLU A 1 33  ? -1.854  3.763   -0.538  1.00 31.60 ? 33  GLU A CG  1 
ATOM   214  C  CD  . GLU A 1 33  ? -0.587  4.432   -0.978  1.00 37.92 ? 33  GLU A CD  1 
ATOM   215  O  OE1 . GLU A 1 33  ? -0.024  5.184   -0.164  1.00 44.87 ? 33  GLU A OE1 1 
ATOM   216  O  OE2 . GLU A 1 33  ? -0.164  4.211   -2.127  1.00 35.35 ? 33  GLU A OE2 1 
ATOM   217  N  N   . ARG A 1 34  ? -4.132  3.818   3.523   1.00 29.63 ? 34  ARG A N   1 
ATOM   218  C  CA  . ARG A 1 34  ? -4.401  3.664   4.945   1.00 29.05 ? 34  ARG A CA  1 
ATOM   219  C  C   . ARG A 1 34  ? -5.063  2.332   5.232   1.00 30.59 ? 34  ARG A C   1 
ATOM   220  O  O   . ARG A 1 34  ? -4.797  1.701   6.260   1.00 31.36 ? 34  ARG A O   1 
ATOM   221  C  CB  . ARG A 1 34  ? -5.279  4.809   5.438   1.00 32.18 ? 34  ARG A CB  1 
ATOM   222  C  CG  . ARG A 1 34  ? -4.601  6.144   5.462   1.00 31.54 ? 34  ARG A CG  1 
ATOM   223  C  CD  . ARG A 1 34  ? -5.546  7.225   5.991   1.00 26.49 ? 34  ARG A CD  1 
ATOM   224  N  NE  . ARG A 1 34  ? -5.970  6.950   7.352   1.00 30.99 ? 34  ARG A NE  1 
ATOM   225  C  CZ  . ARG A 1 34  ? -7.194  7.207   7.807   1.00 36.46 ? 34  ARG A CZ  1 
ATOM   226  N  NH1 . ARG A 1 34  ? -8.103  7.737   6.995   1.00 34.95 ? 34  ARG A NH1 1 
ATOM   227  N  NH2 . ARG A 1 34  ? -7.506  6.933   9.066   1.00 32.02 ? 34  ARG A NH2 1 
ATOM   228  N  N   . TYR A 1 35  ? -5.933  1.882   4.331   1.00 32.90 ? 35  TYR A N   1 
ATOM   229  C  CA  . TYR A 1 35  ? -6.574  0.595   4.539   1.00 32.93 ? 35  TYR A CA  1 
ATOM   230  C  C   . TYR A 1 35  ? -5.589  -0.541  4.309   1.00 28.48 ? 35  TYR A C   1 
ATOM   231  O  O   . TYR A 1 35  ? -5.618  -1.550  5.016   1.00 31.17 ? 35  TYR A O   1 
ATOM   232  C  CB  . TYR A 1 35  ? -7.792  0.467   3.627   1.00 32.85 ? 35  TYR A CB  1 
ATOM   233  C  CG  . TYR A 1 35  ? -8.592  -0.775  3.881   1.00 32.80 ? 35  TYR A CG  1 
ATOM   234  C  CD1 . TYR A 1 35  ? -9.374  -0.896  5.020   1.00 30.40 ? 35  TYR A CD1 1 
ATOM   235  C  CD2 . TYR A 1 35  ? -8.568  -1.827  2.990   1.00 33.13 ? 35  TYR A CD2 1 
ATOM   236  C  CE1 . TYR A 1 35  ? -10.101 -2.035  5.268   1.00 34.15 ? 35  TYR A CE1 1 
ATOM   237  C  CE2 . TYR A 1 35  ? -9.297  -2.966  3.229   1.00 39.91 ? 35  TYR A CE2 1 
ATOM   238  C  CZ  . TYR A 1 35  ? -10.068 -3.064  4.365   1.00 34.12 ? 35  TYR A CZ  1 
ATOM   239  O  OH  . TYR A 1 35  ? -10.788 -4.209  4.598   1.00 36.23 ? 35  TYR A OH  1 
ATOM   240  N  N   . ALA A 1 36  ? -4.708  -0.399  3.325   1.00 31.09 ? 36  ALA A N   1 
ATOM   241  C  CA  . ALA A 1 36  ? -3.683  -1.417  3.145   1.00 28.33 ? 36  ALA A CA  1 
ATOM   242  C  C   . ALA A 1 36  ? -2.826  -1.533  4.398   1.00 26.00 ? 36  ALA A C   1 
ATOM   243  O  O   . ALA A 1 36  ? -2.466  -2.636  4.817   1.00 30.15 ? 36  ALA A O   1 
ATOM   244  C  CB  . ALA A 1 36  ? -2.835  -1.092  1.917   1.00 30.27 ? 36  ALA A CB  1 
ATOM   245  N  N   . SER A 1 37  ? -2.535  -0.399  5.033   1.00 31.67 ? 37  SER A N   1 
ATOM   246  C  CA  . SER A 1 37  ? -1.738  -0.394  6.256   1.00 27.58 ? 37  SER A CA  1 
ATOM   247  C  C   . SER A 1 37  ? -2.411  -1.211  7.346   1.00 30.74 ? 37  SER A C   1 
ATOM   248  O  O   . SER A 1 37  ? -1.804  -2.116  7.927   1.00 28.16 ? 37  SER A O   1 
ATOM   249  C  CB  . SER A 1 37  ? -1.519  1.040   6.727   1.00 28.71 ? 37  SER A CB  1 
ATOM   250  O  OG  . SER A 1 37  ? -0.859  1.095   7.985   1.00 29.27 ? 37  SER A OG  1 
ATOM   251  N  N   . VAL A 1 38  ? -3.676  -0.913  7.639   1.00 29.90 ? 38  VAL A N   1 
ATOM   252  C  CA  . VAL A 1 38  ? -4.286  -1.628  8.744   1.00 27.81 ? 38  VAL A CA  1 
ATOM   253  C  C   . VAL A 1 38  ? -4.478  -3.095  8.385   1.00 28.04 ? 38  VAL A C   1 
ATOM   254  O  O   . VAL A 1 38  ? -4.438  -3.957  9.266   1.00 31.21 ? 38  VAL A O   1 
ATOM   255  C  CB  . VAL A 1 38  ? -5.595  -0.943  9.183   1.00 28.09 ? 38  VAL A CB  1 
ATOM   256  C  CG1 . VAL A 1 38  ? -6.669  -1.132  8.130   1.00 31.85 ? 38  VAL A CG1 1 
ATOM   257  C  CG2 . VAL A 1 38  ? -6.029  -1.489  10.517  1.00 29.19 ? 38  VAL A CG2 1 
ATOM   258  N  N   . THR A 1 39  ? -4.620  -3.412  7.089   1.00 30.00 ? 39  THR A N   1 
ATOM   259  C  CA  . THR A 1 39  ? -4.692  -4.806  6.658   1.00 29.96 ? 39  THR A CA  1 
ATOM   260  C  C   . THR A 1 39  ? -3.397  -5.543  6.965   1.00 31.44 ? 39  THR A C   1 
ATOM   261  O  O   . THR A 1 39  ? -3.408  -6.650  7.508   1.00 27.69 ? 39  THR A O   1 
ATOM   262  C  CB  . THR A 1 39  ? -5.007  -4.875  5.159   1.00 30.45 ? 39  THR A CB  1 
ATOM   263  O  OG1 . THR A 1 39  ? -6.328  -4.384  4.928   1.00 36.36 ? 39  THR A OG1 1 
ATOM   264  C  CG2 . THR A 1 39  ? -4.931  -6.291  4.649   1.00 30.56 ? 39  THR A CG2 1 
ATOM   265  N  N   . TYR A 1 40  ? -2.263  -4.937  6.622   1.00 32.69 ? 40  TYR A N   1 
ATOM   266  C  CA  . TYR A 1 40  ? -0.986  -5.557  6.939   1.00 30.02 ? 40  TYR A CA  1 
ATOM   267  C  C   . TYR A 1 40  ? -0.796  -5.694  8.446   1.00 25.73 ? 40  TYR A C   1 
ATOM   268  O  O   . TYR A 1 40  ? -0.219  -6.681  8.911   1.00 29.05 ? 40  TYR A O   1 
ATOM   269  C  CB  . TYR A 1 40  ? 0.150   -4.754  6.304   1.00 29.06 ? 40  TYR A CB  1 
ATOM   270  C  CG  . TYR A 1 40  ? 0.078   -4.700  4.793   1.00 27.00 ? 40  TYR A CG  1 
ATOM   271  C  CD1 . TYR A 1 40  ? -0.437  -5.760  4.060   1.00 32.96 ? 40  TYR A CD1 1 
ATOM   272  C  CD2 . TYR A 1 40  ? 0.503   -3.579  4.098   1.00 29.22 ? 40  TYR A CD2 1 
ATOM   273  C  CE1 . TYR A 1 40  ? -0.517  -5.706  2.671   1.00 37.98 ? 40  TYR A CE1 1 
ATOM   274  C  CE2 . TYR A 1 40  ? 0.425   -3.518  2.718   1.00 32.91 ? 40  TYR A CE2 1 
ATOM   275  C  CZ  . TYR A 1 40  ? -0.086  -4.576  2.009   1.00 39.66 ? 40  TYR A CZ  1 
ATOM   276  O  OH  . TYR A 1 40  ? -0.174  -4.489  0.637   1.00 39.30 ? 40  TYR A OH  1 
ATOM   277  N  N   . LEU A 1 41  ? -1.276  -4.720  9.227   1.00 28.47 ? 41  LEU A N   1 
ATOM   278  C  CA  . LEU A 1 41  ? -1.277  -4.891  10.677  1.00 26.62 ? 41  LEU A CA  1 
ATOM   279  C  C   . LEU A 1 41  ? -2.083  -6.123  11.073  1.00 31.48 ? 41  LEU A C   1 
ATOM   280  O  O   . LEU A 1 41  ? -1.621  -6.962  11.854  1.00 29.55 ? 41  LEU A O   1 
ATOM   281  C  CB  . LEU A 1 41  ? -1.833  -3.649  11.364  1.00 27.18 ? 41  LEU A CB  1 
ATOM   282  C  CG  . LEU A 1 41  ? -2.017  -3.768  12.875  1.00 28.92 ? 41  LEU A CG  1 
ATOM   283  C  CD1 . LEU A 1 41  ? -0.708  -4.099  13.561  1.00 34.06 ? 41  LEU A CD1 1 
ATOM   284  C  CD2 . LEU A 1 41  ? -2.609  -2.522  13.468  1.00 28.14 ? 41  LEU A CD2 1 
ATOM   285  N  N   . ALA A 1 42  ? -3.303  -6.237  10.546  1.00 31.12 ? 42  ALA A N   1 
ATOM   286  C  CA  . ALA A 1 42  ? -4.102  -7.432  10.790  1.00 29.27 ? 42  ALA A CA  1 
ATOM   287  C  C   . ALA A 1 42  ? -3.337  -8.688  10.410  1.00 26.28 ? 42  ALA A C   1 
ATOM   288  O  O   . ALA A 1 42  ? -3.349  -9.682  11.141  1.00 27.54 ? 42  ALA A O   1 
ATOM   289  C  CB  . ALA A 1 42  ? -5.419  -7.351  10.012  1.00 29.03 ? 42  ALA A CB  1 
ATOM   290  N  N   . MET A 1 43  ? -2.642  -8.655  9.275   1.00 29.99 ? 43  MET A N   1 
ATOM   291  C  CA  . MET A 1 43  ? -1.908  -9.836  8.849   1.00 27.79 ? 43  MET A CA  1 
ATOM   292  C  C   . MET A 1 43  ? -0.755  -10.130 9.790   1.00 27.38 ? 43  MET A C   1 
ATOM   293  O  O   . MET A 1 43  ? -0.463  -11.295 10.080  1.00 29.88 ? 43  MET A O   1 
ATOM   294  C  CB  . MET A 1 43  ? -1.415  -9.652  7.427   1.00 29.95 ? 43  MET A CB  1 
ATOM   295  C  CG  . MET A 1 43  ? -2.534  -9.683  6.417   1.00 28.90 ? 43  MET A CG  1 
ATOM   296  S  SD  . MET A 1 43  ? -1.928  -9.202  4.806   1.00 31.86 ? 43  MET A SD  1 
ATOM   297  C  CE  . MET A 1 43  ? -3.388  -9.580  3.822   1.00 35.17 ? 43  MET A CE  1 
ATOM   298  N  N   A SER A 1 44  ? -0.089  -9.090  10.288  0.59 29.76 ? 44  SER A N   1 
ATOM   299  N  N   B SER A 1 44  ? -0.091  -9.080  10.274  0.41 31.75 ? 44  SER A N   1 
ATOM   300  C  CA  A SER A 1 44  ? 0.989   -9.325  11.242  0.59 28.30 ? 44  SER A CA  1 
ATOM   301  C  CA  B SER A 1 44  ? 0.975   -9.259  11.250  0.41 28.64 ? 44  SER A CA  1 
ATOM   302  C  C   A SER A 1 44  ? 0.465   -9.996  12.499  0.59 29.21 ? 44  SER A C   1 
ATOM   303  C  C   B SER A 1 44  ? 0.464   -9.975  12.489  0.41 29.09 ? 44  SER A C   1 
ATOM   304  O  O   A SER A 1 44  ? 1.111   -10.896 13.042  0.59 29.01 ? 44  SER A O   1 
ATOM   305  O  O   B SER A 1 44  ? 1.120   -10.884 13.008  0.41 28.74 ? 44  SER A O   1 
ATOM   306  C  CB  A SER A 1 44  ? 1.686   -8.014  11.595  0.59 28.06 ? 44  SER A CB  1 
ATOM   307  C  CB  B SER A 1 44  ? 1.562   -7.901  11.624  0.41 28.01 ? 44  SER A CB  1 
ATOM   308  O  OG  A SER A 1 44  ? 0.911   -7.274  12.509  0.59 28.90 ? 44  SER A OG  1 
ATOM   309  O  OG  B SER A 1 44  ? 2.731   -8.054  12.395  0.41 24.07 ? 44  SER A OG  1 
ATOM   310  N  N   . ILE A 1 45  ? -0.714  -9.580  12.970  1.00 31.79 ? 45  ILE A N   1 
ATOM   311  C  CA  . ILE A 1 45  ? -1.294  -10.195 14.161  1.00 28.63 ? 45  ILE A CA  1 
ATOM   312  C  C   . ILE A 1 45  ? -1.603  -11.670 13.918  1.00 27.26 ? 45  ILE A C   1 
ATOM   313  O  O   . ILE A 1 45  ? -1.293  -12.528 14.749  1.00 29.86 ? 45  ILE A O   1 
ATOM   314  C  CB  . ILE A 1 45  ? -2.546  -9.416  14.600  1.00 28.73 ? 45  ILE A CB  1 
ATOM   315  C  CG1 . ILE A 1 45  ? -2.120  -8.021  15.075  1.00 29.93 ? 45  ILE A CG1 1 
ATOM   316  C  CG2 . ILE A 1 45  ? -3.295  -10.187 15.679  1.00 31.10 ? 45  ILE A CG2 1 
ATOM   317  C  CD1 . ILE A 1 45  ? -3.206  -7.009  15.231  1.00 31.97 ? 45  ILE A CD1 1 
ATOM   318  N  N   . TRP A 1 46  ? -2.222  -11.982 12.778  1.00 29.89 ? 46  TRP A N   1 
ATOM   319  C  CA  . TRP A 1 46  ? -2.519  -13.377 12.446  1.00 29.44 ? 46  TRP A CA  1 
ATOM   320  C  C   . TRP A 1 46  ? -1.260  -14.228 12.478  1.00 30.94 ? 46  TRP A C   1 
ATOM   321  O  O   . TRP A 1 46  ? -1.254  -15.341 13.017  1.00 30.20 ? 46  TRP A O   1 
ATOM   322  C  CB  . TRP A 1 46  ? -3.161  -13.440 11.064  1.00 32.94 ? 46  TRP A CB  1 
ATOM   323  C  CG  . TRP A 1 46  ? -3.744  -14.766 10.675  1.00 31.43 ? 46  TRP A CG  1 
ATOM   324  C  CD1 . TRP A 1 46  ? -5.039  -15.164 10.818  1.00 34.11 ? 46  TRP A CD1 1 
ATOM   325  C  CD2 . TRP A 1 46  ? -3.061  -15.852 10.049  1.00 32.92 ? 46  TRP A CD2 1 
ATOM   326  N  NE1 . TRP A 1 46  ? -5.205  -16.434 10.327  1.00 32.76 ? 46  TRP A NE1 1 
ATOM   327  C  CE2 . TRP A 1 46  ? -4.002  -16.876 9.844   1.00 34.43 ? 46  TRP A CE2 1 
ATOM   328  C  CE3 . TRP A 1 46  ? -1.742  -16.058 9.637   1.00 30.20 ? 46  TRP A CE3 1 
ATOM   329  C  CZ2 . TRP A 1 46  ? -3.665  -18.082 9.253   1.00 36.27 ? 46  TRP A CZ2 1 
ATOM   330  C  CZ3 . TRP A 1 46  ? -1.413  -17.244 9.058   1.00 29.92 ? 46  TRP A CZ3 1 
ATOM   331  C  CH2 . TRP A 1 46  ? -2.368  -18.248 8.864   1.00 34.58 ? 46  TRP A CH2 1 
ATOM   332  N  N   . CYS A 1 47  ? -0.178  -13.716 11.899  1.00 33.03 ? 47  CYS A N   1 
ATOM   333  C  CA  . CYS A 1 47  ? 1.072   -14.456 11.897  1.00 29.56 ? 47  CYS A CA  1 
ATOM   334  C  C   . CYS A 1 47  ? 1.630   -14.606 13.306  1.00 29.51 ? 47  CYS A C   1 
ATOM   335  O  O   . CYS A 1 47  ? 2.085   -15.691 13.682  1.00 30.44 ? 47  CYS A O   1 
ATOM   336  C  CB  . CYS A 1 47  ? 2.077   -13.771 10.963  1.00 26.36 ? 47  CYS A CB  1 
ATOM   337  S  SG  . CYS A 1 47  ? 1.536   -13.799 9.244   1.00 32.52 ? 47  CYS A SG  1 
ATOM   338  N  N   . ALA A 1 48  ? 1.586   -13.536 14.104  1.00 30.45 ? 48  ALA A N   1 
ATOM   339  C  CA  . ALA A 1 48  ? 2.048   -13.630 15.484  1.00 27.96 ? 48  ALA A CA  1 
ATOM   340  C  C   . ALA A 1 48  ? 1.247   -14.661 16.260  1.00 30.18 ? 48  ALA A C   1 
ATOM   341  O  O   . ALA A 1 48  ? 1.799   -15.399 17.080  1.00 30.53 ? 48  ALA A O   1 
ATOM   342  C  CB  . ALA A 1 48  ? 1.957   -12.267 16.168  1.00 28.27 ? 48  ALA A CB  1 
ATOM   343  N  N   . GLU A 1 49  ? -0.055  -14.736 16.001  1.00 32.58 ? 49  GLU A N   1 
ATOM   344  C  CA  . GLU A 1 49  ? -0.899  -15.676 16.722  1.00 32.91 ? 49  GLU A CA  1 
ATOM   345  C  C   . GLU A 1 49  ? -0.519  -17.116 16.443  1.00 31.79 ? 49  GLU A C   1 
ATOM   346  O  O   . GLU A 1 49  ? -0.865  -18.000 17.230  1.00 34.98 ? 49  GLU A O   1 
ATOM   347  C  CB  . GLU A 1 49  ? -2.357  -15.443 16.351  1.00 31.18 ? 49  GLU A CB  1 
ATOM   348  C  CG  . GLU A 1 49  ? -2.921  -14.163 16.894  1.00 32.36 ? 49  GLU A CG  1 
ATOM   349  C  CD  . GLU A 1 49  ? -4.328  -13.921 16.385  1.00 30.56 ? 49  GLU A CD  1 
ATOM   350  O  OE1 . GLU A 1 49  ? -4.677  -14.504 15.346  1.00 33.37 ? 49  GLU A OE1 1 
ATOM   351  O  OE2 . GLU A 1 49  ? -5.068  -13.158 17.026  1.00 35.48 ? 49  GLU A OE2 1 
ATOM   352  N  N   . ARG A 1 50  ? 0.205   -17.371 15.360  1.00 31.87 ? 50  ARG A N   1 
ATOM   353  C  CA  . ARG A 1 50  ? 0.592   -18.719 14.989  1.00 29.03 ? 50  ARG A CA  1 
ATOM   354  C  C   . ARG A 1 50  ? 2.097   -18.933 15.098  1.00 31.58 ? 50  ARG A C   1 
ATOM   355  O  O   . ARG A 1 50  ? 2.622   -19.915 14.571  1.00 34.11 ? 50  ARG A O   1 
ATOM   356  C  CB  . ARG A 1 50  ? 0.068   -19.023 13.589  1.00 31.07 ? 50  ARG A CB  1 
ATOM   357  C  CG  . ARG A 1 50  ? -1.462  -19.147 13.606  1.00 33.03 ? 50  ARG A CG  1 
ATOM   358  C  CD  . ARG A 1 50  ? -2.150  -18.810 12.301  1.00 31.54 ? 50  ARG A CD  1 
ATOM   359  N  NE  . ARG A 1 50  ? -3.599  -18.930 12.466  1.00 35.94 ? 50  ARG A NE  1 
ATOM   360  C  CZ  . ARG A 1 50  ? -4.376  -17.989 12.990  1.00 31.50 ? 50  ARG A CZ  1 
ATOM   361  N  NH1 . ARG A 1 50  ? -3.865  -16.828 13.374  1.00 32.25 ? 50  ARG A NH1 1 
ATOM   362  N  NH2 . ARG A 1 50  ? -5.677  -18.198 13.112  1.00 42.59 ? 50  ARG A NH2 1 
ATOM   363  N  N   . GLU A 1 51  ? 2.787   -18.035 15.803  1.00 29.94 ? 51  GLU A N   1 
ATOM   364  C  CA  . GLU A 1 51  ? 4.215   -18.106 16.079  1.00 28.09 ? 51  GLU A CA  1 
ATOM   365  C  C   . GLU A 1 51  ? 5.062   -17.969 14.824  1.00 29.98 ? 51  GLU A C   1 
ATOM   366  O  O   . GLU A 1 51  ? 6.229   -18.374 14.816  1.00 32.21 ? 51  GLU A O   1 
ATOM   367  C  CB  . GLU A 1 51  ? 4.591   -19.393 16.821  1.00 28.94 ? 51  GLU A CB  1 
ATOM   368  C  CG  . GLU A 1 51  ? 3.585   -19.844 17.888  1.00 32.11 ? 51  GLU A CG  1 
ATOM   369  C  CD  . GLU A 1 51  ? 3.132   -18.749 18.841  1.00 35.43 ? 51  GLU A CD  1 
ATOM   370  O  OE1 . GLU A 1 51  ? 3.897   -17.798 19.113  1.00 30.64 ? 51  GLU A OE1 1 
ATOM   371  O  OE2 . GLU A 1 51  ? 1.991   -18.854 19.332  1.00 35.10 ? 51  GLU A OE2 1 
ATOM   372  N  N   . LEU A 1 52  ? 4.505   -17.387 13.768  1.00 30.44 ? 52  LEU A N   1 
ATOM   373  C  CA  . LEU A 1 52  ? 5.258   -17.119 12.545  1.00 29.11 ? 52  LEU A CA  1 
ATOM   374  C  C   . LEU A 1 52  ? 5.908   -15.738 12.680  1.00 28.19 ? 52  LEU A C   1 
ATOM   375  O  O   . LEU A 1 52  ? 5.505   -14.752 12.075  1.00 29.93 ? 52  LEU A O   1 
ATOM   376  C  CB  . LEU A 1 52  ? 4.350   -17.231 11.329  1.00 30.73 ? 52  LEU A CB  1 
ATOM   377  C  CG  . LEU A 1 52  ? 3.729   -18.621 11.098  1.00 31.28 ? 52  LEU A CG  1 
ATOM   378  C  CD1 . LEU A 1 52  ? 2.623   -18.566 10.057  1.00 32.22 ? 52  LEU A CD1 1 
ATOM   379  C  CD2 . LEU A 1 52  ? 4.778   -19.622 10.685  1.00 32.69 ? 52  LEU A CD2 1 
ATOM   380  N  N   . ALA A 1 53  ? 6.940   -15.704 13.525  1.00 28.63 ? 53  ALA A N   1 
ATOM   381  C  CA  . ALA A 1 53  ? 7.530   -14.441 13.966  1.00 28.74 ? 53  ALA A CA  1 
ATOM   382  C  C   . ALA A 1 53  ? 8.168   -13.669 12.821  1.00 27.56 ? 53  ALA A C   1 
ATOM   383  O  O   . ALA A 1 53  ? 8.151   -12.435 12.823  1.00 29.01 ? 53  ALA A O   1 
ATOM   384  C  CB  . ALA A 1 53  ? 8.567   -14.710 15.059  1.00 31.76 ? 53  ALA A CB  1 
ATOM   385  N  N   . GLY A 1 54  ? 8.753   -14.370 11.851  1.00 27.20 ? 54  GLY A N   1 
ATOM   386  C  CA  . GLY A 1 54  ? 9.323   -13.680 10.712  1.00 27.91 ? 54  GLY A CA  1 
ATOM   387  C  C   . GLY A 1 54  ? 8.262   -13.004 9.872   1.00 28.82 ? 54  GLY A C   1 
ATOM   388  O  O   . GLY A 1 54  ? 8.415   -11.850 9.472   1.00 28.29 ? 54  GLY A O   1 
ATOM   389  N  N   . PHE A 1 55  ? 7.155   -13.703 9.614   1.00 29.16 ? 55  PHE A N   1 
ATOM   390  C  CA  . PHE A 1 55  ? 6.066   -13.078 8.875   1.00 28.00 ? 55  PHE A CA  1 
ATOM   391  C  C   . PHE A 1 55  ? 5.461   -11.934 9.670   1.00 23.38 ? 55  PHE A C   1 
ATOM   392  O  O   . PHE A 1 55  ? 5.061   -10.916 9.099   1.00 27.72 ? 55  PHE A O   1 
ATOM   393  C  CB  . PHE A 1 55  ? 5.004   -14.123 8.528   1.00 26.72 ? 55  PHE A CB  1 
ATOM   394  C  CG  . PHE A 1 55  ? 5.343   -14.939 7.322   1.00 26.50 ? 55  PHE A CG  1 
ATOM   395  C  CD1 . PHE A 1 55  ? 6.092   -16.095 7.435   1.00 28.65 ? 55  PHE A CD1 1 
ATOM   396  C  CD2 . PHE A 1 55  ? 4.933   -14.533 6.071   1.00 30.32 ? 55  PHE A CD2 1 
ATOM   397  C  CE1 . PHE A 1 55  ? 6.412   -16.828 6.321   1.00 27.60 ? 55  PHE A CE1 1 
ATOM   398  C  CE2 . PHE A 1 55  ? 5.249   -15.268 4.961   1.00 29.15 ? 55  PHE A CE2 1 
ATOM   399  C  CZ  . PHE A 1 55  ? 5.988   -16.414 5.087   1.00 25.48 ? 55  PHE A CZ  1 
ATOM   400  N  N   . TYR A 1 56  ? 5.362   -12.101 10.985  1.00 25.82 ? 56  TYR A N   1 
ATOM   401  C  CA  . TYR A 1 56  ? 4.859   -11.030 11.827  1.00 25.54 ? 56  TYR A CA  1 
ATOM   402  C  C   . TYR A 1 56  ? 5.718   -9.780  11.678  1.00 29.45 ? 56  TYR A C   1 
ATOM   403  O  O   . TYR A 1 56  ? 5.207   -8.678  11.462  1.00 29.49 ? 56  TYR A O   1 
ATOM   404  C  CB  . TYR A 1 56  ? 4.819   -11.504 13.277  1.00 27.98 ? 56  TYR A CB  1 
ATOM   405  C  CG  . TYR A 1 56  ? 5.061   -10.407 14.266  1.00 28.03 ? 56  TYR A CG  1 
ATOM   406  C  CD1 . TYR A 1 56  ? 4.106   -9.436  14.492  1.00 29.81 ? 56  TYR A CD1 1 
ATOM   407  C  CD2 . TYR A 1 56  ? 6.254   -10.337 14.978  1.00 30.02 ? 56  TYR A CD2 1 
ATOM   408  C  CE1 . TYR A 1 56  ? 4.331   -8.412  15.382  1.00 35.00 ? 56  TYR A CE1 1 
ATOM   409  C  CE2 . TYR A 1 56  ? 6.476   -9.329  15.886  1.00 31.00 ? 56  TYR A CE2 1 
ATOM   410  C  CZ  . TYR A 1 56  ? 5.515   -8.363  16.079  1.00 35.77 ? 56  TYR A CZ  1 
ATOM   411  O  OH  . TYR A 1 56  ? 5.728   -7.345  16.971  1.00 36.55 ? 56  TYR A OH  1 
ATOM   412  N  N   . GLN A 1 57  ? 7.034   -9.940  11.784  1.00 30.79 ? 57  GLN A N   1 
ATOM   413  C  CA  . GLN A 1 57  ? 7.919   -8.789  11.665  1.00 25.96 ? 57  GLN A CA  1 
ATOM   414  C  C   . GLN A 1 57  ? 7.797   -8.152  10.290  1.00 24.68 ? 57  GLN A C   1 
ATOM   415  O  O   . GLN A 1 57  ? 7.735   -6.928  10.174  1.00 28.73 ? 57  GLN A O   1 
ATOM   416  C  CB  . GLN A 1 57  ? 9.364   -9.211  11.943  1.00 28.56 ? 57  GLN A CB  1 
ATOM   417  C  CG  . GLN A 1 57  ? 9.584   -9.607  13.395  1.00 32.18 ? 57  GLN A CG  1 
ATOM   418  C  CD  . GLN A 1 57  ? 11.041  -9.890  13.733  1.00 35.67 ? 57  GLN A CD  1 
ATOM   419  O  OE1 . GLN A 1 57  ? 11.949  -9.431  13.052  1.00 37.61 ? 57  GLN A OE1 1 
ATOM   420  N  NE2 . GLN A 1 57  ? 11.260  -10.680 14.775  1.00 34.33 ? 57  GLN A NE2 1 
ATOM   421  N  N   . PHE A 1 58  ? 7.762   -8.970  9.241   1.00 27.41 ? 58  PHE A N   1 
ATOM   422  C  CA  . PHE A 1 58  ? 7.626   -8.439  7.887   1.00 29.20 ? 58  PHE A CA  1 
ATOM   423  C  C   . PHE A 1 58  ? 6.368   -7.587  7.748   1.00 28.22 ? 58  PHE A C   1 
ATOM   424  O  O   . PHE A 1 58  ? 6.425   -6.446  7.284   1.00 27.97 ? 58  PHE A O   1 
ATOM   425  C  CB  . PHE A 1 58  ? 7.620   -9.584  6.867   1.00 27.50 ? 58  PHE A CB  1 
ATOM   426  C  CG  . PHE A 1 58  ? 7.333   -9.128  5.463   1.00 31.53 ? 58  PHE A CG  1 
ATOM   427  C  CD1 . PHE A 1 58  ? 8.279   -8.414  4.751   1.00 30.50 ? 58  PHE A CD1 1 
ATOM   428  C  CD2 . PHE A 1 58  ? 6.116   -9.384  4.870   1.00 31.54 ? 58  PHE A CD2 1 
ATOM   429  C  CE1 . PHE A 1 58  ? 8.017   -7.973  3.479   1.00 29.94 ? 58  PHE A CE1 1 
ATOM   430  C  CE2 . PHE A 1 58  ? 5.843   -8.948  3.589   1.00 28.81 ? 58  PHE A CE2 1 
ATOM   431  C  CZ  . PHE A 1 58  ? 6.789   -8.237  2.899   1.00 31.55 ? 58  PHE A CZ  1 
ATOM   432  N  N   . PHE A 1 59  ? 5.221   -8.112  8.174   1.00 30.09 ? 59  PHE A N   1 
ATOM   433  C  CA  . PHE A 1 59  ? 3.972   -7.379  7.983   1.00 29.74 ? 59  PHE A CA  1 
ATOM   434  C  C   . PHE A 1 59  ? 3.856   -6.193  8.929   1.00 28.20 ? 59  PHE A C   1 
ATOM   435  O  O   . PHE A 1 59  ? 3.237   -5.183  8.581   1.00 30.00 ? 59  PHE A O   1 
ATOM   436  C  CB  . PHE A 1 59  ? 2.784   -8.325  8.124   1.00 27.15 ? 59  PHE A CB  1 
ATOM   437  C  CG  . PHE A 1 59  ? 2.479   -9.077  6.859   1.00 27.03 ? 59  PHE A CG  1 
ATOM   438  C  CD1 . PHE A 1 59  ? 2.104   -8.391  5.719   1.00 29.19 ? 59  PHE A CD1 1 
ATOM   439  C  CD2 . PHE A 1 59  ? 2.594   -10.448 6.796   1.00 29.78 ? 59  PHE A CD2 1 
ATOM   440  C  CE1 . PHE A 1 59  ? 1.837   -9.061  4.538   1.00 30.92 ? 59  PHE A CE1 1 
ATOM   441  C  CE2 . PHE A 1 59  ? 2.336   -11.125 5.619   1.00 30.88 ? 59  PHE A CE2 1 
ATOM   442  C  CZ  . PHE A 1 59  ? 1.954   -10.424 4.489   1.00 29.27 ? 59  PHE A CZ  1 
ATOM   443  N  N   . ASP A 1 60  ? 4.474   -6.269  10.102  1.00 26.92 ? 60  ASP A N   1 
ATOM   444  C  CA  . ASP A 1 60  ? 4.518   -5.095  10.958  1.00 27.41 ? 60  ASP A CA  1 
ATOM   445  C  C   . ASP A 1 60  ? 5.235   -3.949  10.257  1.00 28.35 ? 60  ASP A C   1 
ATOM   446  O  O   . ASP A 1 60  ? 4.765   -2.805  10.269  1.00 27.04 ? 60  ASP A O   1 
ATOM   447  C  CB  . ASP A 1 60  ? 5.189   -5.449  12.283  1.00 30.53 ? 60  ASP A CB  1 
ATOM   448  C  CG  . ASP A 1 60  ? 5.247   -4.270  13.229  1.00 37.28 ? 60  ASP A CG  1 
ATOM   449  O  OD1 . ASP A 1 60  ? 4.261   -4.027  13.941  1.00 37.54 ? 60  ASP A OD1 1 
ATOM   450  O  OD2 . ASP A 1 60  ? 6.278   -3.584  13.248  1.00 36.34 ? 60  ASP A OD2 1 
ATOM   451  N  N   . GLY A 1 61  ? 6.355   -4.247  9.596   1.00 29.62 ? 61  GLY A N   1 
ATOM   452  C  CA  . GLY A 1 61  ? 7.040   -3.224  8.822   1.00 27.96 ? 61  GLY A CA  1 
ATOM   453  C  C   . GLY A 1 61  ? 6.247   -2.747  7.616   1.00 27.10 ? 61  GLY A C   1 
ATOM   454  O  O   . GLY A 1 61  ? 6.234   -1.554  7.317   1.00 29.73 ? 61  GLY A O   1 
ATOM   455  N  N   . GLU A 1 62  ? 5.584   -3.668  6.901   1.00 26.30 ? 62  GLU A N   1 
ATOM   456  C  CA  . GLU A 1 62  ? 4.757   -3.266  5.762   1.00 29.00 ? 62  GLU A CA  1 
ATOM   457  C  C   . GLU A 1 62  ? 3.673   -2.285  6.184   1.00 29.10 ? 62  GLU A C   1 
ATOM   458  O  O   . GLU A 1 62  ? 3.389   -1.316  5.469   1.00 28.19 ? 62  GLU A O   1 
ATOM   459  C  CB  . GLU A 1 62  ? 4.119   -4.488  5.085   1.00 28.82 ? 62  GLU A CB  1 
ATOM   460  C  CG  . GLU A 1 62  ? 5.091   -5.373  4.340   1.00 33.16 ? 62  GLU A CG  1 
ATOM   461  C  CD  . GLU A 1 62  ? 5.868   -4.628  3.272   1.00 33.02 ? 62  GLU A CD  1 
ATOM   462  O  OE1 . GLU A 1 62  ? 5.244   -4.077  2.353   1.00 41.46 ? 62  GLU A OE1 1 
ATOM   463  O  OE2 . GLU A 1 62  ? 7.110   -4.573  3.371   1.00 38.49 ? 62  GLU A OE2 1 
ATOM   464  N  N   . ALA A 1 63  ? 3.050   -2.527  7.339   1.00 31.53 ? 63  ALA A N   1 
ATOM   465  C  CA  . ALA A 1 63  ? 2.011   -1.631  7.833   1.00 27.77 ? 63  ALA A CA  1 
ATOM   466  C  C   . ALA A 1 63  ? 2.557   -0.233  8.060   1.00 29.15 ? 63  ALA A C   1 
ATOM   467  O  O   . ALA A 1 63  ? 1.947   0.763   7.665   1.00 26.74 ? 63  ALA A O   1 
ATOM   468  C  CB  . ALA A 1 63  ? 1.426   -2.188  9.128   1.00 30.36 ? 63  ALA A CB  1 
ATOM   469  N  N   . LYS A 1 64  ? 3.712   -0.138  8.703   1.00 27.62 ? 64  LYS A N   1 
ATOM   470  C  CA  . LYS A 1 64  ? 4.302   1.175   8.912   1.00 27.45 ? 64  LYS A CA  1 
ATOM   471  C  C   . LYS A 1 64  ? 4.687   1.824   7.585   1.00 29.28 ? 64  LYS A C   1 
ATOM   472  O  O   . LYS A 1 64  ? 4.467   3.022   7.390   1.00 30.13 ? 64  LYS A O   1 
ATOM   473  C  CB  . LYS A 1 64  ? 5.508   1.063   9.844   1.00 27.95 ? 64  LYS A CB  1 
ATOM   474  C  CG  . LYS A 1 64  ? 5.177   0.492   11.200  1.00 35.44 ? 64  LYS A CG  1 
ATOM   475  C  CD  . LYS A 1 64  ? 6.455   0.191   11.994  1.00 40.75 ? 64  LYS A CD  1 
ATOM   476  C  CE  . LYS A 1 64  ? 6.149   -0.165  13.429  1.00 43.97 ? 64  LYS A CE  1 
ATOM   477  N  NZ  . LYS A 1 64  ? 7.256   -0.969  14.047  1.00 58.69 ? 64  LYS A NZ  1 
ATOM   478  N  N   . ASP A 1 65  ? 5.238   1.044   6.651   1.00 29.39 ? 65  ASP A N   1 
ATOM   479  C  CA  . ASP A 1 65  ? 5.636   1.601   5.363   1.00 30.85 ? 65  ASP A CA  1 
ATOM   480  C  C   . ASP A 1 65  ? 4.426   2.090   4.569   1.00 30.49 ? 65  ASP A C   1 
ATOM   481  O  O   . ASP A 1 65  ? 4.475   3.155   3.948   1.00 26.59 ? 65  ASP A O   1 
ATOM   482  C  CB  . ASP A 1 65  ? 6.413   0.559   4.543   1.00 33.08 ? 65  ASP A CB  1 
ATOM   483  C  CG  . ASP A 1 65  ? 7.801   0.282   5.105   1.00 39.33 ? 65  ASP A CG  1 
ATOM   484  O  OD1 . ASP A 1 65  ? 8.248   1.036   5.983   1.00 36.20 ? 65  ASP A OD1 1 
ATOM   485  O  OD2 . ASP A 1 65  ? 8.449   -0.682  4.660   1.00 49.37 ? 65  ASP A OD2 1 
ATOM   486  N  N   . GLU A 1 66  ? 3.331   1.326   4.584   1.00 29.22 ? 66  GLU A N   1 
ATOM   487  C  CA  . GLU A 1 66  ? 2.142   1.738   3.846   1.00 28.75 ? 66  GLU A CA  1 
ATOM   488  C  C   . GLU A 1 66  ? 1.552   3.011   4.417   1.00 26.58 ? 66  GLU A C   1 
ATOM   489  O  O   . GLU A 1 66  ? 1.058   3.856   3.668   1.00 29.57 ? 66  GLU A O   1 
ATOM   490  C  CB  . GLU A 1 66  ? 1.081   0.648   3.854   1.00 31.96 ? 66  GLU A CB  1 
ATOM   491  C  CG  . GLU A 1 66  ? 1.138   -0.258  2.668   1.00 40.17 ? 66  GLU A CG  1 
ATOM   492  C  CD  . GLU A 1 66  ? 1.009   0.478   1.366   1.00 37.69 ? 66  GLU A CD  1 
ATOM   493  O  OE1 . GLU A 1 66  ? 0.064   1.268   1.198   1.00 41.08 ? 66  GLU A OE1 1 
ATOM   494  O  OE2 . GLU A 1 66  ? 1.880   0.278   0.510   1.00 45.91 ? 66  GLU A OE2 1 
ATOM   495  N  N   . GLN A 1 67  ? 1.571   3.151   5.739   1.00 27.38 ? 67  GLN A N   1 
ATOM   496  C  CA  . GLN A 1 67  ? 1.136   4.398   6.352   1.00 27.23 ? 67  GLN A CA  1 
ATOM   497  C  C   . GLN A 1 67  ? 1.995   5.560   5.879   1.00 28.77 ? 67  GLN A C   1 
ATOM   498  O  O   . GLN A 1 67  ? 1.479   6.624   5.539   1.00 27.93 ? 67  GLN A O   1 
ATOM   499  C  CB  . GLN A 1 67  ? 1.184   4.268   7.874   1.00 27.96 ? 67  GLN A CB  1 
ATOM   500  C  CG  . GLN A 1 67  ? 0.748   5.527   8.603   1.00 29.59 ? 67  GLN A CG  1 
ATOM   501  C  CD  . GLN A 1 67  ? -0.740  5.774   8.493   1.00 34.41 ? 67  GLN A CD  1 
ATOM   502  O  OE1 . GLN A 1 67  ? -1.491  4.892   8.113   1.00 35.36 ? 67  GLN A OE1 1 
ATOM   503  N  NE2 . GLN A 1 67  ? -1.167  6.984   8.828   1.00 36.86 ? 67  GLN A NE2 1 
ATOM   504  N  N   . SER A 1 68  ? 3.315   5.363   5.828   1.00 30.13 ? 68  SER A N   1 
ATOM   505  C  CA  A SER A 1 68  ? 4.193   6.400   5.303   0.18 28.89 ? 68  SER A CA  1 
ATOM   506  C  CA  B SER A 1 68  ? 4.195   6.399   5.300   0.82 29.32 ? 68  SER A CA  1 
ATOM   507  C  C   . SER A 1 68  ? 3.812   6.774   3.877   1.00 27.62 ? 68  SER A C   1 
ATOM   508  O  O   . SER A 1 68  ? 3.788   7.958   3.527   1.00 29.58 ? 68  SER A O   1 
ATOM   509  C  CB  A SER A 1 68  ? 5.649   5.937   5.367   0.18 37.12 ? 68  SER A CB  1 
ATOM   510  C  CB  B SER A 1 68  ? 5.650   5.931   5.348   0.82 38.81 ? 68  SER A CB  1 
ATOM   511  O  OG  A SER A 1 68  ? 6.518   6.963   4.929   0.18 33.67 ? 68  SER A OG  1 
ATOM   512  O  OG  B SER A 1 68  ? 6.067   5.738   6.685   0.82 34.11 ? 68  SER A OG  1 
ATOM   513  N  N   . HIS A 1 69  ? 3.523   5.774   3.036   1.00 28.04 ? 69  HIS A N   1 
ATOM   514  C  CA  . HIS A 1 69  ? 3.092   6.070   1.670   1.00 27.95 ? 69  HIS A CA  1 
ATOM   515  C  C   . HIS A 1 69  ? 1.833   6.929   1.673   1.00 26.11 ? 69  HIS A C   1 
ATOM   516  O  O   . HIS A 1 69  ? 1.712   7.878   0.896   1.00 30.30 ? 69  HIS A O   1 
ATOM   517  C  CB  . HIS A 1 69  ? 2.811   4.790   0.886   1.00 25.33 ? 69  HIS A CB  1 
ATOM   518  C  CG  . HIS A 1 69  ? 3.982   3.880   0.707   1.00 29.51 ? 69  HIS A CG  1 
ATOM   519  N  ND1 . HIS A 1 69  ? 5.238   4.148   1.206   1.00 38.24 ? 69  HIS A ND1 1 
ATOM   520  C  CD2 . HIS A 1 69  ? 4.078   2.690   0.070   1.00 35.36 ? 69  HIS A CD2 1 
ATOM   521  C  CE1 . HIS A 1 69  ? 6.054   3.157   0.892   1.00 32.55 ? 69  HIS A CE1 1 
ATOM   522  N  NE2 . HIS A 1 69  ? 5.376   2.260   0.203   1.00 37.55 ? 69  HIS A NE2 1 
ATOM   523  N  N   . ALA A 1 70  ? 0.888   6.605   2.552   1.00 29.41 ? 70  ALA A N   1 
ATOM   524  C  CA  . ALA A 1 70  ? -0.323  7.403   2.669   1.00 28.61 ? 70  ALA A CA  1 
ATOM   525  C  C   . ALA A 1 70  ? -0.001  8.842   3.046   1.00 29.04 ? 70  ALA A C   1 
ATOM   526  O  O   . ALA A 1 70  ? -0.504  9.783   2.428   1.00 30.13 ? 70  ALA A O   1 
ATOM   527  C  CB  . ALA A 1 70  ? -1.257  6.771   3.696   1.00 30.88 ? 70  ALA A CB  1 
ATOM   528  N  N   . VAL A 1 71  ? 0.842   9.034   4.063   1.00 30.13 ? 71  VAL A N   1 
ATOM   529  C  CA  . VAL A 1 71  ? 1.199   10.383  4.486   1.00 28.55 ? 71  VAL A CA  1 
ATOM   530  C  C   . VAL A 1 71  ? 1.919   11.127  3.371   1.00 28.65 ? 71  VAL A C   1 
ATOM   531  O  O   . VAL A 1 71  ? 1.764   12.343  3.218   1.00 28.74 ? 71  VAL A O   1 
ATOM   532  C  CB  . VAL A 1 71  ? 2.041   10.322  5.776   1.00 27.19 ? 71  VAL A CB  1 
ATOM   533  C  CG1 . VAL A 1 71  ? 2.601   11.685  6.136   1.00 31.55 ? 71  VAL A CG1 1 
ATOM   534  C  CG2 . VAL A 1 71  ? 1.208   9.781   6.912   1.00 31.17 ? 71  VAL A CG2 1 
ATOM   535  N  N   . HIS A 1 72  ? 2.705   10.412  2.568   1.00 29.65 ? 72  HIS A N   1 
ATOM   536  C  CA  . HIS A 1 72  ? 3.371   11.040  1.433   1.00 30.08 ? 72  HIS A CA  1 
ATOM   537  C  C   . HIS A 1 72  ? 2.346   11.679  0.501   1.00 28.43 ? 72  HIS A C   1 
ATOM   538  O  O   . HIS A 1 72  ? 2.559   12.782  -0.006  1.00 27.81 ? 72  HIS A O   1 
ATOM   539  C  CB  . HIS A 1 72  ? 4.221   9.995   0.711   1.00 28.30 ? 72  HIS A CB  1 
ATOM   540  C  CG  . HIS A 1 72  ? 4.962   10.522  -0.477  1.00 30.13 ? 72  HIS A CG  1 
ATOM   541  N  ND1 . HIS A 1 72  ? 5.885   11.538  -0.393  1.00 29.98 ? 72  HIS A ND1 1 
ATOM   542  C  CD2 . HIS A 1 72  ? 4.924   10.155  -1.781  1.00 27.48 ? 72  HIS A CD2 1 
ATOM   543  C  CE1 . HIS A 1 72  ? 6.385   11.775  -1.592  1.00 31.03 ? 72  HIS A CE1 1 
ATOM   544  N  NE2 . HIS A 1 72  ? 5.813   10.954  -2.453  1.00 31.88 ? 72  HIS A NE2 1 
ATOM   545  N  N   . PHE A 1 73  ? 1.202   11.021  0.317   1.00 28.99 ? 73  PHE A N   1 
ATOM   546  C  CA  . PHE A 1 73  ? 0.143   11.599  -0.507  1.00 29.10 ? 73  PHE A CA  1 
ATOM   547  C  C   . PHE A 1 73  ? -0.467  12.822  0.163   1.00 25.91 ? 73  PHE A C   1 
ATOM   548  O  O   . PHE A 1 73  ? -0.756  13.815  -0.511  1.00 28.70 ? 73  PHE A O   1 
ATOM   549  C  CB  . PHE A 1 73  ? -0.934  10.553  -0.801  1.00 27.62 ? 73  PHE A CB  1 
ATOM   550  C  CG  . PHE A 1 73  ? -0.691  9.744   -2.054  1.00 28.36 ? 73  PHE A CG  1 
ATOM   551  C  CD1 . PHE A 1 73  ? -1.128  10.203  -3.289  1.00 30.86 ? 73  PHE A CD1 1 
ATOM   552  C  CD2 . PHE A 1 73  ? -0.060  8.518   -1.989  1.00 29.33 ? 73  PHE A CD2 1 
ATOM   553  C  CE1 . PHE A 1 73  ? -0.918  9.474   -4.430  1.00 31.54 ? 73  PHE A CE1 1 
ATOM   554  C  CE2 . PHE A 1 73  ? 0.161   7.772   -3.132  1.00 30.64 ? 73  PHE A CE2 1 
ATOM   555  C  CZ  . PHE A 1 73  ? -0.272  8.250   -4.359  1.00 30.47 ? 73  PHE A CZ  1 
ATOM   556  N  N   . THR A 1 74  ? -0.666  12.786  1.487   1.00 28.57 ? 74  THR A N   1 
ATOM   557  C  CA  . THR A 1 74  ? -1.210  13.974  2.141   1.00 30.14 ? 74  THR A CA  1 
ATOM   558  C  C   . THR A 1 74  ? -0.288  15.174  1.961   1.00 30.93 ? 74  THR A C   1 
ATOM   559  O  O   . THR A 1 74  ? -0.763  16.303  1.826   1.00 30.10 ? 74  THR A O   1 
ATOM   560  C  CB  . THR A 1 74  ? -1.483  13.752  3.636   1.00 29.67 ? 74  THR A CB  1 
ATOM   561  O  OG1 . THR A 1 74  ? -0.257  13.627  4.362   1.00 35.18 ? 74  THR A OG1 1 
ATOM   562  C  CG2 . THR A 1 74  ? -2.362  12.539  3.883   1.00 28.33 ? 74  THR A CG2 1 
ATOM   563  N  N   . GLN A 1 75  ? 1.025   14.949  1.934   1.00 32.59 ? 75  GLN A N   1 
ATOM   564  C  CA  . GLN A 1 75  ? 1.966   16.045  1.730   1.00 27.45 ? 75  GLN A CA  1 
ATOM   565  C  C   . GLN A 1 75  ? 1.855   16.622  0.327   1.00 26.71 ? 75  GLN A C   1 
ATOM   566  O  O   . GLN A 1 75  ? 2.019   17.833  0.133   1.00 27.38 ? 75  GLN A O   1 
ATOM   567  C  CB  . GLN A 1 75  ? 3.387   15.553  1.998   1.00 28.44 ? 75  GLN A CB  1 
ATOM   568  C  CG  . GLN A 1 75  ? 3.683   15.382  3.466   1.00 34.00 ? 75  GLN A CG  1 
ATOM   569  C  CD  . GLN A 1 75  ? 3.996   16.698  4.148   1.00 35.47 ? 75  GLN A CD  1 
ATOM   570  O  OE1 . GLN A 1 75  ? 4.957   17.375  3.793   1.00 33.84 ? 75  GLN A OE1 1 
ATOM   571  N  NE2 . GLN A 1 75  ? 3.192   17.064  5.135   1.00 32.19 ? 75  GLN A NE2 1 
ATOM   572  N  N   . TYR A 1 76  ? 1.597   15.766  -0.663  1.00 27.83 ? 76  TYR A N   1 
ATOM   573  C  CA  . TYR A 1 76  ? 1.387   16.244  -2.022  1.00 27.40 ? 76  TYR A CA  1 
ATOM   574  C  C   . TYR A 1 76  ? 0.195   17.186  -2.085  1.00 28.07 ? 76  TYR A C   1 
ATOM   575  O  O   . TYR A 1 76  ? 0.262   18.241  -2.719  1.00 27.36 ? 76  TYR A O   1 
ATOM   576  C  CB  . TYR A 1 76  ? 1.172   15.076  -2.980  1.00 26.21 ? 76  TYR A CB  1 
ATOM   577  C  CG  . TYR A 1 76  ? 0.943   15.540  -4.401  1.00 25.91 ? 76  TYR A CG  1 
ATOM   578  C  CD1 . TYR A 1 76  ? 1.902   16.280  -5.059  1.00 27.67 ? 76  TYR A CD1 1 
ATOM   579  C  CD2 . TYR A 1 76  ? -0.232  15.244  -5.082  1.00 27.83 ? 76  TYR A CD2 1 
ATOM   580  C  CE1 . TYR A 1 76  ? 1.713   16.710  -6.348  1.00 31.49 ? 76  TYR A CE1 1 
ATOM   581  C  CE2 . TYR A 1 76  ? -0.433  15.680  -6.390  1.00 26.73 ? 76  TYR A CE2 1 
ATOM   582  C  CZ  . TYR A 1 76  ? 0.544   16.420  -7.010  1.00 29.94 ? 76  TYR A CZ  1 
ATOM   583  O  OH  . TYR A 1 76  ? 0.396   16.871  -8.308  1.00 31.56 ? 76  TYR A OH  1 
ATOM   584  N  N   . LEU A 1 77  ? -0.914  16.805  -1.453  1.00 29.08 ? 77  LEU A N   1 
ATOM   585  C  CA  . LEU A 1 77  ? -2.073  17.688  -1.455  1.00 30.69 ? 77  LEU A CA  1 
ATOM   586  C  C   . LEU A 1 77  ? -1.732  19.014  -0.799  1.00 31.73 ? 77  LEU A C   1 
ATOM   587  O  O   . LEU A 1 77  ? -2.078  20.077  -1.319  1.00 33.28 ? 77  LEU A O   1 
ATOM   588  C  CB  . LEU A 1 77  ? -3.265  17.015  -0.769  1.00 29.79 ? 77  LEU A CB  1 
ATOM   589  C  CG  . LEU A 1 77  ? -3.842  15.834  -1.562  1.00 33.67 ? 77  LEU A CG  1 
ATOM   590  C  CD1 . LEU A 1 77  ? -5.076  15.227  -0.903  1.00 33.38 ? 77  LEU A CD1 1 
ATOM   591  C  CD2 . LEU A 1 77  ? -4.157  16.255  -2.978  1.00 35.21 ? 77  LEU A CD2 1 
ATOM   592  N  N   . ILE A 1 78  ? -1.010  18.974  0.319   1.00 30.29 ? 78  ILE A N   1 
ATOM   593  C  CA  . ILE A 1 78  ? -0.557  20.212  0.940   1.00 32.86 ? 78  ILE A CA  1 
ATOM   594  C  C   . ILE A 1 78  ? 0.256   21.027  -0.051  1.00 32.59 ? 78  ILE A C   1 
ATOM   595  O  O   . ILE A 1 78  ? 0.043   22.235  -0.219  1.00 31.21 ? 78  ILE A O   1 
ATOM   596  C  CB  . ILE A 1 78  ? 0.254   19.915  2.212   1.00 27.56 ? 78  ILE A CB  1 
ATOM   597  C  CG1 . ILE A 1 78  ? -0.657  19.351  3.302   1.00 29.27 ? 78  ILE A CG1 1 
ATOM   598  C  CG2 . ILE A 1 78  ? 0.968   21.187  2.660   1.00 31.53 ? 78  ILE A CG2 1 
ATOM   599  C  CD1 . ILE A 1 78  ? 0.098   18.684  4.446   1.00 29.08 ? 78  ILE A CD1 1 
ATOM   600  N  N   . ALA A 1 79  ? 1.189   20.364  -0.735  1.00 29.92 ? 79  ALA A N   1 
ATOM   601  C  CA  . ALA A 1 79  ? 2.039   21.026  -1.712  1.00 26.92 ? 79  ALA A CA  1 
ATOM   602  C  C   . ALA A 1 79  ? 1.229   21.646  -2.840  1.00 28.53 ? 79  ALA A C   1 
ATOM   603  O  O   . ALA A 1 79  ? 1.629   22.672  -3.394  1.00 33.16 ? 79  ALA A O   1 
ATOM   604  C  CB  . ALA A 1 79  ? 3.038   20.023  -2.277  1.00 27.65 ? 79  ALA A CB  1 
ATOM   605  N  N   . ARG A 1 80  ? 0.122   21.016  -3.222  1.00 31.24 ? 80  ARG A N   1 
ATOM   606  C  CA  . ARG A 1 80  ? -0.730  21.542  -4.278  1.00 29.58 ? 80  ARG A CA  1 
ATOM   607  C  C   . ARG A 1 80  ? -1.752  22.543  -3.759  1.00 28.83 ? 80  ARG A C   1 
ATOM   608  O  O   . ARG A 1 80  ? -2.584  23.012  -4.537  1.00 33.32 ? 80  ARG A O   1 
ATOM   609  C  CB  . ARG A 1 80  ? -1.437  20.400  -4.999  1.00 30.33 ? 80  ARG A CB  1 
ATOM   610  C  CG  . ARG A 1 80  ? -0.510  19.455  -5.746  1.00 26.34 ? 80  ARG A CG  1 
ATOM   611  C  CD  . ARG A 1 80  ? 0.196   20.129  -6.933  1.00 26.84 ? 80  ARG A CD  1 
ATOM   612  N  NE  . ARG A 1 80  ? -0.700  20.921  -7.772  1.00 31.81 ? 80  ARG A NE  1 
ATOM   613  C  CZ  . ARG A 1 80  ? -1.318  20.459  -8.851  1.00 30.44 ? 80  ARG A CZ  1 
ATOM   614  N  NH1 . ARG A 1 80  ? -1.138  19.209  -9.245  1.00 29.81 ? 80  ARG A NH1 1 
ATOM   615  N  NH2 . ARG A 1 80  ? -2.115  21.257  -9.542  1.00 35.85 ? 80  ARG A NH2 1 
ATOM   616  N  N   . SER A 1 81  ? -1.685  22.888  -2.478  1.00 32.64 ? 81  SER A N   1 
ATOM   617  C  CA  . SER A 1 81  ? -2.612  23.816  -1.839  1.00 32.09 ? 81  SER A CA  1 
ATOM   618  C  C   . SER A 1 81  ? -4.046  23.299  -1.877  1.00 32.16 ? 81  SER A C   1 
ATOM   619  O  O   . SER A 1 81  ? -5.000  24.079  -1.868  1.00 36.54 ? 81  SER A O   1 
ATOM   620  C  CB  . SER A 1 81  ? -2.518  25.210  -2.460  1.00 34.48 ? 81  SER A CB  1 
ATOM   621  O  OG  . SER A 1 81  ? -1.172  25.630  -2.540  1.00 36.69 ? 81  SER A OG  1 
ATOM   622  N  N   . GLN A 1 82  ? -4.208  21.984  -1.877  1.00 34.52 ? 82  GLN A N   1 
ATOM   623  C  CA  . GLN A 1 82  ? -5.513  21.352  -1.847  1.00 31.21 ? 82  GLN A CA  1 
ATOM   624  C  C   . GLN A 1 82  ? -5.827  20.863  -0.444  1.00 35.29 ? 82  GLN A C   1 
ATOM   625  O  O   . GLN A 1 82  ? -4.933  20.569  0.348   1.00 34.31 ? 82  GLN A O   1 
ATOM   626  C  CB  . GLN A 1 82  ? -5.581  20.179  -2.820  1.00 29.22 ? 82  GLN A CB  1 
ATOM   627  C  CG  . GLN A 1 82  ? -5.383  20.568  -4.257  1.00 34.93 ? 82  GLN A CG  1 
ATOM   628  C  CD  . GLN A 1 82  ? -6.481  21.490  -4.743  1.00 32.10 ? 82  GLN A CD  1 
ATOM   629  O  OE1 . GLN A 1 82  ? -7.652  21.231  -4.520  1.00 37.98 ? 82  GLN A OE1 1 
ATOM   630  N  NE2 . GLN A 1 82  ? -6.102  22.570  -5.387  1.00 38.99 ? 82  GLN A NE2 1 
ATOM   631  N  N   . SER A 1 83  ? -7.114  20.762  -0.145  1.00 36.03 ? 83  SER A N   1 
ATOM   632  C  CA  . SER A 1 83  ? -7.519  20.245  1.150   1.00 34.60 ? 83  SER A CA  1 
ATOM   633  C  C   . SER A 1 83  ? -7.334  18.736  1.208   1.00 34.61 ? 83  SER A C   1 
ATOM   634  O  O   . SER A 1 83  ? -7.577  18.027  0.232   1.00 38.34 ? 83  SER A O   1 
ATOM   635  C  CB  . SER A 1 83  ? -8.974  20.607  1.436   1.00 38.59 ? 83  SER A CB  1 
ATOM   636  O  OG  . SER A 1 83  ? -9.083  21.963  1.834   1.00 37.87 ? 83  SER A OG  1 
ATOM   637  N  N   . ASN A 1 84  ? -6.872  18.247  2.356   1.00 32.06 ? 84  ASN A N   1 
ATOM   638  C  CA  . ASN A 1 84  ? -6.970  16.835  2.659   1.00 29.90 ? 84  ASN A CA  1 
ATOM   639  C  C   . ASN A 1 84  ? -8.354  16.538  3.230   1.00 30.32 ? 84  ASN A C   1 
ATOM   640  O  O   . ASN A 1 84  ? -9.032  17.425  3.743   1.00 35.78 ? 84  ASN A O   1 
ATOM   641  C  CB  . ASN A 1 84  ? -5.890  16.414  3.664   1.00 27.87 ? 84  ASN A CB  1 
ATOM   642  C  CG  . ASN A 1 84  ? -4.599  15.980  2.991   1.00 26.11 ? 84  ASN A CG  1 
ATOM   643  O  OD1 . ASN A 1 84  ? -4.480  14.856  2.535   1.00 29.45 ? 84  ASN A OD1 1 
ATOM   644  N  ND2 . ASN A 1 84  ? -3.644  16.884  2.911   1.00 31.63 ? 84  ASN A ND2 1 
ATOM   645  N  N   . ASP A 1 85  ? -8.758  15.274  3.153   1.00 33.74 ? 85  ASP A N   1 
ATOM   646  C  CA  . ASP A 1 85  ? -9.999  14.833  3.792   1.00 33.79 ? 85  ASP A CA  1 
ATOM   647  C  C   . ASP A 1 85  ? -9.788  13.384  4.231   1.00 31.93 ? 85  ASP A C   1 
ATOM   648  O  O   . ASP A 1 85  ? -10.014 12.442  3.469   1.00 39.02 ? 85  ASP A O   1 
ATOM   649  C  CB  . ASP A 1 85  ? -11.192 14.991  2.862   1.00 33.53 ? 85  ASP A CB  1 
ATOM   650  C  CG  . ASP A 1 85  ? -12.479 14.512  3.485   1.00 45.04 ? 85  ASP A CG  1 
ATOM   651  O  OD1 . ASP A 1 85  ? -12.650 14.726  4.698   1.00 39.39 ? 85  ASP A OD1 1 
ATOM   652  O  OD2 . ASP A 1 85  ? -13.313 13.929  2.764   1.00 50.75 ? 85  ASP A OD2 1 
ATOM   653  N  N   . LEU A 1 86  ? -9.330  13.227  5.463   1.00 33.35 ? 86  LEU A N   1 
ATOM   654  C  CA  . LEU A 1 86  ? -9.051  11.918  6.021   1.00 30.69 ? 86  LEU A CA  1 
ATOM   655  C  C   . LEU A 1 86  ? -10.367 11.232  6.337   1.00 33.24 ? 86  LEU A C   1 
ATOM   656  O  O   . LEU A 1 86  ? -11.187 11.775  7.077   1.00 35.74 ? 86  LEU A O   1 
ATOM   657  C  CB  . LEU A 1 86  ? -8.202  12.053  7.279   1.00 31.25 ? 86  LEU A CB  1 
ATOM   658  C  CG  . LEU A 1 86  ? -6.813  12.649  7.063   1.00 29.19 ? 86  LEU A CG  1 
ATOM   659  C  CD1 . LEU A 1 86  ? -6.121  12.836  8.404   1.00 30.60 ? 86  LEU A CD1 1 
ATOM   660  C  CD2 . LEU A 1 86  ? -6.022  11.741  6.161   1.00 31.93 ? 86  LEU A CD2 1 
ATOM   661  N  N   . GLN A 1 87  ? -10.569 10.051  5.789   1.00 34.81 ? 87  GLN A N   1 
ATOM   662  C  CA  . GLN A 1 87  ? -11.888 9.440   5.804   1.00 37.05 ? 87  GLN A CA  1 
ATOM   663  C  C   . GLN A 1 87  ? -11.987 8.345   6.856   1.00 39.13 ? 87  GLN A C   1 
ATOM   664  O  O   . GLN A 1 87  ? -10.999 7.911   7.452   1.00 38.38 ? 87  GLN A O   1 
ATOM   665  C  CB  . GLN A 1 87  ? -12.222 8.885   4.422   1.00 32.77 ? 87  GLN A CB  1 
ATOM   666  C  CG  . GLN A 1 87  ? -12.385 9.980   3.399   1.00 36.59 ? 87  GLN A CG  1 
ATOM   667  C  CD  . GLN A 1 87  ? -12.365 9.467   1.986   1.00 45.76 ? 87  GLN A CD  1 
ATOM   668  O  OE1 . GLN A 1 87  ? -12.040 8.309   1.731   1.00 45.23 ? 87  GLN A OE1 1 
ATOM   669  N  NE2 . GLN A 1 87  ? -12.729 10.327  1.049   1.00 56.23 ? 87  GLN A NE2 1 
ATOM   670  N  N   . THR A 1 88  ? -13.223 7.911   7.084   1.00 34.71 ? 88  THR A N   1 
ATOM   671  C  CA  . THR A 1 88  ? -13.465 6.709   7.859   1.00 35.52 ? 88  THR A CA  1 
ATOM   672  C  C   . THR A 1 88  ? -12.670 5.551   7.280   1.00 33.88 ? 88  THR A C   1 
ATOM   673  O  O   . THR A 1 88  ? -12.610 5.367   6.066   1.00 41.79 ? 88  THR A O   1 
ATOM   674  C  CB  . THR A 1 88  ? -14.960 6.372   7.849   1.00 39.23 ? 88  THR A CB  1 
ATOM   675  O  OG1 . THR A 1 88  ? -15.685 7.402   8.528   1.00 39.40 ? 88  THR A OG1 1 
ATOM   676  C  CG2 . THR A 1 88  ? -15.211 5.064   8.546   1.00 39.48 ? 88  THR A CG2 1 
ATOM   677  N  N   . LEU A 1 89  ? -12.057 4.767   8.153   1.00 35.00 ? 89  LEU A N   1 
ATOM   678  C  CA  . LEU A 1 89  ? -11.293 3.599   7.742   1.00 40.54 ? 89  LEU A CA  1 
ATOM   679  C  C   . LEU A 1 89  ? -12.067 2.346   8.118   1.00 39.06 ? 89  LEU A C   1 
ATOM   680  O  O   . LEU A 1 89  ? -12.346 2.123   9.301   1.00 43.14 ? 89  LEU A O   1 
ATOM   681  C  CB  . LEU A 1 89  ? -9.911  3.605   8.397   1.00 38.99 ? 89  LEU A CB  1 
ATOM   682  C  CG  . LEU A 1 89  ? -8.830  2.730   7.776   1.00 38.25 ? 89  LEU A CG  1 
ATOM   683  C  CD1 . LEU A 1 89  ? -8.615  3.099   6.325   1.00 40.46 ? 89  LEU A CD1 1 
ATOM   684  C  CD2 . LEU A 1 89  ? -7.542  2.874   8.552   1.00 37.87 ? 89  LEU A CD2 1 
ATOM   685  N  N   . ASP A 1 90  ? -12.397 1.525   7.125   1.00 38.28 ? 90  ASP A N   1 
ATOM   686  C  CA  . ASP A 1 90  ? -13.053 0.257   7.405   1.00 37.79 ? 90  ASP A CA  1 
ATOM   687  C  C   . ASP A 1 90  ? -12.169 -0.651  8.254   1.00 41.71 ? 90  ASP A C   1 
ATOM   688  O  O   . ASP A 1 90  ? -10.942 -0.537  8.270   1.00 37.90 ? 90  ASP A O   1 
ATOM   689  C  CB  . ASP A 1 90  ? -13.416 -0.465  6.115   1.00 38.93 ? 90  ASP A CB  1 
ATOM   690  C  CG  . ASP A 1 90  ? -14.295 0.367   5.215   1.00 52.37 ? 90  ASP A CG  1 
ATOM   691  O  OD1 . ASP A 1 90  ? -14.946 1.295   5.727   1.00 54.93 ? 90  ASP A OD1 1 
ATOM   692  O  OD2 . ASP A 1 90  ? -14.336 0.100   4.001   1.00 59.45 ? 90  ASP A OD2 1 
ATOM   693  N  N   . ALA A 1 91  ? -12.814 -1.560  8.970   1.00 34.31 ? 91  ALA A N   1 
ATOM   694  C  CA  . ALA A 1 91  ? -12.075 -2.610  9.644   1.00 31.64 ? 91  ALA A CA  1 
ATOM   695  C  C   . ALA A 1 91  ? -11.435 -3.529  8.607   1.00 33.08 ? 91  ALA A C   1 
ATOM   696  O  O   . ALA A 1 91  ? -12.017 -3.768  7.547   1.00 33.27 ? 91  ALA A O   1 
ATOM   697  C  CB  . ALA A 1 91  ? -12.986 -3.419  10.562  1.00 38.16 ? 91  ALA A CB  1 
ATOM   698  N  N   . PRO A 1 92  ? -10.240 -4.036  8.872   1.00 38.31 ? 92  PRO A N   1 
ATOM   699  C  CA  . PRO A 1 92  ? -9.597  -4.960  7.937   1.00 33.74 ? 92  PRO A CA  1 
ATOM   700  C  C   . PRO A 1 92  ? -10.128 -6.377  8.080   1.00 30.26 ? 92  PRO A C   1 
ATOM   701  O  O   . PRO A 1 92  ? -10.736 -6.748  9.084   1.00 34.40 ? 92  PRO A O   1 
ATOM   702  C  CB  . PRO A 1 92  ? -8.127  -4.899  8.358   1.00 31.95 ? 92  PRO A CB  1 
ATOM   703  C  CG  . PRO A 1 92  ? -8.219  -4.685  9.842   1.00 36.09 ? 92  PRO A CG  1 
ATOM   704  C  CD  . PRO A 1 92  ? -9.369  -3.723  10.015  1.00 30.56 ? 92  PRO A CD  1 
ATOM   705  N  N   . ARG A 1 93  ? -9.860  -7.179  7.055   1.00 31.18 ? 93  ARG A N   1 
ATOM   706  C  CA  . ARG A 1 93  ? -10.009 -8.619  7.191   1.00 35.68 ? 93  ARG A CA  1 
ATOM   707  C  C   . ARG A 1 93  ? -9.057  -9.109  8.268   1.00 37.78 ? 93  ARG A C   1 
ATOM   708  O  O   . ARG A 1 93  ? -7.954  -8.584  8.425   1.00 35.26 ? 93  ARG A O   1 
ATOM   709  C  CB  . ARG A 1 93  ? -9.725  -9.322  5.865   1.00 36.90 ? 93  ARG A CB  1 
ATOM   710  C  CG  . ARG A 1 93  ? -9.818  -10.825 5.941   1.00 35.27 ? 93  ARG A CG  1 
ATOM   711  C  CD  . ARG A 1 93  ? -9.749  -11.470 4.598   1.00 32.75 ? 93  ARG A CD  1 
ATOM   712  N  NE  . ARG A 1 93  ? -9.857  -12.909 4.733   1.00 33.74 ? 93  ARG A NE  1 
ATOM   713  C  CZ  . ARG A 1 93  ? -9.916  -13.761 3.722   1.00 33.64 ? 93  ARG A CZ  1 
ATOM   714  N  NH1 . ARG A 1 93  ? -9.872  -13.331 2.475   1.00 35.21 ? 93  ARG A NH1 1 
ATOM   715  N  NH2 . ARG A 1 93  ? -10.015 -15.054 3.969   1.00 35.93 ? 93  ARG A NH2 1 
ATOM   716  N  N   . GLN A 1 94  ? -9.494  -10.097 9.038   1.00 35.42 ? 94  GLN A N   1 
ATOM   717  C  CA  . GLN A 1 94  ? -8.682  -10.568 10.143  1.00 37.87 ? 94  GLN A CA  1 
ATOM   718  C  C   . GLN A 1 94  ? -8.602  -12.078 10.259  1.00 35.30 ? 94  GLN A C   1 
ATOM   719  O  O   . GLN A 1 94  ? -7.907  -12.571 11.150  1.00 46.46 ? 94  GLN A O   1 
ATOM   720  C  CB  . GLN A 1 94  ? -9.201  -9.999  11.464  1.00 36.17 ? 94  GLN A CB  1 
ATOM   721  C  CG  . GLN A 1 94  ? -8.952  -8.522  11.620  1.00 32.22 ? 94  GLN A CG  1 
ATOM   722  C  CD  . GLN A 1 94  ? -9.673  -7.950  12.797  1.00 36.64 ? 94  GLN A CD  1 
ATOM   723  O  OE1 . GLN A 1 94  ? -10.888 -7.782  12.760  1.00 44.17 ? 94  GLN A OE1 1 
ATOM   724  N  NE2 . GLN A 1 94  ? -8.947  -7.654  13.854  1.00 31.91 ? 94  GLN A NE2 1 
ATOM   725  N  N   . ASN A 1 95  ? -9.279  -12.827 9.401   1.00 33.50 ? 95  ASN A N   1 
ATOM   726  C  CA  . ASN A 1 95  ? -9.266  -14.275 9.506   1.00 35.41 ? 95  ASN A CA  1 
ATOM   727  C  C   . ASN A 1 95  ? -8.884  -14.887 8.175   1.00 33.94 ? 95  ASN A C   1 
ATOM   728  O  O   . ASN A 1 95  ? -9.375  -14.461 7.128   1.00 38.03 ? 95  ASN A O   1 
ATOM   729  C  CB  . ASN A 1 95  ? -10.620 -14.796 9.975   1.00 40.95 ? 95  ASN A CB  1 
ATOM   730  C  CG  . ASN A 1 95  ? -11.049 -14.162 11.265  1.00 41.55 ? 95  ASN A CG  1 
ATOM   731  O  OD1 . ASN A 1 95  ? -10.579 -14.537 12.334  1.00 51.59 ? 95  ASN A OD1 1 
ATOM   732  N  ND2 . ASN A 1 95  ? -11.944 -13.188 11.177  1.00 49.11 ? 95  ASN A ND2 1 
ATOM   733  N  N   . TRP A 1 96  ? -7.982  -15.863 8.223   1.00 35.77 ? 96  TRP A N   1 
ATOM   734  C  CA  . TRP A 1 96  ? -7.571  -16.637 7.068   1.00 36.44 ? 96  TRP A CA  1 
ATOM   735  C  C   . TRP A 1 96  ? -7.429  -18.085 7.498   1.00 36.60 ? 96  TRP A C   1 
ATOM   736  O  O   . TRP A 1 96  ? -7.087  -18.368 8.646   1.00 35.48 ? 96  TRP A O   1 
ATOM   737  C  CB  . TRP A 1 96  ? -6.235  -16.141 6.485   1.00 35.75 ? 96  TRP A CB  1 
ATOM   738  C  CG  . TRP A 1 96  ? -6.326  -14.831 5.805   1.00 30.22 ? 96  TRP A CG  1 
ATOM   739  C  CD1 . TRP A 1 96  ? -6.586  -14.616 4.499   1.00 29.15 ? 96  TRP A CD1 1 
ATOM   740  C  CD2 . TRP A 1 96  ? -6.142  -13.540 6.396   1.00 29.15 ? 96  TRP A CD2 1 
ATOM   741  N  NE1 . TRP A 1 96  ? -6.603  -13.273 4.233   1.00 30.10 ? 96  TRP A NE1 1 
ATOM   742  C  CE2 . TRP A 1 96  ? -6.317  -12.592 5.383   1.00 28.57 ? 96  TRP A CE2 1 
ATOM   743  C  CE3 . TRP A 1 96  ? -5.850  -13.098 7.687   1.00 35.94 ? 96  TRP A CE3 1 
ATOM   744  C  CZ2 . TRP A 1 96  ? -6.213  -11.235 5.614   1.00 30.67 ? 96  TRP A CZ2 1 
ATOM   745  C  CZ3 . TRP A 1 96  ? -5.744  -11.755 7.912   1.00 32.64 ? 96  TRP A CZ3 1 
ATOM   746  C  CH2 . TRP A 1 96  ? -5.923  -10.833 6.881   1.00 29.89 ? 96  TRP A CH2 1 
ATOM   747  N  N   . ASP A 1 97  ? -7.667  -18.998 6.557   1.00 39.35 ? 97  ASP A N   1 
ATOM   748  C  CA  . ASP A 1 97  ? -7.542  -20.423 6.832   1.00 41.39 ? 97  ASP A CA  1 
ATOM   749  C  C   . ASP A 1 97  ? -6.115  -20.932 6.733   1.00 37.41 ? 97  ASP A C   1 
ATOM   750  O  O   . ASP A 1 97  ? -5.831  -22.021 7.227   1.00 39.51 ? 97  ASP A O   1 
ATOM   751  C  CB  . ASP A 1 97  ? -8.416  -21.234 5.874   1.00 47.86 ? 97  ASP A CB  1 
ATOM   752  C  CG  . ASP A 1 97  ? -9.890  -20.934 6.038   1.00 58.25 ? 97  ASP A CG  1 
ATOM   753  O  OD1 . ASP A 1 97  ? -10.310 -20.616 7.170   1.00 56.92 ? 97  ASP A OD1 1 
ATOM   754  O  OD2 . ASP A 1 97  ? -10.627 -21.018 5.038   1.00 68.90 ? 97  ASP A OD2 1 
ATOM   755  N  N   . SER A 1 98  ? -5.215  -20.180 6.110   1.00 40.08 ? 98  SER A N   1 
ATOM   756  C  CA  . SER A 1 98  ? -3.848  -20.641 5.921   1.00 40.30 ? 98  SER A CA  1 
ATOM   757  C  C   . SER A 1 98  ? -2.966  -19.449 5.592   1.00 30.86 ? 98  SER A C   1 
ATOM   758  O  O   . SER A 1 98  ? -3.441  -18.410 5.138   1.00 32.68 ? 98  SER A O   1 
ATOM   759  C  CB  . SER A 1 98  ? -3.751  -21.675 4.800   1.00 35.79 ? 98  SER A CB  1 
ATOM   760  O  OG  . SER A 1 98  ? -3.953  -21.051 3.551   1.00 35.37 ? 98  SER A OG  1 
ATOM   761  N  N   . LEU A 1 99  ? -1.667  -19.628 5.808   1.00 36.24 ? 99  LEU A N   1 
ATOM   762  C  CA  . LEU A 1 99  ? -0.710  -18.607 5.397   1.00 32.51 ? 99  LEU A CA  1 
ATOM   763  C  C   . LEU A 1 99  ? -0.762  -18.371 3.891   1.00 33.06 ? 99  LEU A C   1 
ATOM   764  O  O   . LEU A 1 99  ? -0.674  -17.229 3.427   1.00 31.80 ? 99  LEU A O   1 
ATOM   765  C  CB  . LEU A 1 99  ? 0.683   -19.025 5.829   1.00 30.65 ? 99  LEU A CB  1 
ATOM   766  C  CG  . LEU A 1 99  ? 1.808   -18.039 5.552   1.00 30.29 ? 99  LEU A CG  1 
ATOM   767  C  CD1 . LEU A 1 99  ? 1.591   -16.750 6.297   1.00 30.22 ? 99  LEU A CD1 1 
ATOM   768  C  CD2 . LEU A 1 99  ? 3.119   -18.692 5.967   1.00 30.99 ? 99  LEU A CD2 1 
ATOM   769  N  N   . ALA A 1 100 ? -0.922  -19.440 3.111   1.00 35.03 ? 100 ALA A N   1 
ATOM   770  C  CA  . ALA A 1 100 ? -1.061  -19.287 1.670   1.00 29.80 ? 100 ALA A CA  1 
ATOM   771  C  C   . ALA A 1 100 ? -2.235  -18.380 1.327   1.00 31.43 ? 100 ALA A C   1 
ATOM   772  O  O   . ALA A 1 100 ? -2.124  -17.513 0.455   1.00 29.90 ? 100 ALA A O   1 
ATOM   773  C  CB  . ALA A 1 100 ? -1.222  -20.659 1.015   1.00 30.15 ? 100 ALA A CB  1 
ATOM   774  N  N   . SER A 1 101 ? -3.357  -18.549 2.027   1.00 32.75 ? 101 SER A N   1 
ATOM   775  C  CA  . SER A 1 101 ? -4.520  -17.699 1.800   1.00 32.07 ? 101 SER A CA  1 
ATOM   776  C  C   . SER A 1 101 ? -4.249  -16.261 2.219   1.00 28.43 ? 101 SER A C   1 
ATOM   777  O  O   . SER A 1 101 ? -4.657  -15.322 1.532   1.00 34.09 ? 101 SER A O   1 
ATOM   778  C  CB  . SER A 1 101 ? -5.718  -18.249 2.562   1.00 35.91 ? 101 SER A CB  1 
ATOM   779  O  OG  . SER A 1 101 ? -6.839  -17.408 2.406   1.00 44.57 ? 101 SER A OG  1 
ATOM   780  N  N   . LEU A 1 102 ? -3.596  -16.072 3.361   1.00 33.86 ? 102 LEU A N   1 
ATOM   781  C  CA  . LEU A 1 102 ? -3.215  -14.726 3.770   1.00 30.13 ? 102 LEU A CA  1 
ATOM   782  C  C   . LEU A 1 102 ? -2.338  -14.064 2.714   1.00 30.11 ? 102 LEU A C   1 
ATOM   783  O  O   . LEU A 1 102 ? -2.560  -12.908 2.349   1.00 31.81 ? 102 LEU A O   1 
ATOM   784  C  CB  . LEU A 1 102 ? -2.499  -14.772 5.124   1.00 30.90 ? 102 LEU A CB  1 
ATOM   785  C  CG  . LEU A 1 102 ? -2.134  -13.429 5.775   1.00 28.79 ? 102 LEU A CG  1 
ATOM   786  C  CD1 . LEU A 1 102 ? -2.083  -13.591 7.292   1.00 25.52 ? 102 LEU A CD1 1 
ATOM   787  C  CD2 . LEU A 1 102 ? -0.798  -12.897 5.268   1.00 30.37 ? 102 LEU A CD2 1 
ATOM   788  N  N   . MET A 1 103 ? -1.332  -14.783 2.210   1.00 31.44 ? 103 MET A N   1 
ATOM   789  C  CA  . MET A 1 103 ? -0.415  -14.175 1.245   1.00 31.65 ? 103 MET A CA  1 
ATOM   790  C  C   . MET A 1 103 ? -1.122  -13.846 -0.063  1.00 32.24 ? 103 MET A C   1 
ATOM   791  O  O   . MET A 1 103 ? -0.776  -12.863 -0.726  1.00 31.13 ? 103 MET A O   1 
ATOM   792  C  CB  . MET A 1 103 ? 0.783   -15.088 0.990   1.00 28.89 ? 103 MET A CB  1 
ATOM   793  C  CG  . MET A 1 103 ? 1.715   -15.260 2.192   1.00 31.54 ? 103 MET A CG  1 
ATOM   794  S  SD  . MET A 1 103 ? 2.345   -13.690 2.801   1.00 34.22 ? 103 MET A SD  1 
ATOM   795  C  CE  . MET A 1 103 ? 3.108   -13.027 1.338   1.00 31.75 ? 103 MET A CE  1 
ATOM   796  N  N   . ALA A 1 104 ? -2.119  -14.646 -0.444  1.00 32.58 ? 104 ALA A N   1 
ATOM   797  C  CA  . ALA A 1 104 ? -2.923  -14.317 -1.615  1.00 33.75 ? 104 ALA A CA  1 
ATOM   798  C  C   . ALA A 1 104 ? -3.638  -12.981 -1.432  1.00 30.98 ? 104 ALA A C   1 
ATOM   799  O  O   . ALA A 1 104 ? -3.635  -12.131 -2.327  1.00 33.71 ? 104 ALA A O   1 
ATOM   800  C  CB  . ALA A 1 104 ? -3.924  -15.438 -1.888  1.00 36.15 ? 104 ALA A CB  1 
ATOM   801  N  N   . THR A 1 105 ? -4.252  -12.778 -0.272  1.00 30.72 ? 105 THR A N   1 
ATOM   802  C  CA  . THR A 1 105 ? -4.899  -11.502 -0.002  1.00 33.57 ? 105 THR A CA  1 
ATOM   803  C  C   . THR A 1 105 ? -3.879  -10.366 -0.002  1.00 31.43 ? 105 THR A C   1 
ATOM   804  O  O   . THR A 1 105 ? -4.134  -9.290  -0.546  1.00 30.38 ? 105 THR A O   1 
ATOM   805  C  CB  . THR A 1 105 ? -5.645  -11.566 1.330   1.00 33.13 ? 105 THR A CB  1 
ATOM   806  O  OG1 . THR A 1 105 ? -6.602  -12.630 1.292   1.00 36.42 ? 105 THR A OG1 1 
ATOM   807  C  CG2 . THR A 1 105 ? -6.370  -10.273 1.598   1.00 35.94 ? 105 THR A CG2 1 
ATOM   808  N  N   . ALA A 1 106 ? -2.702  -10.605 0.576   1.00 34.53 ? 106 ALA A N   1 
ATOM   809  C  CA  . ALA A 1 106 ? -1.664  -9.577  0.589   1.00 30.00 ? 106 ALA A CA  1 
ATOM   810  C  C   . ALA A 1 106 ? -1.257  -9.188  -0.824  1.00 28.78 ? 106 ALA A C   1 
ATOM   811  O  O   . ALA A 1 106 ? -1.152  -8.001  -1.145  1.00 30.54 ? 106 ALA A O   1 
ATOM   812  C  CB  . ALA A 1 106 ? -0.455  -10.073 1.382   1.00 29.79 ? 106 ALA A CB  1 
ATOM   813  N  N   . PHE A 1 107 ? -1.007  -10.181 -1.678  1.00 30.92 ? 107 PHE A N   1 
ATOM   814  C  CA  . PHE A 1 107 ? -0.666  -9.885  -3.067  1.00 29.52 ? 107 PHE A CA  1 
ATOM   815  C  C   . PHE A 1 107 ? -1.777  -9.097  -3.735  1.00 32.00 ? 107 PHE A C   1 
ATOM   816  O  O   . PHE A 1 107 ? -1.529  -8.106  -4.424  1.00 32.31 ? 107 PHE A O   1 
ATOM   817  C  CB  . PHE A 1 107 ? -0.412  -11.169 -3.851  1.00 30.41 ? 107 PHE A CB  1 
ATOM   818  C  CG  . PHE A 1 107 ? -0.065  -10.925 -5.287  1.00 31.98 ? 107 PHE A CG  1 
ATOM   819  C  CD1 . PHE A 1 107 ? 1.239   -10.702 -5.666  1.00 29.83 ? 107 PHE A CD1 1 
ATOM   820  C  CD2 . PHE A 1 107 ? -1.048  -10.877 -6.256  1.00 31.80 ? 107 PHE A CD2 1 
ATOM   821  C  CE1 . PHE A 1 107 ? 1.556   -10.472 -6.985  1.00 32.64 ? 107 PHE A CE1 1 
ATOM   822  C  CE2 . PHE A 1 107 ? -0.731  -10.638 -7.565  1.00 30.55 ? 107 PHE A CE2 1 
ATOM   823  C  CZ  . PHE A 1 107 ? 0.572   -10.432 -7.934  1.00 30.41 ? 107 PHE A CZ  1 
ATOM   824  N  N   . GLN A 1 108 ? -3.015  -9.543  -3.553  1.00 33.99 ? 108 GLN A N   1 
ATOM   825  C  CA  . GLN A 1 108 ? -4.136  -8.836  -4.154  1.00 36.01 ? 108 GLN A CA  1 
ATOM   826  C  C   . GLN A 1 108 ? -4.202  -7.401  -3.647  1.00 31.53 ? 108 GLN A C   1 
ATOM   827  O  O   . GLN A 1 108 ? -4.450  -6.475  -4.421  1.00 34.68 ? 108 GLN A O   1 
ATOM   828  C  CB  . GLN A 1 108 ? -5.436  -9.592  -3.857  1.00 37.12 ? 108 GLN A CB  1 
ATOM   829  C  CG  . GLN A 1 108 ? -6.676  -9.010  -4.508  1.00 46.97 ? 108 GLN A CG  1 
ATOM   830  C  CD  . GLN A 1 108 ? -6.621  -9.086  -6.015  1.00 49.71 ? 108 GLN A CD  1 
ATOM   831  O  OE1 . GLN A 1 108 ? -6.058  -10.019 -6.582  1.00 53.85 ? 108 GLN A OE1 1 
ATOM   832  N  NE2 . GLN A 1 108 ? -7.197  -8.094  -6.675  1.00 57.36 ? 108 GLN A NE2 1 
ATOM   833  N  N   . MET A 1 109 ? -3.945  -7.202  -2.349  1.00 34.14 ? 109 MET A N   1 
ATOM   834  C  CA  A MET A 1 109 ? -3.962  -5.859  -1.776  0.60 34.81 ? 109 MET A CA  1 
ATOM   835  C  CA  B MET A 1 109 ? -3.967  -5.857  -1.784  0.40 34.91 ? 109 MET A CA  1 
ATOM   836  C  C   . MET A 1 109 ? -2.929  -4.952  -2.443  1.00 34.29 ? 109 MET A C   1 
ATOM   837  O  O   . MET A 1 109 ? -3.219  -3.796  -2.760  1.00 34.98 ? 109 MET A O   1 
ATOM   838  C  CB  A MET A 1 109 ? -3.719  -5.946  -0.268  0.60 36.09 ? 109 MET A CB  1 
ATOM   839  C  CB  B MET A 1 109 ? -3.744  -5.923  -0.272  0.40 37.06 ? 109 MET A CB  1 
ATOM   840  C  CG  A MET A 1 109 ? -3.685  -4.613  0.456   0.60 39.67 ? 109 MET A CG  1 
ATOM   841  C  CG  B MET A 1 109 ? -3.732  -4.572  0.433   0.40 39.80 ? 109 MET A CG  1 
ATOM   842  S  SD  A MET A 1 109 ? -5.280  -3.775  0.497   0.60 45.36 ? 109 MET A SD  1 
ATOM   843  S  SD  B MET A 1 109 ? -5.283  -4.148  1.262   0.40 38.00 ? 109 MET A SD  1 
ATOM   844  C  CE  A MET A 1 109 ? -6.339  -5.092  1.085   0.60 46.64 ? 109 MET A CE  1 
ATOM   845  C  CE  B MET A 1 109 ? -6.350  -3.780  -0.123  0.40 48.14 ? 109 MET A CE  1 
ATOM   846  N  N   . GLU A 1 110 ? -1.714  -5.457  -2.654  1.00 35.32 ? 110 GLU A N   1 
ATOM   847  C  CA  . GLU A 1 110 ? -0.696  -4.654  -3.329  1.00 33.27 ? 110 GLU A CA  1 
ATOM   848  C  C   . GLU A 1 110 ? -1.100  -4.328  -4.758  1.00 29.83 ? 110 GLU A C   1 
ATOM   849  O  O   . GLU A 1 110 ? -0.955  -3.191  -5.213  1.00 33.21 ? 110 GLU A O   1 
ATOM   850  C  CB  . GLU A 1 110 ? 0.651   -5.374  -3.327  1.00 34.21 ? 110 GLU A CB  1 
ATOM   851  C  CG  . GLU A 1 110 ? 1.408   -5.260  -2.032  1.00 44.00 ? 110 GLU A CG  1 
ATOM   852  C  CD  . GLU A 1 110 ? 2.031   -3.893  -1.799  1.00 35.74 ? 110 GLU A CD  1 
ATOM   853  O  OE1 . GLU A 1 110 ? 2.754   -3.784  -0.802  1.00 40.73 ? 110 GLU A OE1 1 
ATOM   854  O  OE2 . GLU A 1 110 ? 1.803   -2.930  -2.576  1.00 32.87 ? 110 GLU A OE2 1 
ATOM   855  N  N   . ALA A 1 111 ? -1.580  -5.327  -5.497  1.00 31.95 ? 111 ALA A N   1 
ATOM   856  C  CA  . ALA A 1 111 ? -2.035  -5.075  -6.859  1.00 32.57 ? 111 ALA A CA  1 
ATOM   857  C  C   . ALA A 1 111 ? -3.191  -4.082  -6.889  1.00 32.26 ? 111 ALA A C   1 
ATOM   858  O  O   . ALA A 1 111 ? -3.236  -3.193  -7.745  1.00 33.85 ? 111 ALA A O   1 
ATOM   859  C  CB  . ALA A 1 111 ? -2.435  -6.390  -7.523  1.00 28.46 ? 111 ALA A CB  1 
ATOM   860  N  N   . ASP A 1 112 ? -4.141  -4.220  -5.966  1.00 34.98 ? 112 ASP A N   1 
ATOM   861  C  CA  . ASP A 1 112 ? -5.242  -3.265  -5.914  1.00 36.76 ? 112 ASP A CA  1 
ATOM   862  C  C   . ASP A 1 112 ? -4.757  -1.869  -5.559  1.00 33.03 ? 112 ASP A C   1 
ATOM   863  O  O   . ASP A 1 112 ? -5.328  -0.874  -6.022  1.00 33.91 ? 112 ASP A O   1 
ATOM   864  C  CB  . ASP A 1 112 ? -6.297  -3.729  -4.910  1.00 32.90 ? 112 ASP A CB  1 
ATOM   865  C  CG  . ASP A 1 112 ? -7.050  -4.953  -5.378  1.00 29.49 ? 112 ASP A CG  1 
ATOM   866  O  OD1 . ASP A 1 112 ? -6.906  -5.355  -6.541  1.00 34.99 ? 112 ASP A OD1 1 
ATOM   867  O  OD2 . ASP A 1 112 ? -7.801  -5.505  -4.569  1.00 34.27 ? 112 ASP A OD2 1 
ATOM   868  N  N   . THR A 1 113 ? -3.715  -1.767  -4.732  1.00 32.20 ? 113 THR A N   1 
ATOM   869  C  CA  . THR A 1 113 ? -3.143  -0.455  -4.463  1.00 32.62 ? 113 THR A CA  1 
ATOM   870  C  C   . THR A 1 113 ? -2.605  0.165   -5.741  1.00 28.65 ? 113 THR A C   1 
ATOM   871  O  O   . THR A 1 113 ? -2.826  1.352   -6.009  1.00 33.05 ? 113 THR A O   1 
ATOM   872  C  CB  . THR A 1 113 ? -2.032  -0.555  -3.415  1.00 30.00 ? 113 THR A CB  1 
ATOM   873  O  OG1 . THR A 1 113 ? -2.581  -1.054  -2.192  1.00 35.15 ? 113 THR A OG1 1 
ATOM   874  C  CG2 . THR A 1 113 ? -1.428  0.816   -3.179  1.00 33.66 ? 113 THR A CG2 1 
ATOM   875  N  N   . THR A 1 114 ? -1.915  -0.629  -6.552  1.00 30.62 ? 114 THR A N   1 
ATOM   876  C  CA  . THR A 1 114 ? -1.410  -0.117  -7.818  1.00 28.81 ? 114 THR A CA  1 
ATOM   877  C  C   . THR A 1 114 ? -2.546  0.297   -8.751  1.00 34.08 ? 114 THR A C   1 
ATOM   878  O  O   . THR A 1 114 ? -2.455  1.323   -9.431  1.00 34.17 ? 114 THR A O   1 
ATOM   879  C  CB  . THR A 1 114 ? -0.530  -1.159  -8.495  1.00 28.95 ? 114 THR A CB  1 
ATOM   880  O  OG1 . THR A 1 114 ? 0.413   -1.693  -7.552  1.00 32.13 ? 114 THR A OG1 1 
ATOM   881  C  CG2 . THR A 1 114 ? 0.224   -0.528  -9.657  1.00 29.37 ? 114 THR A CG2 1 
ATOM   882  N  N   . SER A 1 115 ? -3.608  -0.509  -8.821  1.00 36.26 ? 115 SER A N   1 
ATOM   883  C  CA  . SER A 1 115 ? -4.752  -0.147  -9.655  1.00 35.13 ? 115 SER A CA  1 
ATOM   884  C  C   . SER A 1 115 ? -5.315  1.207   -9.260  1.00 32.46 ? 115 SER A C   1 
ATOM   885  O  O   . SER A 1 115 ? -5.687  2.011   -10.123 1.00 36.29 ? 115 SER A O   1 
ATOM   886  C  CB  . SER A 1 115 ? -5.830  -1.217  -9.554  1.00 33.61 ? 115 SER A CB  1 
ATOM   887  O  OG  . SER A 1 115 ? -5.375  -2.431  -10.107 1.00 39.33 ? 115 SER A OG  1 
ATOM   888  N  N   . SER A 1 116 ? -5.382  1.477   -7.960  1.00 34.43 ? 116 SER A N   1 
ATOM   889  C  CA  . SER A 1 116 ? -5.862  2.770   -7.492  1.00 31.82 ? 116 SER A CA  1 
ATOM   890  C  C   . SER A 1 116 ? -4.969  3.900   -7.994  1.00 33.90 ? 116 SER A C   1 
ATOM   891  O  O   . SER A 1 116 ? -5.458  4.918   -8.492  1.00 35.94 ? 116 SER A O   1 
ATOM   892  C  CB  . SER A 1 116 ? -5.944  2.763   -5.971  1.00 32.19 ? 116 SER A CB  1 
ATOM   893  O  OG  . SER A 1 116 ? -6.430  3.999   -5.477  1.00 33.97 ? 116 SER A OG  1 
ATOM   894  N  N   . ILE A 1 117 ? -3.651  3.745   -7.861  1.00 32.11 ? 117 ILE A N   1 
ATOM   895  C  CA  . ILE A 1 117 ? -2.733  4.734   -8.416  1.00 29.76 ? 117 ILE A CA  1 
ATOM   896  C  C   . ILE A 1 117 ? -2.927  4.866   -9.922  1.00 28.49 ? 117 ILE A C   1 
ATOM   897  O  O   . ILE A 1 117 ? -2.907  5.973   -10.469 1.00 34.15 ? 117 ILE A O   1 
ATOM   898  C  CB  . ILE A 1 117 ? -1.276  4.356   -8.081  1.00 34.41 ? 117 ILE A CB  1 
ATOM   899  C  CG1 . ILE A 1 117 ? -1.068  4.314   -6.571  1.00 30.08 ? 117 ILE A CG1 1 
ATOM   900  C  CG2 . ILE A 1 117 ? -0.319  5.340   -8.716  1.00 31.88 ? 117 ILE A CG2 1 
ATOM   901  C  CD1 . ILE A 1 117 ? 0.336   3.896   -6.160  1.00 30.36 ? 117 ILE A CD1 1 
ATOM   902  N  N   . GLN A 1 118 ? -3.069  3.744   -10.620 1.00 32.72 ? 118 GLN A N   1 
ATOM   903  C  CA  . GLN A 1 118 ? -3.272  3.815   -12.063 1.00 35.09 ? 118 GLN A CA  1 
ATOM   904  C  C   . GLN A 1 118 ? -4.529  4.607   -12.392 1.00 33.53 ? 118 GLN A C   1 
ATOM   905  O  O   . GLN A 1 118 ? -4.557  5.366   -13.362 1.00 36.34 ? 118 GLN A O   1 
ATOM   906  C  CB  . GLN A 1 118 ? -3.383  2.418   -12.658 1.00 35.41 ? 118 GLN A CB  1 
ATOM   907  C  CG  . GLN A 1 118 ? -2.143  1.574   -12.622 1.00 41.81 ? 118 GLN A CG  1 
ATOM   908  C  CD  . GLN A 1 118 ? -2.441  0.166   -13.056 1.00 42.01 ? 118 GLN A CD  1 
ATOM   909  O  OE1 . GLN A 1 118 ? -2.714  -0.702  -12.231 1.00 45.68 ? 118 GLN A OE1 1 
ATOM   910  N  NE2 . GLN A 1 118 ? -2.416  -0.070  -14.356 1.00 51.22 ? 118 GLN A NE2 1 
ATOM   911  N  N   . SER A 1 119 ? -5.575  4.431   -11.590 1.00 34.81 ? 119 SER A N   1 
ATOM   912  C  CA  . SER A 1 119 ? -6.811  5.178   -11.787 1.00 38.30 ? 119 SER A CA  1 
ATOM   913  C  C   . SER A 1 119 ? -6.578  6.672   -11.618 1.00 37.26 ? 119 SER A C   1 
ATOM   914  O  O   . SER A 1 119 ? -7.036  7.483   -12.432 1.00 36.14 ? 119 SER A O   1 
ATOM   915  C  CB  . SER A 1 119 ? -7.867  4.679   -10.802 1.00 37.57 ? 119 SER A CB  1 
ATOM   916  O  OG  . SER A 1 119 ? -9.167  4.966   -11.265 1.00 56.57 ? 119 SER A OG  1 
ATOM   917  N  N   . VAL A 1 120 ? -5.867  7.056   -10.558 1.00 33.39 ? 120 VAL A N   1 
ATOM   918  C  CA  . VAL A 1 120 ? -5.526  8.458   -10.365 1.00 31.92 ? 120 VAL A CA  1 
ATOM   919  C  C   . VAL A 1 120 ? -4.673  8.957   -11.521 1.00 28.83 ? 120 VAL A C   1 
ATOM   920  O  O   . VAL A 1 120 ? -4.853  10.080  -12.004 1.00 32.68 ? 120 VAL A O   1 
ATOM   921  C  CB  . VAL A 1 120 ? -4.817  8.661   -9.012  1.00 30.74 ? 120 VAL A CB  1 
ATOM   922  C  CG1 . VAL A 1 120 ? -4.480  10.122  -8.803  1.00 30.21 ? 120 VAL A CG1 1 
ATOM   923  C  CG2 . VAL A 1 120 ? -5.692  8.152   -7.863  1.00 34.67 ? 120 VAL A CG2 1 
ATOM   924  N  N   . TYR A 1 121 ? -3.729  8.133   -11.975 1.00 29.91 ? 121 TYR A N   1 
ATOM   925  C  CA  . TYR A 1 121 ? -2.826  8.537   -13.045 1.00 33.70 ? 121 TYR A CA  1 
ATOM   926  C  C   . TYR A 1 121 ? -3.599  8.879   -14.308 1.00 35.16 ? 121 TYR A C   1 
ATOM   927  O  O   . TYR A 1 121 ? -3.352  9.908   -14.945 1.00 34.86 ? 121 TYR A O   1 
ATOM   928  C  CB  . TYR A 1 121 ? -1.829  7.414   -13.327 1.00 28.07 ? 121 TYR A CB  1 
ATOM   929  C  CG  . TYR A 1 121 ? -0.551  7.820   -14.022 1.00 32.66 ? 121 TYR A CG  1 
ATOM   930  C  CD1 . TYR A 1 121 ? -0.500  8.007   -15.393 1.00 31.29 ? 121 TYR A CD1 1 
ATOM   931  C  CD2 . TYR A 1 121 ? 0.634   7.956   -13.302 1.00 36.93 ? 121 TYR A CD2 1 
ATOM   932  C  CE1 . TYR A 1 121 ? 0.686   8.342   -16.027 1.00 37.72 ? 121 TYR A CE1 1 
ATOM   933  C  CE2 . TYR A 1 121 ? 1.810   8.286   -13.921 1.00 31.48 ? 121 TYR A CE2 1 
ATOM   934  C  CZ  . TYR A 1 121 ? 1.837   8.477   -15.281 1.00 36.53 ? 121 TYR A CZ  1 
ATOM   935  O  OH  . TYR A 1 121 ? 3.015   8.810   -15.885 1.00 37.67 ? 121 TYR A OH  1 
ATOM   936  N  N   . ALA A 1 122 ? -4.534  8.017   -14.689 1.00 35.99 ? 122 ALA A N   1 
ATOM   937  C  CA  . ALA A 1 122 ? -5.301  8.245   -15.908 1.00 38.78 ? 122 ALA A CA  1 
ATOM   938  C  C   . ALA A 1 122 ? -6.170  9.490   -15.793 1.00 36.43 ? 122 ALA A C   1 
ATOM   939  O  O   . ALA A 1 122 ? -6.290  10.254  -16.757 1.00 39.66 ? 122 ALA A O   1 
ATOM   940  C  CB  . ALA A 1 122 ? -6.143  7.012   -16.222 1.00 40.03 ? 122 ALA A CB  1 
ATOM   941  N  N   . LEU A 1 123 ? -6.764  9.728   -14.622 1.00 36.73 ? 123 LEU A N   1 
ATOM   942  C  CA  . LEU A 1 123 ? -7.505  10.968  -14.418 1.00 38.80 ? 123 LEU A CA  1 
ATOM   943  C  C   . LEU A 1 123 ? -6.603  12.179  -14.599 1.00 37.99 ? 123 LEU A C   1 
ATOM   944  O  O   . LEU A 1 123 ? -6.997  13.168  -15.226 1.00 36.16 ? 123 LEU A O   1 
ATOM   945  C  CB  . LEU A 1 123 ? -8.140  10.988  -13.029 1.00 38.78 ? 123 LEU A CB  1 
ATOM   946  C  CG  . LEU A 1 123 ? -9.620  11.356  -12.889 1.00 39.78 ? 123 LEU A CG  1 
ATOM   947  C  CD1 . LEU A 1 123 ? -9.969  11.665  -11.452 1.00 37.83 ? 123 LEU A CD1 1 
ATOM   948  C  CD2 . LEU A 1 123 ? -10.052 12.502  -13.789 1.00 39.71 ? 123 LEU A CD2 1 
ATOM   949  N  N   . ALA A 1 124 ? -5.385  12.123  -14.052 1.00 35.54 ? 124 ALA A N   1 
ATOM   950  C  CA  . ALA A 1 124 ? -4.471  13.249  -14.193 1.00 29.47 ? 124 ALA A CA  1 
ATOM   951  C  C   . ALA A 1 124 ? -4.101  13.475  -15.648 1.00 31.65 ? 124 ALA A C   1 
ATOM   952  O  O   . ALA A 1 124 ? -4.017  14.619  -16.103 1.00 35.57 ? 124 ALA A O   1 
ATOM   953  C  CB  . ALA A 1 124 ? -3.220  13.025  -13.343 1.00 30.91 ? 124 ALA A CB  1 
ATOM   954  N  N   . GLU A 1 125 ? -3.866  12.397  -16.391 1.00 36.00 ? 125 GLU A N   1 
ATOM   955  C  CA  . GLU A 1 125 ? -3.566  12.537  -17.810 1.00 38.12 ? 125 GLU A CA  1 
ATOM   956  C  C   . GLU A 1 125 ? -4.728  13.183  -18.554 1.00 38.60 ? 125 GLU A C   1 
ATOM   957  O  O   . GLU A 1 125 ? -4.521  14.077  -19.379 1.00 39.42 ? 125 GLU A O   1 
ATOM   958  C  CB  . GLU A 1 125 ? -3.228  11.179  -18.414 1.00 43.74 ? 125 GLU A CB  1 
ATOM   959  C  CG  . GLU A 1 125 ? -1.869  10.659  -18.019 1.00 42.05 ? 125 GLU A CG  1 
ATOM   960  C  CD  . GLU A 1 125 ? -1.443  9.459   -18.832 1.00 55.46 ? 125 GLU A CD  1 
ATOM   961  O  OE1 . GLU A 1 125 ? -0.346  9.502   -19.426 1.00 66.98 ? 125 GLU A OE1 1 
ATOM   962  O  OE2 . GLU A 1 125 ? -2.197  8.470   -18.878 1.00 53.62 ? 125 GLU A OE2 1 
ATOM   963  N  N   . ARG A 1 126 ? -5.960  12.763  -18.254 1.00 40.31 ? 126 ARG A N   1 
ATOM   964  C  CA  . ARG A 1 126 ? -7.120  13.398  -18.871 1.00 45.40 ? 126 ARG A CA  1 
ATOM   965  C  C   . ARG A 1 126 ? -7.165  14.883  -18.554 1.00 44.22 ? 126 ARG A C   1 
ATOM   966  O  O   . ARG A 1 126 ? -7.522  15.702  -19.409 1.00 43.04 ? 126 ARG A O   1 
ATOM   967  C  CB  . ARG A 1 126 ? -8.408  12.722  -18.410 1.00 46.27 ? 126 ARG A CB  1 
ATOM   968  C  CG  . ARG A 1 126 ? -8.707  11.435  -19.145 1.00 54.99 ? 126 ARG A CG  1 
ATOM   969  C  CD  . ARG A 1 126 ? -9.887  10.705  -18.533 1.00 68.27 ? 126 ARG A CD  1 
ATOM   970  N  NE  . ARG A 1 126 ? -9.725  9.257   -18.627 1.00 77.84 ? 126 ARG A NE  1 
ATOM   971  C  CZ  . ARG A 1 126 ? -9.675  8.436   -17.583 1.00 65.21 ? 126 ARG A CZ  1 
ATOM   972  N  NH1 . ARG A 1 126 ? -9.783  8.918   -16.350 1.00 42.45 ? 126 ARG A NH1 1 
ATOM   973  N  NH2 . ARG A 1 126 ? -9.521  7.130   -17.775 1.00 63.26 ? 126 ARG A NH2 1 
ATOM   974  N  N   . ASN A 1 127 ? -6.786  15.251  -17.343 1.00 36.87 ? 127 ASN A N   1 
ATOM   975  C  CA  . ASN A 1 127 ? -6.788  16.643  -16.952 1.00 36.44 ? 127 ASN A CA  1 
ATOM   976  C  C   . ASN A 1 127 ? -5.481  17.346  -17.274 1.00 32.20 ? 127 ASN A C   1 
ATOM   977  O  O   . ASN A 1 127 ? -5.337  18.521  -16.936 1.00 38.09 ? 127 ASN A O   1 
ATOM   978  C  CB  . ASN A 1 127 ? -7.108  16.754  -15.467 1.00 38.51 ? 127 ASN A CB  1 
ATOM   979  C  CG  . ASN A 1 127 ? -8.468  16.181  -15.137 1.00 45.44 ? 127 ASN A CG  1 
ATOM   980  O  OD1 . ASN A 1 127 ? -9.133  15.614  -15.991 1.00 49.14 ? 127 ASN A OD1 1 
ATOM   981  N  ND2 . ASN A 1 127 ? -8.882  16.325  -13.901 1.00 50.79 ? 127 ASN A ND2 1 
ATOM   982  N  N   . SER A 1 128 ? -4.546  16.663  -17.934 1.00 34.70 ? 128 SER A N   1 
ATOM   983  C  CA  . SER A 1 128 ? -3.241  17.234  -18.276 1.00 35.40 ? 128 SER A CA  1 
ATOM   984  C  C   . SER A 1 128 ? -2.519  17.769  -17.039 1.00 33.59 ? 128 SER A C   1 
ATOM   985  O  O   . SER A 1 128 ? -1.820  18.781  -17.100 1.00 35.67 ? 128 SER A O   1 
ATOM   986  C  CB  . SER A 1 128 ? -3.367  18.337  -19.338 1.00 40.01 ? 128 SER A CB  1 
ATOM   987  O  OG  . SER A 1 128 ? -3.731  17.798  -20.598 1.00 43.53 ? 128 SER A OG  1 
ATOM   988  N  N   . ASP A 1 129 ? -2.690  17.100  -15.905 1.00 35.00 ? 129 ASP A N   1 
ATOM   989  C  CA  . ASP A 1 129 ? -2.025  17.488  -14.662 1.00 32.28 ? 129 ASP A CA  1 
ATOM   990  C  C   . ASP A 1 129 ? -0.667  16.804  -14.628 1.00 30.36 ? 129 ASP A C   1 
ATOM   991  O  O   . ASP A 1 129 ? -0.508  15.714  -14.089 1.00 35.17 ? 129 ASP A O   1 
ATOM   992  C  CB  . ASP A 1 129 ? -2.872  17.115  -13.454 1.00 29.91 ? 129 ASP A CB  1 
ATOM   993  C  CG  . ASP A 1 129 ? -2.221  17.531  -12.128 1.00 33.82 ? 129 ASP A CG  1 
ATOM   994  O  OD1 . ASP A 1 129 ? -1.064  17.979  -12.129 1.00 33.45 ? 129 ASP A OD1 1 
ATOM   995  O  OD2 . ASP A 1 129 ? -2.864  17.392  -11.081 1.00 37.04 ? 129 ASP A OD2 1 
ATOM   996  N  N   . THR A 1 130 ? 0.335   17.475  -15.178 1.00 33.07 ? 130 THR A N   1 
ATOM   997  C  CA  . THR A 1 130 ? 1.641   16.846  -15.274 1.00 35.40 ? 130 THR A CA  1 
ATOM   998  C  C   . THR A 1 130 ? 2.362   16.809  -13.930 1.00 32.17 ? 130 THR A C   1 
ATOM   999  O  O   . THR A 1 130 ? 3.185   15.917  -13.704 1.00 34.61 ? 130 THR A O   1 
ATOM   1000 C  CB  . THR A 1 130 ? 2.484   17.564  -16.321 1.00 37.49 ? 130 THR A CB  1 
ATOM   1001 O  OG1 . THR A 1 130 ? 1.640   17.963  -17.401 1.00 53.76 ? 130 THR A OG1 1 
ATOM   1002 C  CG2 . THR A 1 130 ? 3.531   16.619  -16.864 1.00 42.90 ? 130 THR A CG2 1 
ATOM   1003 N  N   . ARG A 1 131 ? 2.072   17.742  -13.029 1.00 31.78 ? 131 ARG A N   1 
ATOM   1004 C  CA  . ARG A 1 131 ? 2.610   17.607  -11.681 1.00 30.23 ? 131 ARG A CA  1 
ATOM   1005 C  C   . ARG A 1 131 ? 2.220   16.264  -11.087 1.00 31.96 ? 131 ARG A C   1 
ATOM   1006 O  O   . ARG A 1 131 ? 3.056   15.560  -10.514 1.00 31.61 ? 131 ARG A O   1 
ATOM   1007 C  CB  . ARG A 1 131 ? 2.124   18.747  -10.795 1.00 31.07 ? 131 ARG A CB  1 
ATOM   1008 C  CG  . ARG A 1 131 ? 2.682   20.113  -11.150 1.00 30.96 ? 131 ARG A CG  1 
ATOM   1009 C  CD  . ARG A 1 131 ? 2.060   21.144  -10.249 1.00 28.68 ? 131 ARG A CD  1 
ATOM   1010 N  NE  . ARG A 1 131 ? 2.535   22.499  -10.475 1.00 29.47 ? 131 ARG A NE  1 
ATOM   1011 C  CZ  . ARG A 1 131 ? 2.052   23.306  -11.408 1.00 30.66 ? 131 ARG A CZ  1 
ATOM   1012 N  NH1 . ARG A 1 131 ? 1.117   22.868  -12.236 1.00 32.59 ? 131 ARG A NH1 1 
ATOM   1013 N  NH2 . ARG A 1 131 ? 2.514   24.540  -11.524 1.00 33.74 ? 131 ARG A NH2 1 
ATOM   1014 N  N   . THR A 1 132 ? 0.964   15.859  -11.271 1.00 32.77 ? 132 THR A N   1 
ATOM   1015 C  CA  . THR A 1 132 ? 0.484   14.661  -10.604 1.00 28.77 ? 132 THR A CA  1 
ATOM   1016 C  C   . THR A 1 132 ? 1.025   13.392  -11.253 1.00 29.85 ? 132 THR A C   1 
ATOM   1017 O  O   . THR A 1 132 ? 1.377   12.445  -10.546 1.00 32.01 ? 132 THR A O   1 
ATOM   1018 C  CB  . THR A 1 132 ? -1.046  14.664  -10.569 1.00 28.67 ? 132 THR A CB  1 
ATOM   1019 O  OG1 . THR A 1 132 ? -1.484  15.737  -9.727  1.00 31.70 ? 132 THR A OG1 1 
ATOM   1020 C  CG2 . THR A 1 132 ? -1.566  13.375  -10.012 1.00 31.48 ? 132 THR A CG2 1 
ATOM   1021 N  N   . THR A 1 133 ? 1.126   13.340  -12.585 1.00 30.56 ? 133 THR A N   1 
ATOM   1022 C  CA  . THR A 1 133 ? 1.697   12.137  -13.182 1.00 29.86 ? 133 THR A CA  1 
ATOM   1023 C  C   . THR A 1 133 ? 3.167   11.995  -12.811 1.00 29.01 ? 133 THR A C   1 
ATOM   1024 O  O   . THR A 1 133 ? 3.627   10.894  -12.516 1.00 31.24 ? 133 THR A O   1 
ATOM   1025 C  CB  . THR A 1 133 ? 1.530   12.130  -14.699 1.00 33.76 ? 133 THR A CB  1 
ATOM   1026 O  OG1 . THR A 1 133 ? 2.192   13.258  -15.266 1.00 33.37 ? 133 THR A OG1 1 
ATOM   1027 C  CG2 . THR A 1 133 ? 0.066   12.169  -15.061 1.00 36.96 ? 133 THR A CG2 1 
ATOM   1028 N  N   . VAL A 1 134 ? 3.899   13.106  -12.785 1.00 30.64 ? 134 VAL A N   1 
ATOM   1029 C  CA  . VAL A 1 134 ? 5.295   13.088  -12.348 1.00 31.47 ? 134 VAL A CA  1 
ATOM   1030 C  C   . VAL A 1 134 ? 5.401   12.620  -10.900 1.00 30.49 ? 134 VAL A C   1 
ATOM   1031 O  O   . VAL A 1 134 ? 6.241   11.779  -10.564 1.00 29.85 ? 134 VAL A O   1 
ATOM   1032 C  CB  . VAL A 1 134 ? 5.930   14.475  -12.550 1.00 29.66 ? 134 VAL A CB  1 
ATOM   1033 C  CG1 . VAL A 1 134 ? 7.234   14.595  -11.766 1.00 29.78 ? 134 VAL A CG1 1 
ATOM   1034 C  CG2 . VAL A 1 134 ? 6.195   14.700  -14.016 1.00 29.66 ? 134 VAL A CG2 1 
ATOM   1035 N  N   . PHE A 1 135 ? 4.544   13.165  -10.022 1.00 29.95 ? 135 PHE A N   1 
ATOM   1036 C  CA  . PHE A 1 135 ? 4.520   12.757  -8.620  1.00 31.00 ? 135 PHE A CA  1 
ATOM   1037 C  C   . PHE A 1 135 ? 4.244   11.265  -8.476  1.00 31.47 ? 135 PHE A C   1 
ATOM   1038 O  O   . PHE A 1 135 ? 4.823   10.597  -7.613  1.00 30.09 ? 135 PHE A O   1 
ATOM   1039 C  CB  . PHE A 1 135 ? 3.467   13.571  -7.857  1.00 28.52 ? 135 PHE A CB  1 
ATOM   1040 C  CG  . PHE A 1 135 ? 3.238   13.104  -6.450  1.00 31.37 ? 135 PHE A CG  1 
ATOM   1041 C  CD1 . PHE A 1 135 ? 4.073   13.519  -5.423  1.00 31.66 ? 135 PHE A CD1 1 
ATOM   1042 C  CD2 . PHE A 1 135 ? 2.191   12.255  -6.154  1.00 32.57 ? 135 PHE A CD2 1 
ATOM   1043 C  CE1 . PHE A 1 135 ? 3.868   13.090  -4.133  1.00 30.94 ? 135 PHE A CE1 1 
ATOM   1044 C  CE2 . PHE A 1 135 ? 1.978   11.823  -4.855  1.00 35.38 ? 135 PHE A CE2 1 
ATOM   1045 C  CZ  . PHE A 1 135 ? 2.826   12.242  -3.847  1.00 32.01 ? 135 PHE A CZ  1 
ATOM   1046 N  N   . LEU A 1 136 ? 3.372   10.721  -9.315  1.00 29.44 ? 136 LEU A N   1 
ATOM   1047 C  CA  . LEU A 1 136 ? 2.995   9.322   -9.200  1.00 29.19 ? 136 LEU A CA  1 
ATOM   1048 C  C   . LEU A 1 136 ? 4.029   8.374   -9.784  1.00 26.90 ? 136 LEU A C   1 
ATOM   1049 O  O   . LEU A 1 136 ? 4.068   7.211   -9.377  1.00 29.86 ? 136 LEU A O   1 
ATOM   1050 C  CB  . LEU A 1 136 ? 1.652   9.093   -9.895  1.00 29.99 ? 136 LEU A CB  1 
ATOM   1051 C  CG  . LEU A 1 136 ? 0.405   9.707   -9.256  1.00 26.98 ? 136 LEU A CG  1 
ATOM   1052 C  CD1 . LEU A 1 136 ? -0.827  9.438   -10.154 1.00 30.10 ? 136 LEU A CD1 1 
ATOM   1053 C  CD2 . LEU A 1 136 ? 0.179   9.171   -7.850  1.00 30.03 ? 136 LEU A CD2 1 
ATOM   1054 N  N   . ASP A 1 137 ? 4.849   8.840   -10.728 1.00 28.32 ? 137 ASP A N   1 
ATOM   1055 C  CA  . ASP A 1 137 ? 5.762   7.941   -11.438 1.00 28.22 ? 137 ASP A CA  1 
ATOM   1056 C  C   . ASP A 1 137 ? 6.614   7.107   -10.495 1.00 29.19 ? 137 ASP A C   1 
ATOM   1057 O  O   . ASP A 1 137 ? 6.592   5.870   -10.614 1.00 26.01 ? 137 ASP A O   1 
ATOM   1058 C  CB  . ASP A 1 137 ? 6.651   8.740   -12.405 1.00 28.00 ? 137 ASP A CB  1 
ATOM   1059 C  CG  . ASP A 1 137 ? 5.935   9.120   -13.700 1.00 31.53 ? 137 ASP A CG  1 
ATOM   1060 O  OD1 . ASP A 1 137 ? 5.014   8.401   -14.122 1.00 32.64 ? 137 ASP A OD1 1 
ATOM   1061 O  OD2 . ASP A 1 137 ? 6.312   10.141  -14.282 1.00 33.43 ? 137 ASP A OD2 1 
ATOM   1062 N  N   . PRO A 1 138 ? 7.350   7.685   -9.544  1.00 29.90 ? 138 PRO A N   1 
ATOM   1063 C  CA  . PRO A 1 138 ? 8.156   6.855   -8.643  1.00 31.38 ? 138 PRO A CA  1 
ATOM   1064 C  C   . PRO A 1 138 ? 7.322   5.955   -7.748  1.00 29.09 ? 138 PRO A C   1 
ATOM   1065 O  O   . PRO A 1 138 ? 7.820   4.918   -7.291  1.00 29.31 ? 138 PRO A O   1 
ATOM   1066 C  CB  . PRO A 1 138 ? 8.934   7.895   -7.828  1.00 27.49 ? 138 PRO A CB  1 
ATOM   1067 C  CG  . PRO A 1 138 ? 8.109   9.123   -7.909  1.00 25.56 ? 138 PRO A CG  1 
ATOM   1068 C  CD  . PRO A 1 138 ? 7.516   9.121   -9.247  1.00 25.82 ? 138 PRO A CD  1 
ATOM   1069 N  N   . LEU A 1 139 ? 6.069   6.311   -7.480  1.00 29.14 ? 139 LEU A N   1 
ATOM   1070 C  CA  . LEU A 1 139 ? 5.234   5.447   -6.658  1.00 25.64 ? 139 LEU A CA  1 
ATOM   1071 C  C   . LEU A 1 139 ? 4.809   4.207   -7.433  1.00 27.76 ? 139 LEU A C   1 
ATOM   1072 O  O   . LEU A 1 139 ? 4.758   3.103   -6.878  1.00 29.46 ? 139 LEU A O   1 
ATOM   1073 C  CB  . LEU A 1 139 ? 4.029   6.229   -6.157  1.00 24.56 ? 139 LEU A CB  1 
ATOM   1074 C  CG  . LEU A 1 139 ? 4.459   7.550   -5.506  1.00 27.96 ? 139 LEU A CG  1 
ATOM   1075 C  CD1 . LEU A 1 139 ? 3.270   8.359   -5.026  1.00 28.96 ? 139 LEU A CD1 1 
ATOM   1076 C  CD2 . LEU A 1 139 ? 5.403   7.257   -4.333  1.00 27.17 ? 139 LEU A CD2 1 
ATOM   1077 N  N   . ILE A 1 140 ? 4.543   4.368   -8.726  1.00 29.65 ? 140 ILE A N   1 
ATOM   1078 C  CA  . ILE A 1 140 ? 4.313   3.220   -9.590  1.00 28.77 ? 140 ILE A CA  1 
ATOM   1079 C  C   . ILE A 1 140 ? 5.554   2.343   -9.652  1.00 28.47 ? 140 ILE A C   1 
ATOM   1080 O  O   . ILE A 1 140 ? 5.470   1.113   -9.580  1.00 27.71 ? 140 ILE A O   1 
ATOM   1081 C  CB  . ILE A 1 140 ? 3.876   3.699   -10.981 1.00 30.48 ? 140 ILE A CB  1 
ATOM   1082 C  CG1 . ILE A 1 140 ? 2.473   4.306   -10.881 1.00 27.81 ? 140 ILE A CG1 1 
ATOM   1083 C  CG2 . ILE A 1 140 ? 3.935   2.559   -11.977 1.00 31.16 ? 140 ILE A CG2 1 
ATOM   1084 C  CD1 . ILE A 1 140 ? 1.984   4.871   -12.165 1.00 34.31 ? 140 ILE A CD1 1 
ATOM   1085 N  N   . ALA A 1 141 ? 6.725   2.961   -9.775  1.00 27.33 ? 141 ALA A N   1 
ATOM   1086 C  CA  . ALA A 1 141 ? 7.956   2.184   -9.789  1.00 29.77 ? 141 ALA A CA  1 
ATOM   1087 C  C   . ALA A 1 141 ? 8.082   1.363   -8.512  1.00 28.38 ? 141 ALA A C   1 
ATOM   1088 O  O   . ALA A 1 141 ? 8.394   0.172   -8.555  1.00 29.49 ? 141 ALA A O   1 
ATOM   1089 C  CB  . ALA A 1 141 ? 9.155   3.112   -9.971  1.00 31.05 ? 141 ALA A CB  1 
ATOM   1090 N  N   . ALA A 1 142 ? 7.794   1.973   -7.365  1.00 29.12 ? 142 ALA A N   1 
ATOM   1091 C  CA  . ALA A 1 142 ? 7.856   1.215   -6.119  1.00 27.80 ? 142 ALA A CA  1 
ATOM   1092 C  C   . ALA A 1 142 ? 6.814   0.101   -6.109  1.00 28.61 ? 142 ALA A C   1 
ATOM   1093 O  O   . ALA A 1 142 ? 7.067   -0.995  -5.600  1.00 30.80 ? 142 ALA A O   1 
ATOM   1094 C  CB  . ALA A 1 142 ? 7.668   2.145   -4.921  1.00 27.51 ? 142 ALA A CB  1 
ATOM   1095 N  N   . GLN A 1 143 ? 5.640   0.354   -6.684  1.00 30.28 ? 143 GLN A N   1 
ATOM   1096 C  CA  . GLN A 1 143 ? 4.611   -0.679  -6.690  1.00 28.76 ? 143 GLN A CA  1 
ATOM   1097 C  C   . GLN A 1 143 ? 5.034   -1.890  -7.506  1.00 26.66 ? 143 GLN A C   1 
ATOM   1098 O  O   . GLN A 1 143 ? 4.714   -3.020  -7.138  1.00 30.57 ? 143 GLN A O   1 
ATOM   1099 C  CB  . GLN A 1 143 ? 3.288   -0.124  -7.209  1.00 26.33 ? 143 GLN A CB  1 
ATOM   1100 C  CG  . GLN A 1 143 ? 2.543   0.699   -6.182  1.00 26.83 ? 143 GLN A CG  1 
ATOM   1101 C  CD  . GLN A 1 143 ? 2.305   -0.048  -4.899  1.00 31.76 ? 143 GLN A CD  1 
ATOM   1102 O  OE1 . GLN A 1 143 ? 2.794   0.344   -3.846  1.00 37.32 ? 143 GLN A OE1 1 
ATOM   1103 N  NE2 . GLN A 1 143 ? 1.530   -1.123  -4.971  1.00 33.66 ? 143 GLN A NE2 1 
ATOM   1104 N  N   . ILE A 1 144 ? 5.730   -1.676  -8.622  1.00 31.32 ? 144 ILE A N   1 
ATOM   1105 C  CA  . ILE A 1 144 ? 6.251   -2.802  -9.396  1.00 28.54 ? 144 ILE A CA  1 
ATOM   1106 C  C   . ILE A 1 144 ? 7.138   -3.666  -8.519  1.00 29.37 ? 144 ILE A C   1 
ATOM   1107 O  O   . ILE A 1 144 ? 7.027   -4.900  -8.505  1.00 26.88 ? 144 ILE A O   1 
ATOM   1108 C  CB  . ILE A 1 144 ? 7.015   -2.303  -10.634 1.00 27.97 ? 144 ILE A CB  1 
ATOM   1109 C  CG1 . ILE A 1 144 ? 6.083   -1.542  -11.569 1.00 28.42 ? 144 ILE A CG1 1 
ATOM   1110 C  CG2 . ILE A 1 144 ? 7.653   -3.480  -11.363 1.00 31.85 ? 144 ILE A CG2 1 
ATOM   1111 C  CD1 . ILE A 1 144 ? 6.767   -0.922  -12.721 1.00 28.40 ? 144 ILE A CD1 1 
ATOM   1112 N  N   . GLN A 1 145 ? 8.039   -3.024  -7.771  1.00 31.42 ? 145 GLN A N   1 
ATOM   1113 C  CA  . GLN A 1 145 ? 8.928   -3.766  -6.884  1.00 27.73 ? 145 GLN A CA  1 
ATOM   1114 C  C   . GLN A 1 145 ? 8.144   -4.514  -5.819  1.00 25.15 ? 145 GLN A C   1 
ATOM   1115 O  O   . GLN A 1 145 ? 8.441   -5.674  -5.522  1.00 30.65 ? 145 GLN A O   1 
ATOM   1116 C  CB  . GLN A 1 145 ? 9.931   -2.811  -6.239  1.00 33.10 ? 145 GLN A CB  1 
ATOM   1117 C  CG  . GLN A 1 145 ? 11.021  -2.346  -7.185  1.00 46.11 ? 145 GLN A CG  1 
ATOM   1118 C  CD  . GLN A 1 145 ? 11.692  -3.504  -7.905  1.00 55.78 ? 145 GLN A CD  1 
ATOM   1119 O  OE1 . GLN A 1 145 ? 12.299  -4.372  -7.277  1.00 57.13 ? 145 GLN A OE1 1 
ATOM   1120 N  NE2 . GLN A 1 145 ? 11.569  -3.534  -9.228  1.00 51.15 ? 145 GLN A NE2 1 
ATOM   1121 N  N   . SER A 1 146 ? 7.156   -3.859  -5.217  1.00 29.35 ? 146 SER A N   1 
ATOM   1122 C  CA  . SER A 1 146 ? 6.344   -4.522  -4.209  1.00 26.68 ? 146 SER A CA  1 
ATOM   1123 C  C   . SER A 1 146 ? 5.556   -5.688  -4.792  1.00 27.40 ? 146 SER A C   1 
ATOM   1124 O  O   . SER A 1 146 ? 5.408   -6.726  -4.142  1.00 28.78 ? 146 SER A O   1 
ATOM   1125 C  CB  . SER A 1 146 ? 5.410   -3.515  -3.561  1.00 29.12 ? 146 SER A CB  1 
ATOM   1126 O  OG  . SER A 1 146 ? 6.166   -2.543  -2.883  1.00 36.62 ? 146 SER A OG  1 
ATOM   1127 N  N   . GLU A 1 147 ? 5.014   -5.529  -6.003  1.00 31.15 ? 147 GLU A N   1 
ATOM   1128 C  CA  . GLU A 1 147 ? 4.307   -6.639  -6.642  1.00 28.23 ? 147 GLU A CA  1 
ATOM   1129 C  C   . GLU A 1 147 ? 5.248   -7.806  -6.915  1.00 28.60 ? 147 GLU A C   1 
ATOM   1130 O  O   . GLU A 1 147 ? 4.906   -8.967  -6.664  1.00 27.94 ? 147 GLU A O   1 
ATOM   1131 C  CB  . GLU A 1 147 ? 3.650   -6.152  -7.931  1.00 30.61 ? 147 GLU A CB  1 
ATOM   1132 C  CG  . GLU A 1 147 ? 2.477   -5.261  -7.662  1.00 31.36 ? 147 GLU A CG  1 
ATOM   1133 C  CD  . GLU A 1 147 ? 1.926   -4.577  -8.889  1.00 30.88 ? 147 GLU A CD  1 
ATOM   1134 O  OE1 . GLU A 1 147 ? 2.524   -4.671  -9.979  1.00 35.77 ? 147 GLU A OE1 1 
ATOM   1135 O  OE2 . GLU A 1 147 ? 0.881   -3.922  -8.742  1.00 34.62 ? 147 GLU A OE2 1 
ATOM   1136 N  N   . ASP A 1 148 ? 6.437   -7.513  -7.441  1.00 29.08 ? 148 ASP A N   1 
ATOM   1137 C  CA  . ASP A 1 148 ? 7.445   -8.546  -7.633  1.00 27.19 ? 148 ASP A CA  1 
ATOM   1138 C  C   . ASP A 1 148 ? 7.773   -9.216  -6.305  1.00 29.56 ? 148 ASP A C   1 
ATOM   1139 O  O   . ASP A 1 148 ? 7.862   -10.440 -6.220  1.00 28.57 ? 148 ASP A O   1 
ATOM   1140 C  CB  . ASP A 1 148 ? 8.677   -7.903  -8.283  1.00 27.79 ? 148 ASP A CB  1 
ATOM   1141 C  CG  . ASP A 1 148 ? 9.686   -8.909  -8.838  1.00 30.37 ? 148 ASP A CG  1 
ATOM   1142 O  OD1 . ASP A 1 148 ? 9.389   -10.111 -8.979  1.00 31.20 ? 148 ASP A OD1 1 
ATOM   1143 O  OD2 . ASP A 1 148 ? 10.812  -8.458  -9.139  1.00 30.23 ? 148 ASP A OD2 1 
ATOM   1144 N  N   . GLN A 1 149 ? 7.908   -8.419  -5.247  1.00 31.07 ? 149 GLN A N   1 
ATOM   1145 C  CA  . GLN A 1 149 ? 8.213   -8.954  -3.926  1.00 27.02 ? 149 GLN A CA  1 
ATOM   1146 C  C   . GLN A 1 149 ? 7.095   -9.855  -3.419  1.00 28.20 ? 149 GLN A C   1 
ATOM   1147 O  O   . GLN A 1 149 ? 7.340   -10.968 -2.943  1.00 28.05 ? 149 GLN A O   1 
ATOM   1148 C  CB  . GLN A 1 149 ? 8.436   -7.793  -2.955  1.00 29.01 ? 149 GLN A CB  1 
ATOM   1149 C  CG  . GLN A 1 149 ? 8.716   -8.209  -1.546  1.00 30.35 ? 149 GLN A CG  1 
ATOM   1150 C  CD  . GLN A 1 149 ? 8.949   -7.025  -0.640  1.00 29.35 ? 149 GLN A CD  1 
ATOM   1151 O  OE1 . GLN A 1 149 ? 8.322   -5.986  -0.789  1.00 34.72 ? 149 GLN A OE1 1 
ATOM   1152 N  NE2 . GLN A 1 149 ? 9.845   -7.183  0.317   1.00 33.26 ? 149 GLN A NE2 1 
ATOM   1153 N  N   . PHE A 1 150 ? 5.858   -9.376  -3.478  1.00 30.15 ? 150 PHE A N   1 
ATOM   1154 C  CA  . PHE A 1 150 ? 4.763   -10.172 -2.939  1.00 29.90 ? 150 PHE A CA  1 
ATOM   1155 C  C   . PHE A 1 150 ? 4.468   -11.389 -3.808  1.00 25.41 ? 150 PHE A C   1 
ATOM   1156 O  O   . PHE A 1 150 ? 3.998   -12.404 -3.293  1.00 31.07 ? 150 PHE A O   1 
ATOM   1157 C  CB  . PHE A 1 150 ? 3.509   -9.317  -2.756  1.00 26.90 ? 150 PHE A CB  1 
ATOM   1158 C  CG  . PHE A 1 150 ? 3.515   -8.498  -1.474  1.00 32.37 ? 150 PHE A CG  1 
ATOM   1159 C  CD1 . PHE A 1 150 ? 4.421   -7.475  -1.294  1.00 32.71 ? 150 PHE A CD1 1 
ATOM   1160 C  CD2 . PHE A 1 150 ? 2.628   -8.770  -0.457  1.00 38.27 ? 150 PHE A CD2 1 
ATOM   1161 C  CE1 . PHE A 1 150 ? 4.429   -6.728  -0.133  1.00 29.95 ? 150 PHE A CE1 1 
ATOM   1162 C  CE2 . PHE A 1 150 ? 2.639   -8.024  0.710   1.00 42.42 ? 150 PHE A CE2 1 
ATOM   1163 C  CZ  . PHE A 1 150 ? 3.544   -7.009  0.866   1.00 33.29 ? 150 PHE A CZ  1 
ATOM   1164 N  N   . ALA A 1 151 ? 4.730   -11.316 -5.111  1.00 29.49 ? 151 ALA A N   1 
ATOM   1165 C  CA  . ALA A 1 151 ? 4.645   -12.525 -5.925  1.00 28.68 ? 151 ALA A CA  1 
ATOM   1166 C  C   . ALA A 1 151 ? 5.676   -13.549 -5.473  1.00 31.26 ? 151 ALA A C   1 
ATOM   1167 O  O   . ALA A 1 151 ? 5.398   -14.754 -5.422  1.00 32.23 ? 151 ALA A O   1 
ATOM   1168 C  CB  . ALA A 1 151 ? 4.834   -12.189 -7.401  1.00 29.40 ? 151 ALA A CB  1 
ATOM   1169 N  N   . TYR A 1 152 ? 6.873   -13.078 -5.131  1.00 29.36 ? 152 TYR A N   1 
ATOM   1170 C  CA  . TYR A 1 152 ? 7.916   -13.962 -4.630  1.00 27.57 ? 152 TYR A CA  1 
ATOM   1171 C  C   . TYR A 1 152 ? 7.500   -14.613 -3.317  1.00 27.42 ? 152 TYR A C   1 
ATOM   1172 O  O   . TYR A 1 152 ? 7.579   -15.834 -3.166  1.00 33.49 ? 152 TYR A O   1 
ATOM   1173 C  CB  . TYR A 1 152 ? 9.227   -13.174 -4.486  1.00 27.32 ? 152 TYR A CB  1 
ATOM   1174 C  CG  . TYR A 1 152 ? 10.287  -13.858 -3.651  1.00 28.00 ? 152 TYR A CG  1 
ATOM   1175 C  CD1 . TYR A 1 152 ? 11.112  -14.825 -4.202  1.00 27.33 ? 152 TYR A CD1 1 
ATOM   1176 C  CD2 . TYR A 1 152 ? 10.475  -13.512 -2.314  1.00 29.92 ? 152 TYR A CD2 1 
ATOM   1177 C  CE1 . TYR A 1 152 ? 12.081  -15.457 -3.439  1.00 29.79 ? 152 TYR A CE1 1 
ATOM   1178 C  CE2 . TYR A 1 152 ? 11.437  -14.138 -1.542  1.00 28.87 ? 152 TYR A CE2 1 
ATOM   1179 C  CZ  . TYR A 1 152 ? 12.239  -15.109 -2.116  1.00 27.53 ? 152 TYR A CZ  1 
ATOM   1180 O  OH  . TYR A 1 152 ? 13.192  -15.731 -1.366  1.00 32.62 ? 152 TYR A OH  1 
ATOM   1181 N  N   . LEU A 1 153 ? 7.024   -13.818 -2.362  1.00 27.52 ? 153 LEU A N   1 
ATOM   1182 C  CA  . LEU A 1 153 ? 6.639   -14.384 -1.075  1.00 29.52 ? 153 LEU A CA  1 
ATOM   1183 C  C   . LEU A 1 153 ? 5.465   -15.348 -1.228  1.00 30.03 ? 153 LEU A C   1 
ATOM   1184 O  O   . LEU A 1 153 ? 5.471   -16.446 -0.663  1.00 27.96 ? 153 LEU A O   1 
ATOM   1185 C  CB  . LEU A 1 153 ? 6.302   -13.264 -0.102  1.00 25.82 ? 153 LEU A CB  1 
ATOM   1186 C  CG  . LEU A 1 153 ? 7.488   -12.346 0.224   1.00 30.07 ? 153 LEU A CG  1 
ATOM   1187 C  CD1 . LEU A 1 153 ? 7.053   -11.215 1.132   1.00 26.98 ? 153 LEU A CD1 1 
ATOM   1188 C  CD2 . LEU A 1 153 ? 8.587   -13.159 0.864   1.00 30.80 ? 153 LEU A CD2 1 
ATOM   1189 N  N   . LEU A 1 154 ? 4.466   -14.966 -2.013  1.00 32.63 ? 154 LEU A N   1 
ATOM   1190 C  CA  . LEU A 1 154 ? 3.324   -15.853 -2.207  1.00 31.09 ? 154 LEU A CA  1 
ATOM   1191 C  C   . LEU A 1 154 ? 3.752   -17.142 -2.899  1.00 27.53 ? 154 LEU A C   1 
ATOM   1192 O  O   . LEU A 1 154 ? 3.424   -18.237 -2.445  1.00 32.18 ? 154 LEU A O   1 
ATOM   1193 C  CB  . LEU A 1 154 ? 2.242   -15.122 -2.994  1.00 30.32 ? 154 LEU A CB  1 
ATOM   1194 C  CG  . LEU A 1 154 ? 1.033   -15.941 -3.446  1.00 29.69 ? 154 LEU A CG  1 
ATOM   1195 C  CD1 . LEU A 1 154 ? 0.360   -16.584 -2.265  1.00 30.66 ? 154 LEU A CD1 1 
ATOM   1196 C  CD2 . LEU A 1 154 ? 0.074   -15.025 -4.176  1.00 34.79 ? 154 LEU A CD2 1 
ATOM   1197 N  N   . GLY A 1 155 ? 4.533   -17.030 -3.971  1.00 32.83 ? 155 GLY A N   1 
ATOM   1198 C  CA  . GLY A 1 155 ? 4.947   -18.221 -4.695  1.00 29.26 ? 155 GLY A CA  1 
ATOM   1199 C  C   . GLY A 1 155 ? 5.788   -19.153 -3.849  1.00 32.74 ? 155 GLY A C   1 
ATOM   1200 O  O   . GLY A 1 155 ? 5.648   -20.378 -3.919  1.00 30.52 ? 155 GLY A O   1 
ATOM   1201 N  N   . ARG A 1 156 ? 6.667   -18.584 -3.027  1.00 32.28 ? 156 ARG A N   1 
ATOM   1202 C  CA  . ARG A 1 156 ? 7.505   -19.397 -2.157  1.00 29.91 ? 156 ARG A CA  1 
ATOM   1203 C  C   . ARG A 1 156 ? 6.659   -20.111 -1.107  1.00 29.75 ? 156 ARG A C   1 
ATOM   1204 O  O   . ARG A 1 156 ? 6.863   -21.299 -0.840  1.00 32.33 ? 156 ARG A O   1 
ATOM   1205 C  CB  . ARG A 1 156 ? 8.576   -18.508 -1.515  1.00 30.39 ? 156 ARG A CB  1 
ATOM   1206 C  CG  . ARG A 1 156 ? 9.912   -19.159 -1.294  1.00 31.88 ? 156 ARG A CG  1 
ATOM   1207 C  CD  . ARG A 1 156 ? 10.992  -18.125 -0.908  1.00 28.40 ? 156 ARG A CD  1 
ATOM   1208 N  NE  . ARG A 1 156 ? 12.122  -18.770 -0.242  1.00 29.74 ? 156 ARG A NE  1 
ATOM   1209 C  CZ  . ARG A 1 156 ? 13.157  -19.283 -0.896  1.00 27.86 ? 156 ARG A CZ  1 
ATOM   1210 N  NH1 . ARG A 1 156 ? 13.193  -19.210 -2.215  1.00 28.83 ? 156 ARG A NH1 1 
ATOM   1211 N  NH2 . ARG A 1 156 ? 14.157  -19.853 -0.231  1.00 29.74 ? 156 ARG A NH2 1 
ATOM   1212 N  N   . VAL A 1 157 ? 5.667   -19.417 -0.546  1.00 33.52 ? 157 VAL A N   1 
ATOM   1213 C  CA  . VAL A 1 157 ? 4.772   -20.039 0.421   1.00 31.61 ? 157 VAL A CA  1 
ATOM   1214 C  C   . VAL A 1 157 ? 3.928   -21.124 -0.248  1.00 29.44 ? 157 VAL A C   1 
ATOM   1215 O  O   . VAL A 1 157 ? 3.698   -22.189 0.333   1.00 31.66 ? 157 VAL A O   1 
ATOM   1216 C  CB  . VAL A 1 157 ? 3.903   -18.968 1.100   1.00 31.61 ? 157 VAL A CB  1 
ATOM   1217 C  CG1 . VAL A 1 157 ? 2.705   -19.599 1.828   1.00 34.69 ? 157 VAL A CG1 1 
ATOM   1218 C  CG2 . VAL A 1 157 ? 4.747   -18.164 2.086   1.00 27.86 ? 157 VAL A CG2 1 
ATOM   1219 N  N   . LYS A 1 158 ? 3.473   -20.880 -1.477  1.00 30.87 ? 158 LYS A N   1 
ATOM   1220 C  CA  . LYS A 1 158 ? 2.705   -21.900 -2.180  1.00 33.78 ? 158 LYS A CA  1 
ATOM   1221 C  C   . LYS A 1 158 ? 3.569   -23.102 -2.520  1.00 31.21 ? 158 LYS A C   1 
ATOM   1222 O  O   . LYS A 1 158 ? 3.108   -24.246 -2.439  1.00 36.87 ? 158 LYS A O   1 
ATOM   1223 C  CB  . LYS A 1 158 ? 2.066   -21.311 -3.437  1.00 33.29 ? 158 LYS A CB  1 
ATOM   1224 C  CG  . LYS A 1 158 ? 0.926   -20.370 -3.119  1.00 40.10 ? 158 LYS A CG  1 
ATOM   1225 C  CD  . LYS A 1 158 ? 0.374   -19.685 -4.357  1.00 42.13 ? 158 LYS A CD  1 
ATOM   1226 C  CE  . LYS A 1 158 ? -0.417  -20.629 -5.241  1.00 53.52 ? 158 LYS A CE  1 
ATOM   1227 N  NZ  . LYS A 1 158 ? -1.027  -19.878 -6.376  1.00 63.30 ? 158 LYS A NZ  1 
ATOM   1228 N  N   . PHE A 1 159 ? 4.826   -22.865 -2.889  1.00 31.48 ? 159 PHE A N   1 
ATOM   1229 C  CA  . PHE A 1 159 ? 5.746   -23.963 -3.169  1.00 33.09 ? 159 PHE A CA  1 
ATOM   1230 C  C   . PHE A 1 159 ? 5.883   -24.878 -1.959  1.00 33.68 ? 159 PHE A C   1 
ATOM   1231 O  O   . PHE A 1 159 ? 5.983   -26.106 -2.102  1.00 36.11 ? 159 PHE A O   1 
ATOM   1232 C  CB  . PHE A 1 159 ? 7.102   -23.386 -3.593  1.00 30.93 ? 159 PHE A CB  1 
ATOM   1233 C  CG  . PHE A 1 159 ? 8.145   -24.409 -3.924  1.00 34.23 ? 159 PHE A CG  1 
ATOM   1234 C  CD1 . PHE A 1 159 ? 7.961   -25.305 -4.960  1.00 37.17 ? 159 PHE A CD1 1 
ATOM   1235 C  CD2 . PHE A 1 159 ? 9.344   -24.437 -3.233  1.00 34.02 ? 159 PHE A CD2 1 
ATOM   1236 C  CE1 . PHE A 1 159 ? 8.942   -26.239 -5.280  1.00 39.45 ? 159 PHE A CE1 1 
ATOM   1237 C  CE2 . PHE A 1 159 ? 10.332  -25.374 -3.544  1.00 33.35 ? 159 PHE A CE2 1 
ATOM   1238 C  CZ  . PHE A 1 159 ? 10.130  -26.269 -4.570  1.00 38.46 ? 159 PHE A CZ  1 
ATOM   1239 N  N   . ALA A 1 160 ? 5.861   -24.300 -0.759  1.00 30.16 ? 160 ALA A N   1 
ATOM   1240 C  CA  . ALA A 1 160 ? 5.922   -25.086 0.465   1.00 32.58 ? 160 ALA A CA  1 
ATOM   1241 C  C   . ALA A 1 160 ? 4.772   -26.071 0.580   1.00 38.99 ? 160 ALA A C   1 
ATOM   1242 O  O   . ALA A 1 160 ? 4.889   -27.063 1.305   1.00 37.20 ? 160 ALA A O   1 
ATOM   1243 C  CB  . ALA A 1 160 ? 5.910   -24.171 1.681   1.00 32.87 ? 160 ALA A CB  1 
ATOM   1244 N  N   . ASN A 1 161 ? 3.654   -25.787 -0.079  1.00 37.47 ? 161 ASN A N   1 
ATOM   1245 C  CA  . ASN A 1 161 ? 2.505   -26.688 -0.140  1.00 37.81 ? 161 ASN A CA  1 
ATOM   1246 C  C   . ASN A 1 161 ? 2.004   -27.091 1.249   1.00 43.43 ? 161 ASN A C   1 
ATOM   1247 O  O   . ASN A 1 161 ? 1.651   -28.246 1.492   1.00 45.78 ? 161 ASN A O   1 
ATOM   1248 C  CB  . ASN A 1 161 ? 2.833   -27.920 -0.975  1.00 38.51 ? 161 ASN A CB  1 
ATOM   1249 C  CG  . ASN A 1 161 ? 1.597   -28.721 -1.328  1.00 47.13 ? 161 ASN A CG  1 
ATOM   1250 O  OD1 . ASN A 1 161 ? 0.512   -28.169 -1.500  1.00 48.77 ? 161 ASN A OD1 1 
ATOM   1251 N  ND2 . ASN A 1 161 ? 1.753   -30.029 -1.416  1.00 52.45 ? 161 ASN A ND2 1 
ATOM   1252 N  N   . GLY A 1 162 ? 1.970   -26.136 2.171   1.00 39.68 ? 162 GLY A N   1 
ATOM   1253 C  CA  . GLY A 1 162 ? 1.430   -26.377 3.491   1.00 37.49 ? 162 GLY A CA  1 
ATOM   1254 C  C   . GLY A 1 162 ? 2.309   -27.162 4.438   1.00 40.20 ? 162 GLY A C   1 
ATOM   1255 O  O   . GLY A 1 162 ? 1.872   -27.448 5.557   1.00 39.64 ? 162 GLY A O   1 
ATOM   1256 N  N   . ASP A 1 163 ? 3.516   -27.522 4.042   1.00 37.83 ? 163 ASP A N   1 
ATOM   1257 C  CA  . ASP A 1 163 ? 4.407   -28.254 4.936   1.00 35.69 ? 163 ASP A CA  1 
ATOM   1258 C  C   . ASP A 1 163 ? 4.940   -27.333 6.030   1.00 41.73 ? 163 ASP A C   1 
ATOM   1259 O  O   . ASP A 1 163 ? 5.548   -26.303 5.715   1.00 35.69 ? 163 ASP A O   1 
ATOM   1260 C  CB  . ASP A 1 163 ? 5.549   -28.851 4.148   1.00 38.75 ? 163 ASP A CB  1 
ATOM   1261 C  CG  . ASP A 1 163 ? 6.558   -29.546 5.025   1.00 37.19 ? 163 ASP A CG  1 
ATOM   1262 O  OD1 . ASP A 1 163 ? 6.172   -30.165 6.029   1.00 38.41 ? 163 ASP A OD1 1 
ATOM   1263 O  OD2 . ASP A 1 163 ? 7.752   -29.472 4.702   1.00 43.92 ? 163 ASP A OD2 1 
ATOM   1264 N  N   . PRO A 1 164 ? 4.739   -27.656 7.310   1.00 42.80 ? 164 PRO A N   1 
ATOM   1265 C  CA  . PRO A 1 164 ? 5.225   -26.761 8.376   1.00 37.72 ? 164 PRO A CA  1 
ATOM   1266 C  C   . PRO A 1 164 ? 6.722   -26.535 8.351   1.00 36.76 ? 164 PRO A C   1 
ATOM   1267 O  O   . PRO A 1 164 ? 7.171   -25.408 8.591   1.00 34.94 ? 164 PRO A O   1 
ATOM   1268 C  CB  . PRO A 1 164 ? 4.787   -27.486 9.656   1.00 39.15 ? 164 PRO A CB  1 
ATOM   1269 C  CG  . PRO A 1 164 ? 3.610   -28.287 9.242   1.00 40.17 ? 164 PRO A CG  1 
ATOM   1270 C  CD  . PRO A 1 164 ? 3.933   -28.761 7.850   1.00 40.72 ? 164 PRO A CD  1 
ATOM   1271 N  N   . THR A 1 165 ? 7.511   -27.576 8.075   1.00 34.13 ? 165 THR A N   1 
ATOM   1272 C  CA  . THR A 1 165 ? 8.960   -27.421 8.028   1.00 33.71 ? 165 THR A CA  1 
ATOM   1273 C  C   . THR A 1 165 ? 9.359   -26.352 7.023   1.00 35.84 ? 165 THR A C   1 
ATOM   1274 O  O   . THR A 1 165 ? 10.103  -25.421 7.347   1.00 34.51 ? 165 THR A O   1 
ATOM   1275 C  CB  . THR A 1 165 ? 9.622   -28.748 7.670   1.00 35.58 ? 165 THR A CB  1 
ATOM   1276 O  OG1 . THR A 1 165 ? 9.149   -29.777 8.542   1.00 44.98 ? 165 THR A OG1 1 
ATOM   1277 C  CG2 . THR A 1 165 ? 11.092  -28.635 7.797   1.00 37.64 ? 165 THR A CG2 1 
ATOM   1278 N  N   . ALA A 1 166 ? 8.858   -26.465 5.794   1.00 33.25 ? 166 ALA A N   1 
ATOM   1279 C  CA  . ALA A 1 166 ? 9.153   -25.455 4.788   1.00 34.37 ? 166 ALA A CA  1 
ATOM   1280 C  C   . ALA A 1 166 ? 8.677   -24.076 5.229   1.00 32.61 ? 166 ALA A C   1 
ATOM   1281 O  O   . ALA A 1 166 ? 9.356   -23.075 4.983   1.00 32.34 ? 166 ALA A O   1 
ATOM   1282 C  CB  . ALA A 1 166 ? 8.524   -25.847 3.456   1.00 33.85 ? 166 ALA A CB  1 
ATOM   1283 N  N   . LEU A 1 167 ? 7.515   -23.994 5.882   1.00 30.67 ? 167 LEU A N   1 
ATOM   1284 C  CA  . LEU A 1 167 ? 7.032   -22.677 6.292   1.00 27.67 ? 167 LEU A CA  1 
ATOM   1285 C  C   . LEU A 1 167 ? 7.873   -22.096 7.419   1.00 28.22 ? 167 LEU A C   1 
ATOM   1286 O  O   . LEU A 1 167 ? 8.029   -20.872 7.506   1.00 31.35 ? 167 LEU A O   1 
ATOM   1287 C  CB  . LEU A 1 167 ? 5.562   -22.755 6.696   1.00 29.75 ? 167 LEU A CB  1 
ATOM   1288 C  CG  . LEU A 1 167 ? 4.618   -23.148 5.559   1.00 32.17 ? 167 LEU A CG  1 
ATOM   1289 C  CD1 . LEU A 1 167 ? 3.187   -23.265 6.040   1.00 36.10 ? 167 LEU A CD1 1 
ATOM   1290 C  CD2 . LEU A 1 167 ? 4.720   -22.134 4.430   1.00 33.71 ? 167 LEU A CD2 1 
ATOM   1291 N  N   . LEU A 1 168 ? 8.435   -22.947 8.275   1.00 30.66 ? 168 LEU A N   1 
ATOM   1292 C  CA  . LEU A 1 168 ? 9.351   -22.461 9.298   1.00 29.83 ? 168 LEU A CA  1 
ATOM   1293 C  C   . LEU A 1 168 ? 10.635  -21.935 8.667   1.00 29.81 ? 168 LEU A C   1 
ATOM   1294 O  O   . LEU A 1 168 ? 11.188  -20.926 9.113   1.00 30.41 ? 168 LEU A O   1 
ATOM   1295 C  CB  . LEU A 1 168 ? 9.668   -23.571 10.296  1.00 27.19 ? 168 LEU A CB  1 
ATOM   1296 C  CG  . LEU A 1 168 ? 8.564   -23.983 11.270  1.00 30.69 ? 168 LEU A CG  1 
ATOM   1297 C  CD1 . LEU A 1 168 ? 8.956   -25.262 11.984  1.00 31.38 ? 168 LEU A CD1 1 
ATOM   1298 C  CD2 . LEU A 1 168 ? 8.296   -22.878 12.267  1.00 30.24 ? 168 LEU A CD2 1 
ATOM   1299 N  N   . VAL A 1 169 ? 11.123  -22.623 7.637   1.00 31.07 ? 169 VAL A N   1 
ATOM   1300 C  CA  . VAL A 1 169 ? 12.304  -22.161 6.923   1.00 31.24 ? 169 VAL A CA  1 
ATOM   1301 C  C   . VAL A 1 169 ? 12.058  -20.781 6.330   1.00 31.21 ? 169 VAL A C   1 
ATOM   1302 O  O   . VAL A 1 169 ? 12.874  -19.867 6.485   1.00 29.26 ? 169 VAL A O   1 
ATOM   1303 C  CB  . VAL A 1 169 ? 12.707  -23.186 5.849   1.00 29.47 ? 169 VAL A CB  1 
ATOM   1304 C  CG1 . VAL A 1 169 ? 13.709  -22.583 4.890   1.00 29.53 ? 169 VAL A CG1 1 
ATOM   1305 C  CG2 . VAL A 1 169 ? 13.293  -24.411 6.501   1.00 32.21 ? 169 VAL A CG2 1 
ATOM   1306 N  N   . ILE A 1 170 ? 10.918  -20.602 5.660   1.00 29.02 ? 170 ILE A N   1 
ATOM   1307 C  CA  . ILE A 1 170 ? 10.610  -19.309 5.058   1.00 25.92 ? 170 ILE A CA  1 
ATOM   1308 C  C   . ILE A 1 170 ? 10.419  -18.260 6.139   1.00 28.75 ? 170 ILE A C   1 
ATOM   1309 O  O   . ILE A 1 170 ? 10.881  -17.120 6.005   1.00 28.50 ? 170 ILE A O   1 
ATOM   1310 C  CB  . ILE A 1 170 ? 9.366   -19.419 4.155   1.00 25.93 ? 170 ILE A CB  1 
ATOM   1311 C  CG1 . ILE A 1 170 ? 9.607   -20.377 3.002   1.00 28.15 ? 170 ILE A CG1 1 
ATOM   1312 C  CG2 . ILE A 1 170 ? 8.975   -18.066 3.584   1.00 27.09 ? 170 ILE A CG2 1 
ATOM   1313 C  CD1 . ILE A 1 170 ? 8.310   -20.901 2.379   1.00 29.34 ? 170 ILE A CD1 1 
ATOM   1314 N  N   . ASP A 1 171 ? 9.729   -18.626 7.220   1.00 28.55 ? 171 ASP A N   1 
ATOM   1315 C  CA  . ASP A 1 171 ? 9.558   -17.715 8.345   1.00 27.40 ? 171 ASP A CA  1 
ATOM   1316 C  C   . ASP A 1 171 ? 10.902  -17.160 8.798   1.00 28.41 ? 171 ASP A C   1 
ATOM   1317 O  O   . ASP A 1 171 ? 11.053  -15.952 9.001   1.00 29.11 ? 171 ASP A O   1 
ATOM   1318 C  CB  . ASP A 1 171 ? 8.865   -18.431 9.500   1.00 27.41 ? 171 ASP A CB  1 
ATOM   1319 C  CG  . ASP A 1 171 ? 8.487   -17.479 10.625  1.00 26.23 ? 171 ASP A CG  1 
ATOM   1320 O  OD1 . ASP A 1 171 ? 7.663   -16.580 10.394  1.00 28.92 ? 171 ASP A OD1 1 
ATOM   1321 O  OD2 . ASP A 1 171 ? 9.000   -17.635 11.740  1.00 32.19 ? 171 ASP A OD2 1 
ATOM   1322 N  N   . ASN A 1 172 ? 11.892  -18.040 8.949   1.00 29.23 ? 172 ASN A N   1 
ATOM   1323 C  CA  . ASN A 1 172 ? 13.217  -17.605 9.380   1.00 29.25 ? 172 ASN A CA  1 
ATOM   1324 C  C   . ASN A 1 172 ? 13.879  -16.715 8.338   1.00 28.13 ? 172 ASN A C   1 
ATOM   1325 O  O   . ASN A 1 172 ? 14.600  -15.775 8.696   1.00 30.62 ? 172 ASN A O   1 
ATOM   1326 C  CB  . ASN A 1 172 ? 14.093  -18.818 9.680   1.00 24.21 ? 172 ASN A CB  1 
ATOM   1327 C  CG  . ASN A 1 172 ? 13.721  -19.499 10.981  1.00 25.46 ? 172 ASN A CG  1 
ATOM   1328 O  OD1 . ASN A 1 172 ? 13.173  -18.879 11.874  1.00 33.83 ? 172 ASN A OD1 1 
ATOM   1329 N  ND2 . ASN A 1 172 ? 14.046  -20.783 11.094  1.00 29.74 ? 172 ASN A ND2 1 
ATOM   1330 N  N   . GLU A 1 173 ? 13.659  -17.000 7.049   1.00 28.00 ? 173 GLU A N   1 
ATOM   1331 C  CA  . GLU A 1 173 ? 14.136  -16.106 5.992   1.00 29.73 ? 173 GLU A CA  1 
ATOM   1332 C  C   . GLU A 1 173 ? 13.600  -14.702 6.204   1.00 29.27 ? 173 GLU A C   1 
ATOM   1333 O  O   . GLU A 1 173 ? 14.346  -13.719 6.148   1.00 29.63 ? 173 GLU A O   1 
ATOM   1334 C  CB  . GLU A 1 173 ? 13.704  -16.607 4.604   1.00 29.46 ? 173 GLU A CB  1 
ATOM   1335 C  CG  . GLU A 1 173 ? 14.200  -17.987 4.226   1.00 27.93 ? 173 GLU A CG  1 
ATOM   1336 C  CD  . GLU A 1 173 ? 13.581  -18.517 2.928   1.00 28.01 ? 173 GLU A CD  1 
ATOM   1337 O  OE1 . GLU A 1 173 ? 13.912  -19.645 2.544   1.00 32.46 ? 173 GLU A OE1 1 
ATOM   1338 O  OE2 . GLU A 1 173 ? 12.765  -17.818 2.304   1.00 31.75 ? 173 GLU A OE2 1 
ATOM   1339 N  N   . LEU A 1 174 ? 12.298  -14.592 6.445   1.00 28.47 ? 174 LEU A N   1 
ATOM   1340 C  CA  . LEU A 1 174 ? 11.691  -13.286 6.621   1.00 30.39 ? 174 LEU A CA  1 
ATOM   1341 C  C   . LEU A 1 174 ? 12.258  -12.580 7.842   1.00 31.13 ? 174 LEU A C   1 
ATOM   1342 O  O   . LEU A 1 174 ? 12.569  -11.388 7.783   1.00 29.88 ? 174 LEU A O   1 
ATOM   1343 C  CB  . LEU A 1 174 ? 10.173  -13.433 6.704   1.00 27.17 ? 174 LEU A CB  1 
ATOM   1344 C  CG  . LEU A 1 174 ? 9.524   -13.245 5.335   1.00 32.91 ? 174 LEU A CG  1 
ATOM   1345 C  CD1 . LEU A 1 174 ? 10.000  -14.274 4.341   1.00 33.53 ? 174 LEU A CD1 1 
ATOM   1346 C  CD2 . LEU A 1 174 ? 8.029   -13.253 5.442   1.00 31.45 ? 174 LEU A CD2 1 
ATOM   1347 N  N   . ARG A 1 175 ? 12.456  -13.310 8.939   1.00 29.17 ? 175 ARG A N   1 
ATOM   1348 C  CA  . ARG A 1 175 ? 13.038  -12.685 10.119  1.00 31.15 ? 175 ARG A CA  1 
ATOM   1349 C  C   . ARG A 1 175 ? 14.409  -12.110 9.812   1.00 29.09 ? 175 ARG A C   1 
ATOM   1350 O  O   . ARG A 1 175 ? 14.761  -11.043 10.311  1.00 31.75 ? 175 ARG A O   1 
ATOM   1351 C  CB  . ARG A 1 175 ? 13.141  -13.674 11.275  1.00 27.17 ? 175 ARG A CB  1 
ATOM   1352 C  CG  . ARG A 1 175 ? 13.383  -12.953 12.599  1.00 31.61 ? 175 ARG A CG  1 
ATOM   1353 C  CD  . ARG A 1 175 ? 13.934  -13.853 13.672  1.00 37.53 ? 175 ARG A CD  1 
ATOM   1354 N  NE  . ARG A 1 175 ? 12.947  -14.755 14.263  1.00 34.44 ? 175 ARG A NE  1 
ATOM   1355 C  CZ  . ARG A 1 175 ? 12.524  -14.697 15.526  1.00 33.06 ? 175 ARG A CZ  1 
ATOM   1356 N  NH1 . ARG A 1 175 ? 12.969  -13.760 16.350  1.00 34.67 ? 175 ARG A NH1 1 
ATOM   1357 N  NH2 . ARG A 1 175 ? 11.651  -15.583 15.966  1.00 30.99 ? 175 ARG A NH2 1 
ATOM   1358 N  N   . ALA A 1 176 ? 15.179  -12.791 8.973   1.00 31.28 ? 176 ALA A N   1 
ATOM   1359 C  CA  . ALA A 1 176 ? 16.502  -12.319 8.594   1.00 30.86 ? 176 ALA A CA  1 
ATOM   1360 C  C   . ALA A 1 176 ? 16.468  -11.153 7.612   1.00 31.67 ? 176 ALA A C   1 
ATOM   1361 O  O   . ALA A 1 176 ? 17.524  -10.598 7.301   1.00 35.23 ? 176 ALA A O   1 
ATOM   1362 C  CB  . ALA A 1 176 ? 17.294  -13.485 8.007   1.00 31.51 ? 176 ALA A CB  1 
ATOM   1363 N  N   . GLY A 1 177 ? 15.304  -10.769 7.107   1.00 29.94 ? 177 GLY A N   1 
ATOM   1364 C  CA  . GLY A 1 177 ? 15.252  -9.743  6.083   1.00 30.46 ? 177 GLY A CA  1 
ATOM   1365 C  C   . GLY A 1 177 ? 15.369  -10.236 4.658   1.00 32.88 ? 177 GLY A C   1 
ATOM   1366 O  O   . GLY A 1 177 ? 15.473  -9.413  3.739   1.00 32.71 ? 177 GLY A O   1 
ATOM   1367 N  N   . GLN A 1 178 ? 15.339  -11.550 4.439   1.00 28.32 ? 178 GLN A N   1 
ATOM   1368 C  CA  . GLN A 1 178 ? 15.387  -12.120 3.098   1.00 28.98 ? 178 GLN A CA  1 
ATOM   1369 C  C   . GLN A 1 178 ? 13.963  -12.159 2.565   1.00 31.52 ? 178 GLN A C   1 
ATOM   1370 O  O   . GLN A 1 178 ? 13.249  -13.153 2.706   1.00 29.92 ? 178 GLN A O   1 
ATOM   1371 C  CB  . GLN A 1 178 ? 16.011  -13.506 3.129   1.00 28.98 ? 178 GLN A CB  1 
ATOM   1372 C  CG  . GLN A 1 178 ? 16.104  -14.148 1.765   1.00 29.43 ? 178 GLN A CG  1 
ATOM   1373 C  CD  . GLN A 1 178 ? 16.736  -15.506 1.816   1.00 32.97 ? 178 GLN A CD  1 
ATOM   1374 O  OE1 . GLN A 1 178 ? 17.869  -15.653 2.261   1.00 35.62 ? 178 GLN A OE1 1 
ATOM   1375 N  NE2 . GLN A 1 178 ? 15.993  -16.523 1.387   1.00 30.11 ? 178 GLN A NE2 1 
ATOM   1376 N  N   . THR A 1 179 ? 13.535  -11.060 1.951   1.00 31.38 ? 179 THR A N   1 
ATOM   1377 C  CA  . THR A 1 179 ? 12.136  -10.903 1.570   1.00 33.65 ? 179 THR A CA  1 
ATOM   1378 C  C   . THR A 1 179 ? 11.935  -10.708 0.077   1.00 29.47 ? 179 THR A C   1 
ATOM   1379 O  O   . THR A 1 179 ? 10.813  -10.430 -0.350  1.00 35.25 ? 179 THR A O   1 
ATOM   1380 C  CB  . THR A 1 179 ? 11.515  -9.726  2.319   1.00 33.50 ? 179 THR A CB  1 
ATOM   1381 O  OG1 . THR A 1 179 ? 12.166  -8.525  1.904   1.00 34.71 ? 179 THR A OG1 1 
ATOM   1382 C  CG2 . THR A 1 179 ? 11.696  -9.904  3.823   1.00 33.27 ? 179 THR A CG2 1 
ATOM   1383 N  N   . GLN A 1 180 ? 12.987  -10.813 -0.722  1.00 32.14 ? 180 GLN A N   1 
ATOM   1384 C  CA  . GLN A 1 180 ? 12.886  -10.598 -2.155  1.00 33.58 ? 180 GLN A CA  1 
ATOM   1385 C  C   . GLN A 1 180 ? 13.800  -11.569 -2.872  1.00 31.96 ? 180 GLN A C   1 
ATOM   1386 O  O   . GLN A 1 180 ? 14.657  -12.212 -2.267  1.00 30.96 ? 180 GLN A O   1 
ATOM   1387 C  CB  . GLN A 1 180 ? 13.287  -9.173  -2.565  1.00 33.40 ? 180 GLN A CB  1 
ATOM   1388 C  CG  . GLN A 1 180 ? 12.479  -8.079  -1.942  1.00 42.38 ? 180 GLN A CG  1 
ATOM   1389 C  CD  . GLN A 1 180 ? 13.027  -6.709  -2.263  1.00 45.52 ? 180 GLN A CD  1 
ATOM   1390 O  OE1 . GLN A 1 180 ? 12.519  -6.013  -3.144  1.00 46.52 ? 180 GLN A OE1 1 
ATOM   1391 N  NE2 . GLN A 1 180 ? 14.065  -6.311  -1.548  1.00 50.32 ? 180 GLN A NE2 1 
ATOM   1392 N  N   . ARG A 1 181 ? 13.641  -11.612 -4.195  1.00 28.44 ? 181 ARG A N   1 
ATOM   1393 C  CA  . ARG A 1 181 ? 14.503  -12.435 -5.031  1.00 30.33 ? 181 ARG A CA  1 
ATOM   1394 C  C   . ARG A 1 181 ? 15.963  -11.999 -4.924  1.00 33.42 ? 181 ARG A C   1 
ATOM   1395 O  O   . ARG A 1 181 ? 16.876  -12.829 -4.989  1.00 34.48 ? 181 ARG A O   1 
ATOM   1396 C  CB  . ARG A 1 181 ? 14.008  -12.373 -6.475  1.00 34.46 ? 181 ARG A CB  1 
ATOM   1397 C  CG  . ARG A 1 181 ? 14.851  -13.116 -7.464  1.00 32.61 ? 181 ARG A CG  1 
ATOM   1398 C  CD  . ARG A 1 181 ? 14.191  -13.205 -8.837  1.00 31.21 ? 181 ARG A CD  1 
ATOM   1399 N  NE  . ARG A 1 181 ? 13.989  -11.910 -9.482  1.00 33.09 ? 181 ARG A NE  1 
ATOM   1400 C  CZ  . ARG A 1 181 ? 12.826  -11.272 -9.518  1.00 30.74 ? 181 ARG A CZ  1 
ATOM   1401 N  NH1 . ARG A 1 181 ? 11.757  -11.814 -8.956  1.00 31.75 ? 181 ARG A NH1 1 
ATOM   1402 N  NH2 . ARG A 1 181 ? 12.734  -10.091 -10.103 1.00 34.99 ? 181 ARG A NH2 1 
ATOM   1403 N  N   . GLY A 1 182 ? 16.201  -10.704 -4.773  1.00 32.83 ? 182 GLY A N   1 
ATOM   1404 C  CA  . GLY A 1 182 ? 17.542  -10.205 -4.540  1.00 40.62 ? 182 GLY A CA  1 
ATOM   1405 C  C   . GLY A 1 182 ? 18.429  -10.203 -5.765  1.00 39.50 ? 182 GLY A C   1 
ATOM   1406 O  O   . GLY A 1 182 ? 17.934  -10.293 -6.885  1.00 42.71 ? 182 GLY A O   1 
HETATM 1407 NA NA  . NA  B 2 .   ? -11.614 2.241   3.732   1.00 57.95 ? 201 NA  A NA  1 
HETATM 1408 NA NA  . NA  C 2 .   ? 17.666  -24.238 7.665   0.25 34.37 ? 202 NA  A NA  1 
HETATM 1409 NA NA  . NA  D 2 .   ? 6.623   9.898   -17.189 0.33 48.89 ? 203 NA  A NA  1 
HETATM 1410 NA NA  . NA  E 2 .   ? -6.512  -13.291 13.696  1.00 51.55 ? 204 NA  A NA  1 
HETATM 1411 CL CL  . CL  F 3 .   ? -10.134 -10.216 1.111   1.00 61.07 ? 205 CL  A CL  1 
HETATM 1412 CL CL  . CL  G 3 .   ? -0.080  -22.488 3.844   1.00 39.98 ? 206 CL  A CL  1 
HETATM 1413 O  O   . HOH H 4 .   ? -15.088 3.339   4.856   1.00 49.03 ? 301 HOH A O   1 
HETATM 1414 O  O   . HOH H 4 .   ? -4.360  -2.621  -12.146 1.00 43.04 ? 302 HOH A O   1 
HETATM 1415 O  O   . HOH H 4 .   ? 3.398   -1.668  -0.008  1.00 42.29 ? 303 HOH A O   1 
HETATM 1416 O  O   . HOH H 4 .   ? -5.274  23.765  -14.070 1.00 53.95 ? 304 HOH A O   1 
HETATM 1417 O  O   . HOH H 4 .   ? 16.445  -9.681  -8.729  1.00 48.91 ? 305 HOH A O   1 
HETATM 1418 O  O   . HOH H 4 .   ? -7.109  1.279   -12.063 1.00 39.26 ? 306 HOH A O   1 
HETATM 1419 O  O   . HOH H 4 .   ? 11.552  -5.903  -10.090 1.00 44.94 ? 307 HOH A O   1 
HETATM 1420 O  O   . HOH H 4 .   ? 4.736   -0.574  -2.218  1.00 47.57 ? 308 HOH A O   1 
HETATM 1421 O  O   . HOH H 4 .   ? 5.211   -27.689 -3.950  1.00 41.25 ? 309 HOH A O   1 
HETATM 1422 O  O   . HOH H 4 .   ? -2.949  6.171   -18.029 1.00 48.73 ? 310 HOH A O   1 
HETATM 1423 O  O   . HOH H 4 .   ? -12.546 -8.021  10.382  1.00 42.39 ? 311 HOH A O   1 
HETATM 1424 O  O   . HOH H 4 .   ? -9.641  21.276  -6.143  1.00 40.07 ? 312 HOH A O   1 
HETATM 1425 O  O   . HOH H 4 .   ? 13.094  -15.495 1.203   1.00 33.54 ? 313 HOH A O   1 
HETATM 1426 O  O   . HOH H 4 .   ? -7.066  -11.620 16.454  1.00 38.52 ? 314 HOH A O   1 
HETATM 1427 O  O   . HOH H 4 .   ? -4.302  -11.664 18.992  1.00 36.28 ? 315 HOH A O   1 
HETATM 1428 O  O   . HOH H 4 .   ? 2.869   -2.314  12.583  1.00 38.24 ? 316 HOH A O   1 
HETATM 1429 O  O   . HOH H 4 .   ? 4.546   -5.054  16.704  1.00 44.67 ? 317 HOH A O   1 
HETATM 1430 O  O   . HOH H 4 .   ? 4.139   -15.283 18.517  1.00 29.76 ? 318 HOH A O   1 
HETATM 1431 O  O   . HOH H 4 .   ? 1.742   -23.576 1.616   1.00 39.08 ? 319 HOH A O   1 
HETATM 1432 O  O   . HOH H 4 .   ? -8.386  22.153  4.381   1.00 48.47 ? 320 HOH A O   1 
HETATM 1433 O  O   . HOH H 4 .   ? 10.430  -0.726  -10.054 1.00 41.91 ? 321 HOH A O   1 
HETATM 1434 O  O   . HOH H 4 .   ? -12.688 10.973  -2.309  1.00 44.18 ? 322 HOH A O   1 
HETATM 1435 O  O   . HOH H 4 .   ? -9.914  7.559   10.089  1.00 33.38 ? 323 HOH A O   1 
HETATM 1436 O  O   . HOH H 4 .   ? -8.930  21.195  -2.093  1.00 40.31 ? 324 HOH A O   1 
HETATM 1437 O  O   . HOH H 4 .   ? -8.377  8.751   4.238   1.00 34.35 ? 325 HOH A O   1 
HETATM 1438 O  O   . HOH H 4 .   ? -7.905  10.972  2.279   1.00 34.94 ? 326 HOH A O   1 
HETATM 1439 O  O   . HOH H 4 .   ? -8.989  4.838   -5.740  1.00 43.40 ? 327 HOH A O   1 
HETATM 1440 O  O   . HOH H 4 .   ? 2.233   -5.750  14.440  1.00 33.13 ? 328 HOH A O   1 
HETATM 1441 O  O   . HOH H 4 .   ? 6.285   10.807  -5.336  1.00 30.89 ? 329 HOH A O   1 
HETATM 1442 O  O   . HOH H 4 .   ? 2.366   4.901   -2.846  1.00 32.90 ? 330 HOH A O   1 
HETATM 1443 O  O   . HOH H 4 .   ? 6.866   -3.763  -0.185  1.00 39.20 ? 331 HOH A O   1 
HETATM 1444 O  O   . HOH H 4 .   ? 3.686   -6.459  -11.680 1.00 35.29 ? 332 HOH A O   1 
HETATM 1445 O  O   . HOH H 4 .   ? -3.131  -19.489 16.912  1.00 38.36 ? 333 HOH A O   1 
HETATM 1446 O  O   . HOH H 4 .   ? -3.899  3.131   8.407   1.00 35.67 ? 334 HOH A O   1 
HETATM 1447 O  O   . HOH H 4 .   ? -0.024  20.270  -13.194 1.00 36.45 ? 335 HOH A O   1 
HETATM 1448 O  O   . HOH H 4 .   ? 1.652   19.731  -19.495 1.00 41.82 ? 336 HOH A O   1 
HETATM 1449 O  O   . HOH H 4 .   ? 0.150   25.203  -4.911  1.00 33.06 ? 337 HOH A O   1 
HETATM 1450 O  O   . HOH H 4 .   ? 16.537  -15.855 10.663  1.00 34.60 ? 338 HOH A O   1 
HETATM 1451 O  O   . HOH H 4 .   ? -8.051  -0.628  -6.415  1.00 41.34 ? 339 HOH A O   1 
HETATM 1452 O  O   . HOH H 4 .   ? -3.255  -4.136  -10.614 1.00 39.06 ? 340 HOH A O   1 
HETATM 1453 O  O   . HOH H 4 .   ? 10.508  4.612   -6.704  1.00 34.16 ? 341 HOH A O   1 
HETATM 1454 O  O   . HOH H 4 .   ? 11.570  -16.777 12.698  1.00 33.79 ? 342 HOH A O   1 
HETATM 1455 O  O   . HOH H 4 .   ? 7.772   7.732   7.598   1.00 44.60 ? 343 HOH A O   1 
HETATM 1456 O  O   . HOH H 4 .   ? 19.744  -13.650 2.703   1.00 43.51 ? 344 HOH A O   1 
HETATM 1457 O  O   . HOH H 4 .   ? -11.803 15.219  -15.328 1.00 44.56 ? 345 HOH A O   1 
HETATM 1458 O  O   . HOH H 4 .   ? 11.036  -6.689  -5.397  1.00 40.26 ? 346 HOH A O   1 
HETATM 1459 O  O   . HOH H 4 .   ? -6.876  18.180  -20.491 1.00 52.43 ? 347 HOH A O   1 
HETATM 1460 O  O   . HOH H 4 .   ? 14.722  -9.272  13.172  1.00 47.33 ? 348 HOH A O   1 
HETATM 1461 O  O   . HOH H 4 .   ? -13.375 17.321  -4.898  1.00 44.54 ? 349 HOH A O   1 
HETATM 1462 O  O   . HOH H 4 .   ? 4.590   -1.405  1.933   1.00 45.33 ? 350 HOH A O   1 
HETATM 1463 O  O   . HOH H 4 .   ? 19.779  -10.504 8.932   1.00 45.16 ? 351 HOH A O   1 
HETATM 1464 O  O   . HOH H 4 .   ? -9.401  6.973   -13.816 1.00 43.41 ? 352 HOH A O   1 
HETATM 1465 O  O   . HOH H 4 .   ? 5.077   -21.711 -6.301  1.00 39.70 ? 353 HOH A O   1 
HETATM 1466 O  O   . HOH H 4 .   ? 5.863   -29.640 0.859   1.00 46.78 ? 354 HOH A O   1 
HETATM 1467 O  O   . HOH H 4 .   ? -7.128  -15.479 0.235   1.00 41.28 ? 355 HOH A O   1 
HETATM 1468 O  O   . HOH H 4 .   ? -10.820 -17.903 7.612   1.00 46.51 ? 356 HOH A O   1 
HETATM 1469 O  O   . HOH H 4 .   ? -6.718  -9.252  14.405  1.00 36.00 ? 357 HOH A O   1 
HETATM 1470 O  O   . HOH H 4 .   ? 8.659   -5.103  6.262   1.00 35.45 ? 358 HOH A O   1 
HETATM 1471 O  O   . HOH H 4 .   ? -6.938  13.469  2.027   1.00 33.04 ? 359 HOH A O   1 
HETATM 1472 O  O   . HOH H 4 .   ? 1.865   2.007   -1.698  1.00 42.75 ? 360 HOH A O   1 
HETATM 1473 O  O   . HOH H 4 .   ? 3.784   -16.009 -7.350  1.00 32.83 ? 361 HOH A O   1 
HETATM 1474 O  O   . HOH H 4 .   ? -0.861  -21.851 7.334   1.00 42.53 ? 362 HOH A O   1 
HETATM 1475 O  O   . HOH H 4 .   ? 0.312   -21.113 19.037  1.00 37.92 ? 363 HOH A O   1 
HETATM 1476 O  O   . HOH H 4 .   ? -12.962 11.206  -8.986  1.00 40.15 ? 364 HOH A O   1 
HETATM 1477 O  O   . HOH H 4 .   ? -8.569  -6.156  4.751   1.00 34.29 ? 365 HOH A O   1 
HETATM 1478 O  O   . HOH H 4 .   ? 15.706  -19.986 6.607   1.00 35.02 ? 366 HOH A O   1 
HETATM 1479 O  O   . HOH H 4 .   ? 5.722   9.847   4.399   1.00 36.11 ? 367 HOH A O   1 
HETATM 1480 O  O   . HOH H 4 .   ? 12.542  -8.602  10.398  1.00 45.33 ? 368 HOH A O   1 
HETATM 1481 O  O   . HOH H 4 .   ? 1.164   15.247  6.219   1.00 36.15 ? 369 HOH A O   1 
HETATM 1482 O  O   . HOH H 4 .   ? 8.613   12.464  -9.152  1.00 37.45 ? 370 HOH A O   1 
HETATM 1483 O  O   . HOH H 4 .   ? 6.748   12.265  2.220   1.00 41.75 ? 371 HOH A O   1 
HETATM 1484 O  O   . HOH H 4 .   ? 16.590  -8.992  11.053  1.00 49.35 ? 372 HOH A O   1 
HETATM 1485 O  O   . HOH H 4 .   ? -9.119  -18.142 3.944   1.00 35.08 ? 373 HOH A O   1 
HETATM 1486 O  O   . HOH H 4 .   ? -9.364  26.303  3.893   1.00 51.29 ? 374 HOH A O   1 
HETATM 1487 O  O   . HOH H 4 .   ? 15.335  -6.713  2.822   1.00 60.77 ? 375 HOH A O   1 
HETATM 1488 O  O   . HOH H 4 .   ? 11.754  -6.160  3.452   1.00 51.01 ? 376 HOH A O   1 
HETATM 1489 O  O   . HOH H 4 .   ? 0.990   -22.265 14.570  1.00 37.96 ? 377 HOH A O   1 
HETATM 1490 O  O   . HOH H 4 .   ? -0.335  -1.862  -0.492  1.00 40.25 ? 378 HOH A O   1 
HETATM 1491 O  O   . HOH H 4 .   ? 4.184   3.083   -4.067  1.00 35.08 ? 379 HOH A O   1 
HETATM 1492 O  O   . HOH H 4 .   ? -6.602  -21.934 2.863   1.00 45.88 ? 380 HOH A O   1 
HETATM 1493 O  O   . HOH H 4 .   ? 9.743   -4.449  2.213   1.00 44.14 ? 381 HOH A O   1 
HETATM 1494 O  O   . HOH H 4 .   ? -5.794  -10.657 12.310  1.00 40.17 ? 382 HOH A O   1 
HETATM 1495 O  O   . HOH H 4 .   ? -6.538  8.700   -19.170 1.00 49.90 ? 383 HOH A O   1 
HETATM 1496 O  O   . HOH H 4 .   ? 11.279  -10.455 -5.372  1.00 34.65 ? 384 HOH A O   1 
HETATM 1497 O  O   . HOH H 4 .   ? -6.665  -16.655 15.341  1.00 47.28 ? 385 HOH A O   1 
HETATM 1498 O  O   . HOH H 4 .   ? -13.909 12.767  6.408   1.00 43.74 ? 386 HOH A O   1 
HETATM 1499 O  O   . HOH H 4 .   ? 18.946  -17.758 3.929   1.00 37.63 ? 387 HOH A O   1 
HETATM 1500 O  O   . HOH H 4 .   ? -3.804  20.476  -11.863 1.00 41.80 ? 388 HOH A O   1 
HETATM 1501 O  O   . HOH H 4 .   ? 4.774   14.416  -0.930  1.00 38.15 ? 389 HOH A O   1 
HETATM 1502 O  O   . HOH H 4 .   ? 0.416   -25.765 7.424   1.00 47.72 ? 390 HOH A O   1 
HETATM 1503 O  O   . HOH H 4 .   ? 4.444   7.636   -18.133 1.00 51.21 ? 391 HOH A O   1 
HETATM 1504 O  O   . HOH H 4 .   ? -2.127  14.570  -20.963 1.00 55.63 ? 392 HOH A O   1 
HETATM 1505 O  O   . HOH H 4 .   ? 0.780   8.634   10.233  1.00 40.54 ? 393 HOH A O   1 
HETATM 1506 O  O   . HOH H 4 .   ? 4.681   4.972   9.560   1.00 31.95 ? 394 HOH A O   1 
HETATM 1507 O  O   . HOH H 4 .   ? -17.165 -0.519  3.581   1.00 43.67 ? 395 HOH A O   1 
HETATM 1508 O  O   . HOH H 4 .   ? 8.800   -1.150  -3.227  1.00 38.33 ? 396 HOH A O   1 
HETATM 1509 O  O   . HOH H 4 .   ? -4.688  27.901  -11.670 1.00 41.23 ? 397 HOH A O   1 
HETATM 1510 O  O   . HOH H 4 .   ? 14.678  -8.509  -6.027  1.00 42.87 ? 398 HOH A O   1 
HETATM 1511 O  O   . HOH H 4 .   ? -1.845  0.102   10.585  1.00 39.89 ? 399 HOH A O   1 
HETATM 1512 O  O   . HOH H 4 .   ? 15.924  -21.701 8.997   1.00 32.34 ? 400 HOH A O   1 
HETATM 1513 O  O   . HOH H 4 .   ? -6.468  18.698  -12.463 1.00 32.12 ? 401 HOH A O   1 
HETATM 1514 O  O   . HOH H 4 .   ? -9.270  27.911  -4.523  1.00 55.54 ? 402 HOH A O   1 
HETATM 1515 O  O   . HOH H 4 .   ? 3.376   7.307   -1.490  1.00 29.96 ? 403 HOH A O   1 
HETATM 1516 O  O   . HOH H 4 .   ? 12.370  -8.327  -6.606  1.00 47.89 ? 404 HOH A O   1 
HETATM 1517 O  O   . HOH H 4 .   ? -0.661  23.808  -7.003  1.00 36.21 ? 405 HOH A O   1 
HETATM 1518 O  O   . HOH H 4 .   ? 6.799   6.812   1.951   1.00 31.89 ? 406 HOH A O   1 
HETATM 1519 O  O   . HOH H 4 .   ? -2.867  -17.967 -4.970  1.00 41.12 ? 407 HOH A O   1 
HETATM 1520 O  O   . HOH H 4 .   ? -5.457  15.334  -21.948 1.00 48.68 ? 408 HOH A O   1 
HETATM 1521 O  O   . HOH H 4 .   ? -1.461  17.868  -22.580 1.00 49.71 ? 409 HOH A O   1 
HETATM 1522 O  O   . HOH H 4 .   ? 11.162  -8.703  7.934   1.00 41.63 ? 410 HOH A O   1 
HETATM 1523 O  O   . HOH H 4 .   ? 4.531   -31.222 -1.140  1.00 50.29 ? 411 HOH A O   1 
HETATM 1524 O  O   . HOH H 4 .   ? -2.867  -19.031 -2.080  1.00 43.98 ? 412 HOH A O   1 
HETATM 1525 O  O   . HOH H 4 .   ? -7.986  24.256  -7.122  1.00 32.28 ? 413 HOH A O   1 
HETATM 1526 O  O   . HOH H 4 .   ? 14.346  -11.059 15.794  1.00 34.66 ? 414 HOH A O   1 
HETATM 1527 O  O   . HOH H 4 .   ? -7.970  33.696  -4.037  1.00 49.32 ? 415 HOH A O   1 
HETATM 1528 O  O   . HOH H 4 .   ? 17.634  -7.563  2.518   1.00 57.27 ? 416 HOH A O   1 
HETATM 1529 O  O   . HOH H 4 .   ? -4.615  6.293   10.059  1.00 40.19 ? 417 HOH A O   1 
HETATM 1530 O  O   . HOH H 4 .   ? -3.652  -24.170 7.754   1.00 57.55 ? 418 HOH A O   1 
HETATM 1531 O  O   . HOH H 4 .   ? -12.431 -11.107 8.871   1.00 32.17 ? 419 HOH A O   1 
HETATM 1532 O  O   . HOH H 4 .   ? -8.160  -16.751 11.301  1.00 39.40 ? 420 HOH A O   1 
HETATM 1533 O  O   . HOH H 4 .   ? -1.010  38.930  -4.779  1.00 51.19 ? 421 HOH A O   1 
HETATM 1534 O  O   . HOH H 4 .   ? -12.162 18.151  0.326   1.00 43.89 ? 422 HOH A O   1 
HETATM 1535 O  O   . HOH H 4 .   ? -9.332  7.063   -8.906  1.00 47.83 ? 423 HOH A O   1 
HETATM 1536 O  O   . HOH H 4 .   ? 1.551   13.274  -18.373 1.00 47.57 ? 424 HOH A O   1 
HETATM 1537 O  O   . HOH H 4 .   ? -9.743  4.349   -14.325 1.00 47.60 ? 425 HOH A O   1 
HETATM 1538 O  O   . HOH H 4 .   ? 8.097   9.033   3.100   1.00 48.30 ? 426 HOH A O   1 
HETATM 1539 O  O   . HOH H 4 .   ? -2.018  21.012  -14.819 1.00 43.28 ? 427 HOH A O   1 
HETATM 1540 O  O   . HOH H 4 .   ? -6.110  26.476  -14.530 1.00 55.33 ? 428 HOH A O   1 
HETATM 1541 O  O   . HOH H 4 .   ? 9.875   -3.547  -2.207  1.00 51.98 ? 429 HOH A O   1 
HETATM 1542 O  O   . HOH H 4 .   ? 5.235   -0.190  16.472  1.00 36.39 ? 430 HOH A O   1 
HETATM 1543 O  O   . HOH H 4 .   ? -3.113  15.550  -22.913 1.00 58.03 ? 431 HOH A O   1 
HETATM 1544 O  O   . HOH H 4 .   ? 18.905  -9.666  4.466   1.00 54.25 ? 432 HOH A O   1 
HETATM 1545 O  O   . HOH H 4 .   ? 1.715   -17.885 -6.716  1.00 35.74 ? 433 HOH A O   1 
HETATM 1546 O  O   . HOH H 4 .   ? 16.268  -10.094 0.125   1.00 28.63 ? 434 HOH A O   1 
HETATM 1547 O  O   . HOH H 4 .   ? 5.986   6.800   -0.838  1.00 35.13 ? 435 HOH A O   1 
HETATM 1548 O  O   . HOH H 4 .   ? -5.979  -1.029  -13.287 1.00 47.69 ? 436 HOH A O   1 
HETATM 1549 O  O   . HOH H 4 .   ? 6.431   4.367   -2.348  1.00 42.23 ? 437 HOH A O   1 
HETATM 1550 O  O   . HOH H 4 .   ? -1.563  31.442  3.985   1.00 52.95 ? 438 HOH A O   1 
HETATM 1551 O  O   . HOH H 4 .   ? 8.129   8.405   -1.770  1.00 40.40 ? 439 HOH A O   1 
HETATM 1552 O  O   . HOH H 4 .   ? 3.855   7.565   8.729   1.00 36.77 ? 440 HOH A O   1 
HETATM 1553 O  O   . HOH H 4 .   ? -0.340  5.582   -19.771 1.00 49.91 ? 441 HOH A O   1 
HETATM 1554 O  O   . HOH H 4 .   ? 7.962   -0.070  -0.978  1.00 54.24 ? 442 HOH A O   1 
HETATM 1555 O  O   . HOH H 4 .   ? 15.294  -7.638  9.242   1.00 50.79 ? 443 HOH A O   1 
HETATM 1556 O  O   . HOH H 4 .   ? -9.034  -16.178 15.222  1.00 51.10 ? 444 HOH A O   1 
HETATM 1557 O  O   . HOH H 4 .   ? 1.479   2.168   11.018  1.00 34.35 ? 445 HOH A O   1 
HETATM 1558 O  O   . HOH H 4 .   ? 11.327  1.989   -6.332  1.00 41.51 ? 446 HOH A O   1 
HETATM 1559 O  O   . HOH H 4 .   ? 11.485  -4.631  -12.772 1.00 39.22 ? 447 HOH A O   1 
HETATM 1560 O  O   . HOH H 4 .   ? 7.143   4.988   10.159  1.00 40.63 ? 448 HOH A O   1 
HETATM 1561 O  O   . HOH H 4 .   ? 4.039   -24.510 -6.188  1.00 44.25 ? 449 HOH A O   1 
HETATM 1562 O  O   . HOH H 4 .   ? -7.412  2.951   -14.543 1.00 40.37 ? 450 HOH A O   1 
HETATM 1563 O  O   . HOH H 4 .   ? 17.355  -13.580 11.978  1.00 35.61 ? 451 HOH A O   1 
HETATM 1564 O  O   . HOH H 4 .   ? 8.542   9.171   -4.405  1.00 36.44 ? 452 HOH A O   1 
HETATM 1565 O  O   . HOH H 4 .   ? 9.153   -2.351  0.382   1.00 51.72 ? 453 HOH A O   1 
HETATM 1566 O  O   . HOH H 4 .   ? 16.897  -13.635 17.013  1.00 41.20 ? 454 HOH A O   1 
HETATM 1567 O  O   . HOH H 4 .   ? 17.473  -17.927 6.349   1.00 43.51 ? 455 HOH A O   1 
HETATM 1568 O  O   . HOH H 4 .   ? -2.020  -24.396 2.511   1.00 44.61 ? 456 HOH A O   1 
HETATM 1569 O  O   . HOH H 4 .   ? 12.396  0.697   -8.766  1.00 44.68 ? 457 HOH A O   1 
HETATM 1570 O  O   . HOH H 4 .   ? 8.821   3.262   -1.707  1.00 50.05 ? 458 HOH A O   1 
HETATM 1571 O  O   . HOH H 4 .   ? 5.787   12.603  4.275   1.00 43.88 ? 459 HOH A O   1 
HETATM 1572 O  O   . HOH H 4 .   ? -5.140  -20.111 -1.544  1.00 49.95 ? 460 HOH A O   1 
HETATM 1573 O  O   . HOH H 4 .   ? -0.854  -24.196 6.550   1.00 48.56 ? 461 HOH A O   1 
HETATM 1574 O  O   . HOH H 4 .   ? 11.059  0.594   -4.091  1.00 41.61 ? 462 HOH A O   1 
HETATM 1575 O  O   . HOH H 4 .   ? -8.941  26.724  -6.631  1.00 50.76 ? 463 HOH A O   1 
HETATM 1576 O  O   . HOH H 4 .   ? -8.552  -7.453  2.233   1.00 42.50 ? 464 HOH A O   1 
HETATM 1577 O  O   . HOH H 4 .   ? -0.726  -22.500 11.819  1.00 42.89 ? 465 HOH A O   1 
HETATM 1578 O  O   . HOH H 4 .   ? 18.507  -20.036 10.093  1.00 53.13 ? 466 HOH A O   1 
HETATM 1579 O  O   . HOH H 4 .   ? 12.172  5.323   -8.869  1.00 44.89 ? 467 HOH A O   1 
HETATM 1580 O  O   . HOH H 4 .   ? -1.160  -22.321 9.588   1.00 48.97 ? 468 HOH A O   1 
HETATM 1581 O  O   . HOH H 4 .   ? 11.263  -6.756  6.166   1.00 46.44 ? 469 HOH A O   1 
HETATM 1582 O  O   . HOH H 4 .   ? 3.020   4.438   11.667  0.50 31.01 ? 470 HOH A O   1 
HETATM 1583 O  O   . HOH H 4 .   ? 0.554   40.711  -5.347  1.00 60.15 ? 471 HOH A O   1 
HETATM 1584 O  O   . HOH H 4 .   ? 6.680   -28.639 -6.329  1.00 46.08 ? 472 HOH A O   1 
HETATM 1585 O  O   . HOH H 4 .   ? 9.062   2.566   10.654  1.00 49.65 ? 473 HOH A O   1 
HETATM 1586 O  O   . HOH H 4 .   ? 7.946   4.639   12.166  0.50 59.06 ? 474 HOH A O   1 
HETATM 1587 O  O   . HOH H 4 .   ? 20.317  -21.341 8.455   0.25 39.95 ? 475 HOH A O   1 
# 
